data_5R4N
# 
_entry.id   5R4N 
# 
_audit_conform.dict_name       mmcif_pdbx.dic 
_audit_conform.dict_version    5.387 
_audit_conform.dict_location   http://mmcif.pdb.org/dictionaries/ascii/mmcif_pdbx.dic 
# 
loop_
_database_2.database_id 
_database_2.database_code 
_database_2.pdbx_database_accession 
_database_2.pdbx_DOI 
PDB   5R4N         pdb_00005r4n 10.2210/pdb5r4n/pdb 
WWPDB D_1001402764 ?            ?                   
# 
loop_
_pdbx_audit_revision_history.ordinal 
_pdbx_audit_revision_history.data_content_type 
_pdbx_audit_revision_history.major_revision 
_pdbx_audit_revision_history.minor_revision 
_pdbx_audit_revision_history.revision_date 
1 'Structure model' 1 0 2020-04-01 
2 'Structure model' 1 1 2024-03-06 
# 
_pdbx_audit_revision_details.ordinal             1 
_pdbx_audit_revision_details.revision_ordinal    1 
_pdbx_audit_revision_details.data_content_type   'Structure model' 
_pdbx_audit_revision_details.provider            repository 
_pdbx_audit_revision_details.type                'Initial release' 
_pdbx_audit_revision_details.description         ? 
_pdbx_audit_revision_details.details             ? 
# 
loop_
_pdbx_audit_revision_group.ordinal 
_pdbx_audit_revision_group.revision_ordinal 
_pdbx_audit_revision_group.data_content_type 
_pdbx_audit_revision_group.group 
1 2 'Structure model' 'Data collection'     
2 2 'Structure model' 'Database references' 
# 
loop_
_pdbx_audit_revision_category.ordinal 
_pdbx_audit_revision_category.revision_ordinal 
_pdbx_audit_revision_category.data_content_type 
_pdbx_audit_revision_category.category 
1 2 'Structure model' chem_comp_atom 
2 2 'Structure model' chem_comp_bond 
3 2 'Structure model' database_2     
# 
loop_
_pdbx_audit_revision_item.ordinal 
_pdbx_audit_revision_item.revision_ordinal 
_pdbx_audit_revision_item.data_content_type 
_pdbx_audit_revision_item.item 
1 2 'Structure model' '_database_2.pdbx_DOI'                
2 2 'Structure model' '_database_2.pdbx_database_accession' 
# 
_pdbx_database_status.entry_id                        5R4N 
_pdbx_database_status.status_code                     REL 
_pdbx_database_status.status_code_sf                  REL 
_pdbx_database_status.status_code_mr                  ? 
_pdbx_database_status.status_code_cs                  ? 
_pdbx_database_status.recvd_initial_deposition_date   2020-02-24 
_pdbx_database_status.deposit_site                    RCSB 
_pdbx_database_status.process_site                    RCSB 
_pdbx_database_status.SG_entry                        ? 
_pdbx_database_status.pdb_format_compatible           Y 
_pdbx_database_status.methods_development_category    ? 
_pdbx_database_status.status_code_nmr_data            ? 
# 
loop_
_audit_author.name 
_audit_author.pdbx_ordinal 
_audit_author.identifier_ORCID 
'Talon, R.'        1  ? 
'Krojer, T.'       2  ? 
'Fairhead, M.'     3  ? 
'Sethi, R.'        4  ? 
'Bradley, A.R.'    5  ? 
'Aimon, A.'        6  ? 
'Collins, P.'      7  ? 
'Brandao-Neto, J.' 8  ? 
'Douangamath, A.'  9  ? 
'Wright, N.'       10 ? 
'MacLean, E.'      11 ? 
'Renjie, Z.'       12 ? 
'Dias, A.'         13 ? 
'Brennan, P.E.'    14 ? 
'Bountra, C.'      15 ? 
'Arrowsmith, C.H.' 16 ? 
'Edwards, A.'      17 ? 
'von Delft, F.'    18 ? 
# 
_citation.id                        primary 
_citation.title                     'PanDDA analysis group deposition' 
_citation.journal_abbrev            'To Be Published' 
_citation.journal_volume            ? 
_citation.page_first                ? 
_citation.page_last                 ? 
_citation.year                      ? 
_citation.journal_id_ASTM           ? 
_citation.country                   ? 
_citation.journal_id_ISSN           ? 
_citation.journal_id_CSD            0353 
_citation.book_publisher            ? 
_citation.pdbx_database_id_PubMed   ? 
_citation.pdbx_database_id_DOI      ? 
# 
loop_
_citation_author.citation_id 
_citation_author.name 
_citation_author.identifier_ORCID 
_citation_author.ordinal 
primary 'Talon, R.'        ? 1  
primary 'Krojer, T.'       ? 2  
primary 'Fairhead, M.'     ? 3  
primary 'Sethi, R.'        ? 4  
primary 'Bradley, A.R.'    ? 5  
primary 'Aimon, A.'        ? 6  
primary 'Collins, P.'      ? 7  
primary 'Brandao-Neto, J.' ? 8  
primary 'Douangamath, A.'  ? 9  
primary 'Wright, N.'       ? 10 
primary 'MacLean, E.'      ? 11 
primary 'Renjie, Z.'       ? 12 
primary 'Dias, A.'         ? 13 
primary 'Brennan, P.E.'    ? 14 
primary 'Bountra, C.'      ? 15 
primary 'Arrowsmith, C.H.' ? 16 
primary 'Edwards, A.'      ? 17 
primary 'von Delft, F.'    ? 18 
# 
loop_
_entity.id 
_entity.type 
_entity.src_method 
_entity.pdbx_description 
_entity.formula_weight 
_entity.pdbx_number_of_molecules 
_entity.pdbx_ec 
_entity.pdbx_mutation 
_entity.pdbx_fragment 
_entity.details 
1 polymer     man 'Nucleosome-remodeling factor subunit BPTF' 14455.415 1   ? ? ? ? 
2 non-polymer syn 'DIMETHYL SULFOXIDE'                        78.133    1   ? ? ? ? 
3 non-polymer syn 2-AMINO-2-HYDROXYMETHYL-PROPANE-1,3-DIOL    122.143   1   ? ? ? ? 
4 non-polymer syn 4-acetyl-N-ethylpiperazine-1-carboxamide    199.250   1   ? ? ? ? 
5 water       nat water                                       18.015    154 ? ? ? ? 
# 
_entity_name_com.entity_id   1 
_entity_name_com.name        
'Bromodomain and PHD finger-containing transcription factor,Fetal Alz-50 clone 1 protein,Fetal Alzheimer antigen' 
# 
_entity_poly.entity_id                      1 
_entity_poly.type                           'polypeptide(L)' 
_entity_poly.nstd_linkage                   no 
_entity_poly.nstd_monomer                   no 
_entity_poly.pdbx_seq_one_letter_code       
;SMSTEDAMTVLTPLTEKDYEGLKRVLRSLQAHKMAWPFLEPVDPNDAPDYYGVIKEPMDLATMEERVQRRYYEKLTEFVA
DMTKIFDNCRYYNPSDSPFYQCAEVLESFFVQKLKGFKASRSH
;
_entity_poly.pdbx_seq_one_letter_code_can   
;SMSTEDAMTVLTPLTEKDYEGLKRVLRSLQAHKMAWPFLEPVDPNDAPDYYGVIKEPMDLATMEERVQRRYYEKLTEFVA
DMTKIFDNCRYYNPSDSPFYQCAEVLESFFVQKLKGFKASRSH
;
_entity_poly.pdbx_strand_id                 A 
_entity_poly.pdbx_target_identifier         ? 
# 
loop_
_pdbx_entity_nonpoly.entity_id 
_pdbx_entity_nonpoly.name 
_pdbx_entity_nonpoly.comp_id 
2 'DIMETHYL SULFOXIDE'                     DMS 
3 2-AMINO-2-HYDROXYMETHYL-PROPANE-1,3-DIOL TRS 
4 4-acetyl-N-ethylpiperazine-1-carboxamide K3D 
5 water                                    HOH 
# 
loop_
_entity_poly_seq.entity_id 
_entity_poly_seq.num 
_entity_poly_seq.mon_id 
_entity_poly_seq.hetero 
1 1   SER n 
1 2   MET n 
1 3   SER n 
1 4   THR n 
1 5   GLU n 
1 6   ASP n 
1 7   ALA n 
1 8   MET n 
1 9   THR n 
1 10  VAL n 
1 11  LEU n 
1 12  THR n 
1 13  PRO n 
1 14  LEU n 
1 15  THR n 
1 16  GLU n 
1 17  LYS n 
1 18  ASP n 
1 19  TYR n 
1 20  GLU n 
1 21  GLY n 
1 22  LEU n 
1 23  LYS n 
1 24  ARG n 
1 25  VAL n 
1 26  LEU n 
1 27  ARG n 
1 28  SER n 
1 29  LEU n 
1 30  GLN n 
1 31  ALA n 
1 32  HIS n 
1 33  LYS n 
1 34  MET n 
1 35  ALA n 
1 36  TRP n 
1 37  PRO n 
1 38  PHE n 
1 39  LEU n 
1 40  GLU n 
1 41  PRO n 
1 42  VAL n 
1 43  ASP n 
1 44  PRO n 
1 45  ASN n 
1 46  ASP n 
1 47  ALA n 
1 48  PRO n 
1 49  ASP n 
1 50  TYR n 
1 51  TYR n 
1 52  GLY n 
1 53  VAL n 
1 54  ILE n 
1 55  LYS n 
1 56  GLU n 
1 57  PRO n 
1 58  MET n 
1 59  ASP n 
1 60  LEU n 
1 61  ALA n 
1 62  THR n 
1 63  MET n 
1 64  GLU n 
1 65  GLU n 
1 66  ARG n 
1 67  VAL n 
1 68  GLN n 
1 69  ARG n 
1 70  ARG n 
1 71  TYR n 
1 72  TYR n 
1 73  GLU n 
1 74  LYS n 
1 75  LEU n 
1 76  THR n 
1 77  GLU n 
1 78  PHE n 
1 79  VAL n 
1 80  ALA n 
1 81  ASP n 
1 82  MET n 
1 83  THR n 
1 84  LYS n 
1 85  ILE n 
1 86  PHE n 
1 87  ASP n 
1 88  ASN n 
1 89  CYS n 
1 90  ARG n 
1 91  TYR n 
1 92  TYR n 
1 93  ASN n 
1 94  PRO n 
1 95  SER n 
1 96  ASP n 
1 97  SER n 
1 98  PRO n 
1 99  PHE n 
1 100 TYR n 
1 101 GLN n 
1 102 CYS n 
1 103 ALA n 
1 104 GLU n 
1 105 VAL n 
1 106 LEU n 
1 107 GLU n 
1 108 SER n 
1 109 PHE n 
1 110 PHE n 
1 111 VAL n 
1 112 GLN n 
1 113 LYS n 
1 114 LEU n 
1 115 LYS n 
1 116 GLY n 
1 117 PHE n 
1 118 LYS n 
1 119 ALA n 
1 120 SER n 
1 121 ARG n 
1 122 SER n 
1 123 HIS n 
# 
_entity_src_gen.entity_id                          1 
_entity_src_gen.pdbx_src_id                        1 
_entity_src_gen.pdbx_alt_source_flag               sample 
_entity_src_gen.pdbx_seq_type                      'Biological sequence' 
_entity_src_gen.pdbx_beg_seq_num                   1 
_entity_src_gen.pdbx_end_seq_num                   123 
_entity_src_gen.gene_src_common_name               Human 
_entity_src_gen.gene_src_genus                     ? 
_entity_src_gen.pdbx_gene_src_gene                 'BPTF, FAC1, FALZ' 
_entity_src_gen.gene_src_species                   ? 
_entity_src_gen.gene_src_strain                    ? 
_entity_src_gen.gene_src_tissue                    ? 
_entity_src_gen.gene_src_tissue_fraction           ? 
_entity_src_gen.gene_src_details                   ? 
_entity_src_gen.pdbx_gene_src_fragment             ? 
_entity_src_gen.pdbx_gene_src_scientific_name      'Homo sapiens' 
_entity_src_gen.pdbx_gene_src_ncbi_taxonomy_id     9606 
_entity_src_gen.pdbx_gene_src_variant              ? 
_entity_src_gen.pdbx_gene_src_cell_line            ? 
_entity_src_gen.pdbx_gene_src_atcc                 ? 
_entity_src_gen.pdbx_gene_src_organ                ? 
_entity_src_gen.pdbx_gene_src_organelle            ? 
_entity_src_gen.pdbx_gene_src_cell                 ? 
_entity_src_gen.pdbx_gene_src_cellular_location    ? 
_entity_src_gen.host_org_common_name               ? 
_entity_src_gen.pdbx_host_org_scientific_name      'Escherichia coli' 
_entity_src_gen.pdbx_host_org_ncbi_taxonomy_id     562 
_entity_src_gen.host_org_genus                     ? 
_entity_src_gen.pdbx_host_org_gene                 ? 
_entity_src_gen.pdbx_host_org_organ                ? 
_entity_src_gen.host_org_species                   ? 
_entity_src_gen.pdbx_host_org_tissue               ? 
_entity_src_gen.pdbx_host_org_tissue_fraction      ? 
_entity_src_gen.pdbx_host_org_strain               ? 
_entity_src_gen.pdbx_host_org_variant              ? 
_entity_src_gen.pdbx_host_org_cell_line            ? 
_entity_src_gen.pdbx_host_org_atcc                 ? 
_entity_src_gen.pdbx_host_org_culture_collection   ? 
_entity_src_gen.pdbx_host_org_cell                 ? 
_entity_src_gen.pdbx_host_org_organelle            ? 
_entity_src_gen.pdbx_host_org_cellular_location    ? 
_entity_src_gen.pdbx_host_org_vector_type          ? 
_entity_src_gen.pdbx_host_org_vector               ? 
_entity_src_gen.host_org_details                   ? 
_entity_src_gen.expression_system_id               ? 
_entity_src_gen.plasmid_name                       ? 
_entity_src_gen.plasmid_details                    ? 
_entity_src_gen.pdbx_description                   ? 
# 
loop_
_chem_comp.id 
_chem_comp.type 
_chem_comp.mon_nstd_flag 
_chem_comp.name 
_chem_comp.pdbx_synonyms 
_chem_comp.formula 
_chem_comp.formula_weight 
ALA 'L-peptide linking' y ALANINE                                  ?             'C3 H7 N O2'     89.093  
ARG 'L-peptide linking' y ARGININE                                 ?             'C6 H15 N4 O2 1' 175.209 
ASN 'L-peptide linking' y ASPARAGINE                               ?             'C4 H8 N2 O3'    132.118 
ASP 'L-peptide linking' y 'ASPARTIC ACID'                          ?             'C4 H7 N O4'     133.103 
CYS 'L-peptide linking' y CYSTEINE                                 ?             'C3 H7 N O2 S'   121.158 
DMS non-polymer         . 'DIMETHYL SULFOXIDE'                     ?             'C2 H6 O S'      78.133  
GLN 'L-peptide linking' y GLUTAMINE                                ?             'C5 H10 N2 O3'   146.144 
GLU 'L-peptide linking' y 'GLUTAMIC ACID'                          ?             'C5 H9 N O4'     147.129 
GLY 'peptide linking'   y GLYCINE                                  ?             'C2 H5 N O2'     75.067  
HIS 'L-peptide linking' y HISTIDINE                                ?             'C6 H10 N3 O2 1' 156.162 
HOH non-polymer         . WATER                                    ?             'H2 O'           18.015  
ILE 'L-peptide linking' y ISOLEUCINE                               ?             'C6 H13 N O2'    131.173 
K3D non-polymer         . 4-acetyl-N-ethylpiperazine-1-carboxamide ?             'C9 H17 N3 O2'   199.250 
LEU 'L-peptide linking' y LEUCINE                                  ?             'C6 H13 N O2'    131.173 
LYS 'L-peptide linking' y LYSINE                                   ?             'C6 H15 N2 O2 1' 147.195 
MET 'L-peptide linking' y METHIONINE                               ?             'C5 H11 N O2 S'  149.211 
PHE 'L-peptide linking' y PHENYLALANINE                            ?             'C9 H11 N O2'    165.189 
PRO 'L-peptide linking' y PROLINE                                  ?             'C5 H9 N O2'     115.130 
SER 'L-peptide linking' y SERINE                                   ?             'C3 H7 N O3'     105.093 
THR 'L-peptide linking' y THREONINE                                ?             'C4 H9 N O3'     119.119 
TRP 'L-peptide linking' y TRYPTOPHAN                               ?             'C11 H12 N2 O2'  204.225 
TRS non-polymer         . 2-AMINO-2-HYDROXYMETHYL-PROPANE-1,3-DIOL 'TRIS BUFFER' 'C4 H12 N O3 1'  122.143 
TYR 'L-peptide linking' y TYROSINE                                 ?             'C9 H11 N O3'    181.189 
VAL 'L-peptide linking' y VALINE                                   ?             'C5 H11 N O2'    117.146 
# 
loop_
_pdbx_poly_seq_scheme.asym_id 
_pdbx_poly_seq_scheme.entity_id 
_pdbx_poly_seq_scheme.seq_id 
_pdbx_poly_seq_scheme.mon_id 
_pdbx_poly_seq_scheme.ndb_seq_num 
_pdbx_poly_seq_scheme.pdb_seq_num 
_pdbx_poly_seq_scheme.auth_seq_num 
_pdbx_poly_seq_scheme.pdb_mon_id 
_pdbx_poly_seq_scheme.auth_mon_id 
_pdbx_poly_seq_scheme.pdb_strand_id 
_pdbx_poly_seq_scheme.pdb_ins_code 
_pdbx_poly_seq_scheme.hetero 
A 1 1   SER 1   2789 ?    ?   ?   A . n 
A 1 2   MET 2   2790 ?    ?   ?   A . n 
A 1 3   SER 3   2791 ?    ?   ?   A . n 
A 1 4   THR 4   2792 ?    ?   ?   A . n 
A 1 5   GLU 5   2793 2793 GLU GLU A . n 
A 1 6   ASP 6   2794 2794 ASP ASP A . n 
A 1 7   ALA 7   2795 2795 ALA ALA A . n 
A 1 8   MET 8   2796 2796 MET MET A . n 
A 1 9   THR 9   2797 2797 THR THR A . n 
A 1 10  VAL 10  2798 2798 VAL VAL A . n 
A 1 11  LEU 11  2799 2799 LEU LEU A . n 
A 1 12  THR 12  2800 2800 THR THR A . n 
A 1 13  PRO 13  2801 2801 PRO PRO A . n 
A 1 14  LEU 14  2802 2802 LEU LEU A . n 
A 1 15  THR 15  2803 2803 THR THR A . n 
A 1 16  GLU 16  2804 2804 GLU GLU A . n 
A 1 17  LYS 17  2805 2805 LYS LYS A . n 
A 1 18  ASP 18  2806 2806 ASP ASP A . n 
A 1 19  TYR 19  2807 2807 TYR TYR A . n 
A 1 20  GLU 20  2808 2808 GLU GLU A . n 
A 1 21  GLY 21  2809 2809 GLY GLY A . n 
A 1 22  LEU 22  2810 2810 LEU LEU A . n 
A 1 23  LYS 23  2811 2811 LYS LYS A . n 
A 1 24  ARG 24  2812 2812 ARG ARG A . n 
A 1 25  VAL 25  2813 2813 VAL VAL A . n 
A 1 26  LEU 26  2814 2814 LEU LEU A . n 
A 1 27  ARG 27  2815 2815 ARG ARG A . n 
A 1 28  SER 28  2816 2816 SER SER A . n 
A 1 29  LEU 29  2817 2817 LEU LEU A . n 
A 1 30  GLN 30  2818 2818 GLN GLN A . n 
A 1 31  ALA 31  2819 2819 ALA ALA A . n 
A 1 32  HIS 32  2820 2820 HIS HIS A . n 
A 1 33  LYS 33  2821 2821 LYS LYS A . n 
A 1 34  MET 34  2822 2822 MET MET A . n 
A 1 35  ALA 35  2823 2823 ALA ALA A . n 
A 1 36  TRP 36  2824 2824 TRP TRP A . n 
A 1 37  PRO 37  2825 2825 PRO PRO A . n 
A 1 38  PHE 38  2826 2826 PHE PHE A . n 
A 1 39  LEU 39  2827 2827 LEU LEU A . n 
A 1 40  GLU 40  2828 2828 GLU GLU A . n 
A 1 41  PRO 41  2829 2829 PRO PRO A . n 
A 1 42  VAL 42  2830 2830 VAL VAL A . n 
A 1 43  ASP 43  2831 2831 ASP ASP A . n 
A 1 44  PRO 44  2832 2832 PRO PRO A . n 
A 1 45  ASN 45  2833 2833 ASN ASN A . n 
A 1 46  ASP 46  2834 2834 ASP ASP A . n 
A 1 47  ALA 47  2835 2835 ALA ALA A . n 
A 1 48  PRO 48  2836 2836 PRO PRO A . n 
A 1 49  ASP 49  2837 2837 ASP ASP A . n 
A 1 50  TYR 50  2838 2838 TYR TYR A . n 
A 1 51  TYR 51  2839 2839 TYR TYR A . n 
A 1 52  GLY 52  2840 2840 GLY GLY A . n 
A 1 53  VAL 53  2841 2841 VAL VAL A . n 
A 1 54  ILE 54  2842 2842 ILE ILE A . n 
A 1 55  LYS 55  2843 2843 LYS LYS A . n 
A 1 56  GLU 56  2844 2844 GLU GLU A . n 
A 1 57  PRO 57  2845 2845 PRO PRO A . n 
A 1 58  MET 58  2846 2846 MET MET A . n 
A 1 59  ASP 59  2847 2847 ASP ASP A . n 
A 1 60  LEU 60  2848 2848 LEU LEU A . n 
A 1 61  ALA 61  2849 2849 ALA ALA A . n 
A 1 62  THR 62  2850 2850 THR THR A . n 
A 1 63  MET 63  2851 2851 MET MET A . n 
A 1 64  GLU 64  2852 2852 GLU GLU A . n 
A 1 65  GLU 65  2853 2853 GLU GLU A . n 
A 1 66  ARG 66  2854 2854 ARG ARG A . n 
A 1 67  VAL 67  2855 2855 VAL VAL A . n 
A 1 68  GLN 68  2856 2856 GLN GLN A . n 
A 1 69  ARG 69  2857 2857 ARG ARG A . n 
A 1 70  ARG 70  2858 2858 ARG ARG A . n 
A 1 71  TYR 71  2859 2859 TYR TYR A . n 
A 1 72  TYR 72  2860 2860 TYR TYR A . n 
A 1 73  GLU 73  2861 2861 GLU GLU A . n 
A 1 74  LYS 74  2862 2862 LYS LYS A . n 
A 1 75  LEU 75  2863 2863 LEU LEU A . n 
A 1 76  THR 76  2864 2864 THR THR A . n 
A 1 77  GLU 77  2865 2865 GLU GLU A . n 
A 1 78  PHE 78  2866 2866 PHE PHE A . n 
A 1 79  VAL 79  2867 2867 VAL VAL A . n 
A 1 80  ALA 80  2868 2868 ALA ALA A . n 
A 1 81  ASP 81  2869 2869 ASP ASP A . n 
A 1 82  MET 82  2870 2870 MET MET A . n 
A 1 83  THR 83  2871 2871 THR THR A . n 
A 1 84  LYS 84  2872 2872 LYS LYS A . n 
A 1 85  ILE 85  2873 2873 ILE ILE A . n 
A 1 86  PHE 86  2874 2874 PHE PHE A . n 
A 1 87  ASP 87  2875 2875 ASP ASP A . n 
A 1 88  ASN 88  2876 2876 ASN ASN A . n 
A 1 89  CYS 89  2877 2877 CYS CYS A . n 
A 1 90  ARG 90  2878 2878 ARG ARG A . n 
A 1 91  TYR 91  2879 2879 TYR TYR A . n 
A 1 92  TYR 92  2880 2880 TYR TYR A . n 
A 1 93  ASN 93  2881 2881 ASN ASN A . n 
A 1 94  PRO 94  2882 2882 PRO PRO A . n 
A 1 95  SER 95  2883 2883 SER SER A . n 
A 1 96  ASP 96  2884 2884 ASP ASP A . n 
A 1 97  SER 97  2885 2885 SER SER A . n 
A 1 98  PRO 98  2886 2886 PRO PRO A . n 
A 1 99  PHE 99  2887 2887 PHE PHE A . n 
A 1 100 TYR 100 2888 2888 TYR TYR A . n 
A 1 101 GLN 101 2889 2889 GLN GLN A . n 
A 1 102 CYS 102 2890 2890 CYS CYS A . n 
A 1 103 ALA 103 2891 2891 ALA ALA A . n 
A 1 104 GLU 104 2892 2892 GLU GLU A . n 
A 1 105 VAL 105 2893 2893 VAL VAL A . n 
A 1 106 LEU 106 2894 2894 LEU LEU A . n 
A 1 107 GLU 107 2895 2895 GLU GLU A . n 
A 1 108 SER 108 2896 2896 SER SER A . n 
A 1 109 PHE 109 2897 2897 PHE PHE A . n 
A 1 110 PHE 110 2898 2898 PHE PHE A . n 
A 1 111 VAL 111 2899 2899 VAL VAL A . n 
A 1 112 GLN 112 2900 2900 GLN GLN A . n 
A 1 113 LYS 113 2901 2901 LYS LYS A . n 
A 1 114 LEU 114 2902 2902 LEU LEU A . n 
A 1 115 LYS 115 2903 2903 LYS LYS A . n 
A 1 116 GLY 116 2904 2904 GLY GLY A . n 
A 1 117 PHE 117 2905 2905 PHE PHE A . n 
A 1 118 LYS 118 2906 2906 LYS LYS A . n 
A 1 119 ALA 119 2907 2907 ALA ALA A . n 
A 1 120 SER 120 2908 2908 SER SER A . n 
A 1 121 ARG 121 2909 2909 ARG ARG A . n 
A 1 122 SER 122 2910 2910 SER SER A . n 
A 1 123 HIS 123 2911 2911 HIS HIS A . n 
# 
loop_
_pdbx_nonpoly_scheme.asym_id 
_pdbx_nonpoly_scheme.entity_id 
_pdbx_nonpoly_scheme.mon_id 
_pdbx_nonpoly_scheme.ndb_seq_num 
_pdbx_nonpoly_scheme.pdb_seq_num 
_pdbx_nonpoly_scheme.auth_seq_num 
_pdbx_nonpoly_scheme.pdb_mon_id 
_pdbx_nonpoly_scheme.auth_mon_id 
_pdbx_nonpoly_scheme.pdb_strand_id 
_pdbx_nonpoly_scheme.pdb_ins_code 
B 2 DMS 1   3001 2   DMS DMS A . 
C 3 TRS 1   3002 1   TRS TRS A . 
D 4 K3D 1   3003 1   K3D LIG A . 
E 5 HOH 1   3101 101 HOH HOH A . 
E 5 HOH 2   3102 40  HOH HOH A . 
E 5 HOH 3   3103 147 HOH HOH A . 
E 5 HOH 4   3104 91  HOH HOH A . 
E 5 HOH 5   3105 125 HOH HOH A . 
E 5 HOH 6   3106 29  HOH HOH A . 
E 5 HOH 7   3107 53  HOH HOH A . 
E 5 HOH 8   3108 37  HOH HOH A . 
E 5 HOH 9   3109 92  HOH HOH A . 
E 5 HOH 10  3110 33  HOH HOH A . 
E 5 HOH 11  3111 23  HOH HOH A . 
E 5 HOH 12  3112 166 HOH HOH A . 
E 5 HOH 13  3113 1   HOH HOH A . 
E 5 HOH 14  3114 68  HOH HOH A . 
E 5 HOH 15  3115 21  HOH HOH A . 
E 5 HOH 16  3116 115 HOH HOH A . 
E 5 HOH 17  3117 124 HOH HOH A . 
E 5 HOH 18  3118 146 HOH HOH A . 
E 5 HOH 19  3119 128 HOH HOH A . 
E 5 HOH 20  3120 117 HOH HOH A . 
E 5 HOH 21  3121 80  HOH HOH A . 
E 5 HOH 22  3122 163 HOH HOH A . 
E 5 HOH 23  3123 19  HOH HOH A . 
E 5 HOH 24  3124 103 HOH HOH A . 
E 5 HOH 25  3125 44  HOH HOH A . 
E 5 HOH 26  3126 83  HOH HOH A . 
E 5 HOH 27  3127 78  HOH HOH A . 
E 5 HOH 28  3128 98  HOH HOH A . 
E 5 HOH 29  3129 122 HOH HOH A . 
E 5 HOH 30  3130 25  HOH HOH A . 
E 5 HOH 31  3131 54  HOH HOH A . 
E 5 HOH 32  3132 141 HOH HOH A . 
E 5 HOH 33  3133 61  HOH HOH A . 
E 5 HOH 34  3134 38  HOH HOH A . 
E 5 HOH 35  3135 113 HOH HOH A . 
E 5 HOH 36  3136 77  HOH HOH A . 
E 5 HOH 37  3137 20  HOH HOH A . 
E 5 HOH 38  3138 65  HOH HOH A . 
E 5 HOH 39  3139 118 HOH HOH A . 
E 5 HOH 40  3140 9   HOH HOH A . 
E 5 HOH 41  3141 104 HOH HOH A . 
E 5 HOH 42  3142 52  HOH HOH A . 
E 5 HOH 43  3143 18  HOH HOH A . 
E 5 HOH 44  3144 16  HOH HOH A . 
E 5 HOH 45  3145 8   HOH HOH A . 
E 5 HOH 46  3146 116 HOH HOH A . 
E 5 HOH 47  3147 153 HOH HOH A . 
E 5 HOH 48  3148 46  HOH HOH A . 
E 5 HOH 49  3149 4   HOH HOH A . 
E 5 HOH 50  3150 36  HOH HOH A . 
E 5 HOH 51  3151 94  HOH HOH A . 
E 5 HOH 52  3152 34  HOH HOH A . 
E 5 HOH 53  3153 48  HOH HOH A . 
E 5 HOH 54  3154 72  HOH HOH A . 
E 5 HOH 55  3155 156 HOH HOH A . 
E 5 HOH 56  3156 39  HOH HOH A . 
E 5 HOH 57  3157 11  HOH HOH A . 
E 5 HOH 58  3158 86  HOH HOH A . 
E 5 HOH 59  3159 17  HOH HOH A . 
E 5 HOH 60  3160 26  HOH HOH A . 
E 5 HOH 61  3161 12  HOH HOH A . 
E 5 HOH 62  3162 24  HOH HOH A . 
E 5 HOH 63  3163 151 HOH HOH A . 
E 5 HOH 64  3164 142 HOH HOH A . 
E 5 HOH 65  3165 160 HOH HOH A . 
E 5 HOH 66  3166 111 HOH HOH A . 
E 5 HOH 67  3167 45  HOH HOH A . 
E 5 HOH 68  3168 95  HOH HOH A . 
E 5 HOH 69  3169 71  HOH HOH A . 
E 5 HOH 70  3170 131 HOH HOH A . 
E 5 HOH 71  3171 79  HOH HOH A . 
E 5 HOH 72  3172 81  HOH HOH A . 
E 5 HOH 73  3173 135 HOH HOH A . 
E 5 HOH 74  3174 82  HOH HOH A . 
E 5 HOH 75  3175 31  HOH HOH A . 
E 5 HOH 76  3176 42  HOH HOH A . 
E 5 HOH 77  3177 64  HOH HOH A . 
E 5 HOH 78  3178 59  HOH HOH A . 
E 5 HOH 79  3179 62  HOH HOH A . 
E 5 HOH 80  3180 3   HOH HOH A . 
E 5 HOH 81  3181 22  HOH HOH A . 
E 5 HOH 82  3182 120 HOH HOH A . 
E 5 HOH 83  3183 170 HOH HOH A . 
E 5 HOH 84  3184 50  HOH HOH A . 
E 5 HOH 85  3185 102 HOH HOH A . 
E 5 HOH 86  3186 32  HOH HOH A . 
E 5 HOH 87  3187 27  HOH HOH A . 
E 5 HOH 88  3188 14  HOH HOH A . 
E 5 HOH 89  3189 150 HOH HOH A . 
E 5 HOH 90  3190 13  HOH HOH A . 
E 5 HOH 91  3191 149 HOH HOH A . 
E 5 HOH 92  3192 126 HOH HOH A . 
E 5 HOH 93  3193 96  HOH HOH A . 
E 5 HOH 94  3194 6   HOH HOH A . 
E 5 HOH 95  3195 73  HOH HOH A . 
E 5 HOH 96  3196 51  HOH HOH A . 
E 5 HOH 97  3197 15  HOH HOH A . 
E 5 HOH 98  3198 106 HOH HOH A . 
E 5 HOH 99  3199 47  HOH HOH A . 
E 5 HOH 100 3200 145 HOH HOH A . 
E 5 HOH 101 3201 5   HOH HOH A . 
E 5 HOH 102 3202 112 HOH HOH A . 
E 5 HOH 103 3203 89  HOH HOH A . 
E 5 HOH 104 3204 63  HOH HOH A . 
E 5 HOH 105 3205 133 HOH HOH A . 
E 5 HOH 106 3206 2   HOH HOH A . 
E 5 HOH 107 3207 7   HOH HOH A . 
E 5 HOH 108 3208 157 HOH HOH A . 
E 5 HOH 109 3209 148 HOH HOH A . 
E 5 HOH 110 3210 130 HOH HOH A . 
E 5 HOH 111 3211 171 HOH HOH A . 
E 5 HOH 112 3212 108 HOH HOH A . 
E 5 HOH 113 3213 35  HOH HOH A . 
E 5 HOH 114 3214 134 HOH HOH A . 
E 5 HOH 115 3215 161 HOH HOH A . 
E 5 HOH 116 3216 109 HOH HOH A . 
E 5 HOH 117 3217 67  HOH HOH A . 
E 5 HOH 118 3218 114 HOH HOH A . 
E 5 HOH 119 3219 69  HOH HOH A . 
E 5 HOH 120 3220 76  HOH HOH A . 
E 5 HOH 121 3221 90  HOH HOH A . 
E 5 HOH 122 3222 66  HOH HOH A . 
E 5 HOH 123 3223 49  HOH HOH A . 
E 5 HOH 124 3224 43  HOH HOH A . 
E 5 HOH 125 3225 155 HOH HOH A . 
E 5 HOH 126 3226 87  HOH HOH A . 
E 5 HOH 127 3227 60  HOH HOH A . 
E 5 HOH 128 3228 30  HOH HOH A . 
E 5 HOH 129 3229 168 HOH HOH A . 
E 5 HOH 130 3230 57  HOH HOH A . 
E 5 HOH 131 3231 165 HOH HOH A . 
E 5 HOH 132 3232 70  HOH HOH A . 
E 5 HOH 133 3233 100 HOH HOH A . 
E 5 HOH 134 3234 97  HOH HOH A . 
E 5 HOH 135 3235 10  HOH HOH A . 
E 5 HOH 136 3236 88  HOH HOH A . 
E 5 HOH 137 3237 85  HOH HOH A . 
E 5 HOH 138 3238 162 HOH HOH A . 
E 5 HOH 139 3239 138 HOH HOH A . 
E 5 HOH 140 3240 144 HOH HOH A . 
E 5 HOH 141 3241 129 HOH HOH A . 
E 5 HOH 142 3242 75  HOH HOH A . 
E 5 HOH 143 3243 136 HOH HOH A . 
E 5 HOH 144 3244 56  HOH HOH A . 
E 5 HOH 145 3245 167 HOH HOH A . 
E 5 HOH 146 3246 132 HOH HOH A . 
E 5 HOH 147 3247 152 HOH HOH A . 
E 5 HOH 148 3248 107 HOH HOH A . 
E 5 HOH 149 3249 169 HOH HOH A . 
E 5 HOH 150 3250 58  HOH HOH A . 
E 5 HOH 151 3251 28  HOH HOH A . 
E 5 HOH 152 3252 139 HOH HOH A . 
E 5 HOH 153 3253 84  HOH HOH A . 
E 5 HOH 154 3254 140 HOH HOH A . 
# 
loop_
_pdbx_unobs_or_zero_occ_atoms.id 
_pdbx_unobs_or_zero_occ_atoms.PDB_model_num 
_pdbx_unobs_or_zero_occ_atoms.polymer_flag 
_pdbx_unobs_or_zero_occ_atoms.occupancy_flag 
_pdbx_unobs_or_zero_occ_atoms.auth_asym_id 
_pdbx_unobs_or_zero_occ_atoms.auth_comp_id 
_pdbx_unobs_or_zero_occ_atoms.auth_seq_id 
_pdbx_unobs_or_zero_occ_atoms.PDB_ins_code 
_pdbx_unobs_or_zero_occ_atoms.auth_atom_id 
_pdbx_unobs_or_zero_occ_atoms.label_alt_id 
_pdbx_unobs_or_zero_occ_atoms.label_asym_id 
_pdbx_unobs_or_zero_occ_atoms.label_comp_id 
_pdbx_unobs_or_zero_occ_atoms.label_seq_id 
_pdbx_unobs_or_zero_occ_atoms.label_atom_id 
1 1 Y 1 A LYS 2843 ? CD ? A LYS 55 CD 
2 1 Y 1 A LYS 2843 ? CE ? A LYS 55 CE 
3 1 Y 1 A LYS 2843 ? NZ ? A LYS 55 NZ 
# 
loop_
_software.pdbx_ordinal 
_software.name 
_software.version 
_software.date 
_software.type 
_software.contact_author 
_software.contact_author_email 
_software.classification 
_software.location 
_software.language 
_software.citation_id 
1 REFMAC      5.8.0158 ?               program 'Garib N. Murshudov' garib@ysbl.york.ac.uk    refinement        
http://www.ccp4.ac.uk/dist/html/refmac5.html        Fortran_77 ? 
2 Aimless     0.5.31   12/12/16        program 'Phil Evans'         ?                        'data scaling'    
http://www.mrc-lmb.cam.ac.uk/harry/pre/aimless.html ?          ? 
3 PDB_EXTRACT 3.23     'SEP. 23, 2016' package PDB                  deposit@deposit.rcsb.org 'data extraction' 
http://sw-tools.pdb.org/apps/PDB_EXTRACT/           C++        ? 
4 XDS         .        ?               program ?                    ?                        'data reduction'  ? ?          ? 
5 REFMAC      .        ?               program ?                    ?                        phasing           ? ?          ? 
# 
_cell.entry_id           5R4N 
_cell.length_a           112.040 
_cell.length_b           27.370 
_cell.length_c           38.190 
_cell.angle_alpha        90.000 
_cell.angle_beta         96.010 
_cell.angle_gamma        90.000 
_cell.Z_PDB              4 
_cell.pdbx_unique_axis   ? 
# 
_symmetry.entry_id                         5R4N 
_symmetry.Int_Tables_number                5 
_symmetry.space_group_name_H-M             'C 1 2 1' 
_symmetry.pdbx_full_space_group_name_H-M   ? 
_symmetry.cell_setting                     ? 
# 
_exptl.crystals_number   1 
_exptl.entry_id          5R4N 
_exptl.method            'X-RAY DIFFRACTION' 
# 
_exptl_crystal.id                    1 
_exptl_crystal.pdbx_mosaicity        0.000 
_exptl_crystal.pdbx_mosaicity_esd    ? 
_exptl_crystal.density_Matthews      2.01 
_exptl_crystal.density_diffrn        ? 
_exptl_crystal.density_meas          ? 
_exptl_crystal.density_meas_temp     ? 
_exptl_crystal.density_percent_sol   38.94 
_exptl_crystal.size_max              ? 
_exptl_crystal.size_mid              ? 
_exptl_crystal.size_min              ? 
_exptl_crystal.size_rad              ? 
_exptl_crystal.description           ? 
# 
_exptl_crystal_grow.crystal_id      1 
_exptl_crystal_grow.method          'VAPOR DIFFUSION, SITTING DROP' 
_exptl_crystal_grow.pH              8.5 
_exptl_crystal_grow.temp            293 
_exptl_crystal_grow.pdbx_details    '30% PEG4000, 0.1M Tris pH 8.5, 0.2M MgCl2' 
_exptl_crystal_grow.temp_details    ? 
_exptl_crystal_grow.pdbx_pH_range   ? 
# 
_diffrn.id                     1 
_diffrn.ambient_temp           100 
_diffrn.crystal_id             1 
_diffrn.ambient_temp_details   ? 
# 
_diffrn_detector.detector               PIXEL 
_diffrn_detector.type                   'DECTRIS PILATUS 6M' 
_diffrn_detector.pdbx_collection_date   2017-03-09 
_diffrn_detector.diffrn_id              1 
_diffrn_detector.details                ? 
# 
_diffrn_radiation.diffrn_id                        1 
_diffrn_radiation.wavelength_id                    1 
_diffrn_radiation.pdbx_diffrn_protocol             'SINGLE WAVELENGTH' 
_diffrn_radiation.pdbx_monochromatic_or_laue_m_l   ? 
_diffrn_radiation.monochromator                    ? 
_diffrn_radiation.pdbx_scattering_type             x-ray 
# 
_diffrn_radiation_wavelength.id           1 
_diffrn_radiation_wavelength.wavelength   0.92819 
_diffrn_radiation_wavelength.wt           1.0 
# 
_diffrn_source.diffrn_id                   1 
_diffrn_source.source                      SYNCHROTRON 
_diffrn_source.type                        'DIAMOND BEAMLINE I04-1' 
_diffrn_source.pdbx_wavelength_list        0.92819 
_diffrn_source.pdbx_synchrotron_site       Diamond 
_diffrn_source.pdbx_synchrotron_beamline   I04-1 
_diffrn_source.pdbx_wavelength             ? 
# 
_reflns.entry_id                     5R4N 
_reflns.pdbx_diffrn_id               1 
_reflns.pdbx_ordinal                 1 
_reflns.observed_criterion_sigma_I   ? 
_reflns.observed_criterion_sigma_F   ? 
_reflns.d_resolution_low             22.040 
_reflns.d_resolution_high            1.280 
_reflns.number_obs                   29269 
_reflns.number_all                   ? 
_reflns.percent_possible_obs         97.300 
_reflns.pdbx_Rmerge_I_obs            0.082 
_reflns.pdbx_Rsym_value              ? 
_reflns.pdbx_netI_over_sigmaI        11.700 
_reflns.B_iso_Wilson_estimate        ? 
_reflns.pdbx_redundancy              2.900 
_reflns.pdbx_Rrim_I_all              0.099 
_reflns.pdbx_Rpim_I_all              0.055 
_reflns.pdbx_CC_half                 0.996 
_reflns.pdbx_netI_over_av_sigmaI     ? 
_reflns.pdbx_number_measured_all     83710 
_reflns.pdbx_scaling_rejects         0 
_reflns.pdbx_chi_squared             ? 
_reflns.Rmerge_F_all                 ? 
_reflns.Rmerge_F_obs                 ? 
_reflns.observed_criterion_F_max     ? 
_reflns.observed_criterion_F_min     ? 
_reflns.observed_criterion_I_max     ? 
_reflns.observed_criterion_I_min     ? 
_reflns.pdbx_d_res_high_opt          ? 
_reflns.pdbx_d_res_low_opt           ? 
_reflns.details                      ? 
# 
loop_
_reflns_shell.pdbx_diffrn_id 
_reflns_shell.pdbx_ordinal 
_reflns_shell.d_res_high 
_reflns_shell.d_res_low 
_reflns_shell.number_measured_obs 
_reflns_shell.number_measured_all 
_reflns_shell.number_unique_obs 
_reflns_shell.pdbx_rejects 
_reflns_shell.Rmerge_I_obs 
_reflns_shell.meanI_over_sigI_obs 
_reflns_shell.pdbx_Rsym_value 
_reflns_shell.pdbx_chi_squared 
_reflns_shell.pdbx_redundancy 
_reflns_shell.percent_possible_obs 
_reflns_shell.pdbx_netI_over_sigmaI_obs 
_reflns_shell.number_possible 
_reflns_shell.number_unique_all 
_reflns_shell.Rmerge_F_all 
_reflns_shell.Rmerge_F_obs 
_reflns_shell.Rmerge_I_all 
_reflns_shell.meanI_over_sigI_all 
_reflns_shell.percent_possible_all 
_reflns_shell.pdbx_Rrim_I_all 
_reflns_shell.pdbx_Rpim_I_all 
_reflns_shell.pdbx_CC_half 
1 1 1.280 1.310  ? 4474 ? ? 0.823 ? ? ? 2.100 ? 1.300  ? 2133 ? ? ? ? 96.100 1.043 0.634 0.432 
1 2 5.720 22.040 ? 1130 ? ? 0.036 ? ? ? 3.100 ? 40.400 ? 370  ? ? ? ? 97.400 0.043 0.024 0.998 
# 
_refine.entry_id                                 5R4N 
_refine.pdbx_refine_id                           'X-RAY DIFFRACTION' 
_refine.ls_d_res_high                            1.2800 
_refine.ls_d_res_low                             55.7700 
_refine.pdbx_ls_sigma_F                          0.000 
_refine.pdbx_data_cutoff_high_absF               ? 
_refine.pdbx_data_cutoff_low_absF                ? 
_refine.ls_percent_reflns_obs                    97.2100 
_refine.ls_number_reflns_obs                     27829 
_refine.ls_number_reflns_all                     ? 
_refine.pdbx_ls_cross_valid_method               THROUGHOUT 
_refine.ls_matrix_type                           ? 
_refine.pdbx_R_Free_selection_details            RANDOM 
_refine.details                                  
'HYDROGENS HAVE BEEN ADDED IN THE RIDING POSITIONS U VALUES      : REFINED INDIVIDUALLY' 
_refine.ls_R_factor_all                          ? 
_refine.ls_R_factor_obs                          0.2172 
_refine.ls_R_factor_R_work                       0.2150 
_refine.ls_wR_factor_R_work                      ? 
_refine.ls_R_factor_R_free                       0.2573 
_refine.ls_wR_factor_R_free                      ? 
_refine.ls_percent_reflns_R_free                 4.9000 
_refine.ls_number_reflns_R_free                  1440 
_refine.ls_number_reflns_R_work                  ? 
_refine.ls_R_factor_R_free_error                 ? 
_refine.B_iso_mean                               17.1420 
_refine.solvent_model_param_bsol                 ? 
_refine.solvent_model_param_ksol                 ? 
_refine.pdbx_isotropic_thermal_model             ? 
_refine.aniso_B[1][1]                            0.6000 
_refine.aniso_B[2][2]                            -0.6300 
_refine.aniso_B[3][3]                            0.2500 
_refine.aniso_B[1][2]                            0.0000 
_refine.aniso_B[1][3]                            -1.0700 
_refine.aniso_B[2][3]                            -0.0000 
_refine.correlation_coeff_Fo_to_Fc               0.9570 
_refine.correlation_coeff_Fo_to_Fc_free          0.9400 
_refine.overall_SU_R_Cruickshank_DPI             ? 
_refine.pdbx_overall_SU_R_free_Cruickshank_DPI   ? 
_refine.pdbx_overall_SU_R_Blow_DPI               ? 
_refine.pdbx_overall_SU_R_free_Blow_DPI          ? 
_refine.overall_SU_R_free                        ? 
_refine.pdbx_overall_ESU_R                       0.0740 
_refine.pdbx_overall_ESU_R_Free                  0.0790 
_refine.overall_SU_ML                            0.0740 
_refine.overall_SU_B                             1.8530 
_refine.solvent_model_details                    MASK 
_refine.pdbx_solvent_vdw_probe_radii             1.2000 
_refine.pdbx_solvent_ion_probe_radii             0.8000 
_refine.pdbx_solvent_shrinkage_radii             0.8000 
_refine.ls_number_parameters                     ? 
_refine.ls_number_restraints                     ? 
_refine.pdbx_starting_model                      3UV2 
_refine.pdbx_method_to_determine_struct          'FOURIER SYNTHESIS' 
_refine.pdbx_stereochemistry_target_values       'MAXIMUM LIKELIHOOD' 
_refine.pdbx_stereochem_target_val_spec_case     ? 
_refine.overall_FOM_work_R_set                   ? 
_refine.B_iso_max                                85.220 
_refine.B_iso_min                                2.560 
_refine.pdbx_overall_phase_error                 ? 
_refine.occupancy_max                            ? 
_refine.occupancy_min                            ? 
_refine.pdbx_diffrn_id                           1 
_refine.pdbx_TLS_residual_ADP_flag               ? 
_refine.pdbx_ls_sigma_I                          ? 
_refine.pdbx_data_cutoff_high_rms_absF           ? 
_refine.ls_R_factor_R_free_error_details         ? 
# 
_refine_hist.cycle_id                         final 
_refine_hist.pdbx_refine_id                   'X-RAY DIFFRACTION' 
_refine_hist.d_res_high                       1.2800 
_refine_hist.d_res_low                        55.7700 
_refine_hist.pdbx_number_atoms_ligand         26 
_refine_hist.number_atoms_solvent             154 
_refine_hist.number_atoms_total               1163 
_refine_hist.pdbx_number_residues_total       119 
_refine_hist.pdbx_B_iso_mean_ligand           46.25 
_refine_hist.pdbx_B_iso_mean_solvent          28.52 
_refine_hist.pdbx_number_atoms_protein        983 
_refine_hist.pdbx_number_atoms_nucleic_acid   0 
# 
loop_
_refine_ls_restr.pdbx_refine_id 
_refine_ls_restr.type 
_refine_ls_restr.number 
_refine_ls_restr.dev_ideal 
_refine_ls_restr.dev_ideal_target 
_refine_ls_restr.weight 
_refine_ls_restr.pdbx_restraint_function 
'X-RAY DIFFRACTION' r_bond_refined_d       1630 0.022  0.019  ? ? 
'X-RAY DIFFRACTION' r_bond_other_d         1258 0.002  0.020  ? ? 
'X-RAY DIFFRACTION' r_angle_refined_deg    1929 2.315  1.971  ? ? 
'X-RAY DIFFRACTION' r_angle_other_deg      2940 1.224  2.961  ? ? 
'X-RAY DIFFRACTION' r_dihedral_angle_1_deg 181  6.913  5.000  ? ? 
'X-RAY DIFFRACTION' r_dihedral_angle_2_deg 79   37.306 22.532 ? ? 
'X-RAY DIFFRACTION' r_dihedral_angle_3_deg 244  16.023 15.000 ? ? 
'X-RAY DIFFRACTION' r_dihedral_angle_4_deg 13   20.252 15.000 ? ? 
'X-RAY DIFFRACTION' r_chiral_restr         191  0.139  0.200  ? ? 
'X-RAY DIFFRACTION' r_gen_planes_refined   1690 0.012  0.021  ? ? 
'X-RAY DIFFRACTION' r_gen_planes_other     307  0.002  0.020  ? ? 
'X-RAY DIFFRACTION' r_mcbond_it            757  1.797  1.527  ? ? 
'X-RAY DIFFRACTION' r_mcbond_other         747  1.768  1.489  ? ? 
'X-RAY DIFFRACTION' r_mcangle_it           859  3.005  2.190  ? ? 
# 
_refine_ls_shell.d_res_high                       1.2800 
_refine_ls_shell.d_res_low                        1.3130 
_refine_ls_shell.pdbx_total_number_of_bins_used   20 
_refine_ls_shell.percent_reflns_obs               95.9000 
_refine_ls_shell.number_reflns_R_work             2047 
_refine_ls_shell.R_factor_all                     ? 
_refine_ls_shell.R_factor_R_work                  0.3350 
_refine_ls_shell.R_factor_R_free                  0.3470 
_refine_ls_shell.percent_reflns_R_free            ? 
_refine_ls_shell.number_reflns_R_free             84 
_refine_ls_shell.R_factor_R_free_error            ? 
_refine_ls_shell.number_reflns_all                2131 
_refine_ls_shell.number_reflns_obs                ? 
_refine_ls_shell.pdbx_refine_id                   'X-RAY DIFFRACTION' 
_refine_ls_shell.R_factor_obs                     ? 
# 
_struct.entry_id                  5R4N 
_struct.title                     
;PanDDA analysis group deposition -- CRYSTAL STRUCTURE OF THE BROMODOMAIN OF HUMAN NUCLEOSOME-REMODELING FACTOR SUBUNIT BPTF in complex with FMOPL000061a
;
_struct.pdbx_model_details        ? 
_struct.pdbx_CASP_flag            ? 
_struct.pdbx_model_type_details   ? 
# 
_struct_keywords.entry_id        5R4N 
_struct_keywords.text            
;PanDDA, SGC - Diamond I04-1 fragment screening, XChemExplorer, BROMODOMAIN, BPTF, FALZ, FAC1, BROMODOMAIN AND PHD FINGER-CONTAINING TRANSCRIPTION FACTOR, FETAL ALZ-50 CLONE 1 PROTEIN, TRANSCRIPTION
;
_struct_keywords.pdbx_keywords   TRANSCRIPTION 
# 
loop_
_struct_asym.id 
_struct_asym.pdbx_blank_PDB_chainid_flag 
_struct_asym.pdbx_modified 
_struct_asym.entity_id 
_struct_asym.details 
A N N 1 ? 
B N N 2 ? 
C N N 3 ? 
D N N 4 ? 
E N N 5 ? 
# 
_struct_ref.id                         1 
_struct_ref.db_name                    UNP 
_struct_ref.db_code                    BPTF_HUMAN 
_struct_ref.pdbx_db_accession          Q12830 
_struct_ref.pdbx_db_isoform            ? 
_struct_ref.entity_id                  1 
_struct_ref.pdbx_seq_one_letter_code   
;STEDAMTVLTPLTEKDYEGLKRVLRSLQAHKMAWPFLEPVDPNDAPDYYGVIKEPMDLATMEERVQRRYYEKLTEFVADM
TKIFDNCRYYNPSDSPFYQCAEVLESFFVQKLKGFKASRSH
;
_struct_ref.pdbx_align_begin           2917 
# 
_struct_ref_seq.align_id                      1 
_struct_ref_seq.ref_id                        1 
_struct_ref_seq.pdbx_PDB_id_code              5R4N 
_struct_ref_seq.pdbx_strand_id                A 
_struct_ref_seq.seq_align_beg                 3 
_struct_ref_seq.pdbx_seq_align_beg_ins_code   ? 
_struct_ref_seq.seq_align_end                 123 
_struct_ref_seq.pdbx_seq_align_end_ins_code   ? 
_struct_ref_seq.pdbx_db_accession             Q12830 
_struct_ref_seq.db_align_beg                  2917 
_struct_ref_seq.pdbx_db_align_beg_ins_code    ? 
_struct_ref_seq.db_align_end                  3037 
_struct_ref_seq.pdbx_db_align_end_ins_code    ? 
_struct_ref_seq.pdbx_auth_seq_align_beg       2791 
_struct_ref_seq.pdbx_auth_seq_align_end       2911 
# 
loop_
_struct_ref_seq_dif.align_id 
_struct_ref_seq_dif.pdbx_pdb_id_code 
_struct_ref_seq_dif.mon_id 
_struct_ref_seq_dif.pdbx_pdb_strand_id 
_struct_ref_seq_dif.seq_num 
_struct_ref_seq_dif.pdbx_pdb_ins_code 
_struct_ref_seq_dif.pdbx_seq_db_name 
_struct_ref_seq_dif.pdbx_seq_db_accession_code 
_struct_ref_seq_dif.db_mon_id 
_struct_ref_seq_dif.pdbx_seq_db_seq_num 
_struct_ref_seq_dif.details 
_struct_ref_seq_dif.pdbx_auth_seq_num 
_struct_ref_seq_dif.pdbx_ordinal 
1 5R4N SER A 1 ? UNP Q12830 ? ? 'expression tag' 2789 1 
1 5R4N MET A 2 ? UNP Q12830 ? ? 'expression tag' 2790 2 
# 
_pdbx_struct_assembly.id                   1 
_pdbx_struct_assembly.details              author_and_software_defined_assembly 
_pdbx_struct_assembly.method_details       PISA 
_pdbx_struct_assembly.oligomeric_details   monomeric 
_pdbx_struct_assembly.oligomeric_count     1 
# 
_pdbx_struct_assembly_gen.assembly_id       1 
_pdbx_struct_assembly_gen.oper_expression   1 
_pdbx_struct_assembly_gen.asym_id_list      A,B,C,D,E 
# 
_pdbx_struct_oper_list.id                   1 
_pdbx_struct_oper_list.type                 'identity operation' 
_pdbx_struct_oper_list.name                 1_555 
_pdbx_struct_oper_list.symmetry_operation   x,y,z 
_pdbx_struct_oper_list.matrix[1][1]         1.0000000000 
_pdbx_struct_oper_list.matrix[1][2]         0.0000000000 
_pdbx_struct_oper_list.matrix[1][3]         0.0000000000 
_pdbx_struct_oper_list.vector[1]            0.0000000000 
_pdbx_struct_oper_list.matrix[2][1]         0.0000000000 
_pdbx_struct_oper_list.matrix[2][2]         1.0000000000 
_pdbx_struct_oper_list.matrix[2][3]         0.0000000000 
_pdbx_struct_oper_list.vector[2]            0.0000000000 
_pdbx_struct_oper_list.matrix[3][1]         0.0000000000 
_pdbx_struct_oper_list.matrix[3][2]         0.0000000000 
_pdbx_struct_oper_list.matrix[3][3]         1.0000000000 
_pdbx_struct_oper_list.vector[3]            0.0000000000 
# 
loop_
_struct_conf.conf_type_id 
_struct_conf.id 
_struct_conf.pdbx_PDB_helix_id 
_struct_conf.beg_label_comp_id 
_struct_conf.beg_label_asym_id 
_struct_conf.beg_label_seq_id 
_struct_conf.pdbx_beg_PDB_ins_code 
_struct_conf.end_label_comp_id 
_struct_conf.end_label_asym_id 
_struct_conf.end_label_seq_id 
_struct_conf.pdbx_end_PDB_ins_code 
_struct_conf.beg_auth_comp_id 
_struct_conf.beg_auth_asym_id 
_struct_conf.beg_auth_seq_id 
_struct_conf.end_auth_comp_id 
_struct_conf.end_auth_asym_id 
_struct_conf.end_auth_seq_id 
_struct_conf.pdbx_PDB_helix_class 
_struct_conf.details 
_struct_conf.pdbx_PDB_helix_length 
HELX_P HELX_P1 AA1 ALA A 7  ? THR A 12  ? ALA A 2795 THR A 2800 1 ? 6  
HELX_P HELX_P2 AA2 THR A 15 ? ALA A 31  ? THR A 2803 ALA A 2819 1 ? 17 
HELX_P HELX_P3 AA3 ALA A 35 ? LEU A 39  ? ALA A 2823 LEU A 2827 5 ? 5  
HELX_P HELX_P4 AA4 ASP A 49 ? ILE A 54  ? ASP A 2837 ILE A 2842 1 ? 6  
HELX_P HELX_P5 AA5 ASP A 59 ? ARG A 69  ? ASP A 2847 ARG A 2857 1 ? 11 
HELX_P HELX_P6 AA6 LYS A 74 ? ASN A 93  ? LYS A 2862 ASN A 2881 1 ? 20 
HELX_P HELX_P7 AA7 SER A 97 ? ARG A 121 ? SER A 2885 ARG A 2909 1 ? 25 
# 
_struct_conf_type.id          HELX_P 
_struct_conf_type.criteria    ? 
_struct_conf_type.reference   ? 
# 
loop_
_struct_site.id 
_struct_site.pdbx_evidence_code 
_struct_site.pdbx_auth_asym_id 
_struct_site.pdbx_auth_comp_id 
_struct_site.pdbx_auth_seq_id 
_struct_site.pdbx_auth_ins_code 
_struct_site.pdbx_num_residues 
_struct_site.details 
AC1 Software A DMS 3001 ? 6  'binding site for residue DMS A 3001' 
AC2 Software A TRS 3002 ? 12 'binding site for residue TRS A 3002' 
AC3 Software A K3D 3003 ? 6  'binding site for residue K3D A 3003' 
# 
loop_
_struct_site_gen.id 
_struct_site_gen.site_id 
_struct_site_gen.pdbx_num_res 
_struct_site_gen.label_comp_id 
_struct_site_gen.label_asym_id 
_struct_site_gen.label_seq_id 
_struct_site_gen.pdbx_auth_ins_code 
_struct_site_gen.auth_comp_id 
_struct_site_gen.auth_asym_id 
_struct_site_gen.auth_seq_id 
_struct_site_gen.label_atom_id 
_struct_site_gen.label_alt_id 
_struct_site_gen.symmetry 
_struct_site_gen.details 
1  AC1 6  GLN A 30  ? GLN A 2818 . ? 1_555 ? 
2  AC1 6  ALA A 31  ? ALA A 2819 . ? 1_555 ? 
3  AC1 6  HIS A 32  ? HIS A 2820 . ? 1_555 ? 
4  AC1 6  LYS A 33  ? LYS A 2821 . ? 1_555 ? 
5  AC1 6  TRP A 36  ? TRP A 2824 . ? 1_555 ? 
6  AC1 6  HOH E .   ? HOH A 3170 . ? 1_555 ? 
7  AC2 12 LYS A 23  ? LYS A 2811 . ? 4_455 ? 
8  AC2 12 ARG A 27  ? ARG A 2815 . ? 4_455 ? 
9  AC2 12 SER A 28  ? SER A 2816 . ? 1_555 ? 
10 AC2 12 GLU A 65  ? GLU A 2853 . ? 1_565 ? 
11 AC2 12 GLN A 68  ? GLN A 2856 . ? 4_455 ? 
12 AC2 12 PHE A 109 ? PHE A 2897 . ? 1_555 ? 
13 AC2 12 LYS A 113 ? LYS A 2901 . ? 1_555 ? 
14 AC2 12 HOH E .   ? HOH A 3102 . ? 1_555 ? 
15 AC2 12 HOH E .   ? HOH A 3127 . ? 4_455 ? 
16 AC2 12 HOH E .   ? HOH A 3140 . ? 1_555 ? 
17 AC2 12 HOH E .   ? HOH A 3152 . ? 1_555 ? 
18 AC2 12 HOH E .   ? HOH A 3204 . ? 1_555 ? 
19 AC3 6  PRO A 37  ? PRO A 2825 . ? 1_555 ? 
20 AC3 6  ASP A 46  ? ASP A 2834 . ? 1_555 ? 
21 AC3 6  ASN A 93  ? ASN A 2881 . ? 1_555 ? 
22 AC3 6  PHE A 99  ? PHE A 2887 . ? 1_555 ? 
23 AC3 6  HOH E .   ? HOH A 3115 . ? 1_555 ? 
24 AC3 6  HOH E .   ? HOH A 3251 . ? 1_555 ? 
# 
loop_
_pdbx_validate_close_contact.id 
_pdbx_validate_close_contact.PDB_model_num 
_pdbx_validate_close_contact.auth_atom_id_1 
_pdbx_validate_close_contact.auth_asym_id_1 
_pdbx_validate_close_contact.auth_comp_id_1 
_pdbx_validate_close_contact.auth_seq_id_1 
_pdbx_validate_close_contact.PDB_ins_code_1 
_pdbx_validate_close_contact.label_alt_id_1 
_pdbx_validate_close_contact.auth_atom_id_2 
_pdbx_validate_close_contact.auth_asym_id_2 
_pdbx_validate_close_contact.auth_comp_id_2 
_pdbx_validate_close_contact.auth_seq_id_2 
_pdbx_validate_close_contact.PDB_ins_code_2 
_pdbx_validate_close_contact.label_alt_id_2 
_pdbx_validate_close_contact.dist 
1 1 O   A HOH 3200 ? ? O A HOH 3223 ? ? 1.85 
2 1 O   A HOH 3147 ? ? O A HOH 3179 ? ? 2.04 
3 1 OE2 A GLU 2852 ? A O A HOH 3101 ? ? 2.06 
4 1 O2  A TRS 3002 ? ? O A HOH 3102 ? ? 2.07 
5 1 O   A HOH 3165 ? ? O A HOH 3203 ? ? 2.12 
# 
loop_
_pdbx_validate_rmsd_bond.id 
_pdbx_validate_rmsd_bond.PDB_model_num 
_pdbx_validate_rmsd_bond.auth_atom_id_1 
_pdbx_validate_rmsd_bond.auth_asym_id_1 
_pdbx_validate_rmsd_bond.auth_comp_id_1 
_pdbx_validate_rmsd_bond.auth_seq_id_1 
_pdbx_validate_rmsd_bond.PDB_ins_code_1 
_pdbx_validate_rmsd_bond.label_alt_id_1 
_pdbx_validate_rmsd_bond.auth_atom_id_2 
_pdbx_validate_rmsd_bond.auth_asym_id_2 
_pdbx_validate_rmsd_bond.auth_comp_id_2 
_pdbx_validate_rmsd_bond.auth_seq_id_2 
_pdbx_validate_rmsd_bond.PDB_ins_code_2 
_pdbx_validate_rmsd_bond.label_alt_id_2 
_pdbx_validate_rmsd_bond.bond_value 
_pdbx_validate_rmsd_bond.bond_target_value 
_pdbx_validate_rmsd_bond.bond_deviation 
_pdbx_validate_rmsd_bond.bond_standard_deviation 
_pdbx_validate_rmsd_bond.linker_flag 
1 1 CZ A ARG 2857 ? ? NH1 A ARG 2857 ? ? 1.432 1.326 0.106 0.013 N 
2 1 CG A TYR 2860 ? ? CD1 A TYR 2860 ? ? 1.466 1.387 0.079 0.013 N 
3 1 CZ A TYR 2860 ? ? CE2 A TYR 2860 ? ? 1.464 1.381 0.083 0.013 N 
4 1 CB A SER 2908 ? ? OG  A SER 2908 ? ? 1.506 1.418 0.088 0.013 N 
# 
loop_
_pdbx_validate_rmsd_angle.id 
_pdbx_validate_rmsd_angle.PDB_model_num 
_pdbx_validate_rmsd_angle.auth_atom_id_1 
_pdbx_validate_rmsd_angle.auth_asym_id_1 
_pdbx_validate_rmsd_angle.auth_comp_id_1 
_pdbx_validate_rmsd_angle.auth_seq_id_1 
_pdbx_validate_rmsd_angle.PDB_ins_code_1 
_pdbx_validate_rmsd_angle.label_alt_id_1 
_pdbx_validate_rmsd_angle.auth_atom_id_2 
_pdbx_validate_rmsd_angle.auth_asym_id_2 
_pdbx_validate_rmsd_angle.auth_comp_id_2 
_pdbx_validate_rmsd_angle.auth_seq_id_2 
_pdbx_validate_rmsd_angle.PDB_ins_code_2 
_pdbx_validate_rmsd_angle.label_alt_id_2 
_pdbx_validate_rmsd_angle.auth_atom_id_3 
_pdbx_validate_rmsd_angle.auth_asym_id_3 
_pdbx_validate_rmsd_angle.auth_comp_id_3 
_pdbx_validate_rmsd_angle.auth_seq_id_3 
_pdbx_validate_rmsd_angle.PDB_ins_code_3 
_pdbx_validate_rmsd_angle.label_alt_id_3 
_pdbx_validate_rmsd_angle.angle_value 
_pdbx_validate_rmsd_angle.angle_target_value 
_pdbx_validate_rmsd_angle.angle_deviation 
_pdbx_validate_rmsd_angle.angle_standard_deviation 
_pdbx_validate_rmsd_angle.linker_flag 
1 1 NE A ARG 2857 ? ? CZ A ARG 2857 ? ? NH2 A ARG 2857 ? ? 114.88 120.30 -5.42 0.50 N 
2 1 NE A ARG 2858 ? ? CZ A ARG 2858 ? ? NH1 A ARG 2858 ? ? 124.06 120.30 3.76  0.50 N 
# 
loop_
_pdbx_validate_torsion.id 
_pdbx_validate_torsion.PDB_model_num 
_pdbx_validate_torsion.auth_comp_id 
_pdbx_validate_torsion.auth_asym_id 
_pdbx_validate_torsion.auth_seq_id 
_pdbx_validate_torsion.PDB_ins_code 
_pdbx_validate_torsion.label_alt_id 
_pdbx_validate_torsion.phi 
_pdbx_validate_torsion.psi 
1 1 ASP A 2794 ? A -90.28 -145.48 
2 1 ASP A 2794 ? B -84.63 -155.22 
# 
_phasing.method   MR 
# 
_pdbx_entry_details.entry_id                 5R4N 
_pdbx_entry_details.has_ligand_of_interest   Y 
_pdbx_entry_details.compound_details         ? 
_pdbx_entry_details.source_details           ? 
_pdbx_entry_details.nonpolymer_details       ? 
_pdbx_entry_details.sequence_details         ? 
# 
loop_
_pdbx_unobs_or_zero_occ_residues.id 
_pdbx_unobs_or_zero_occ_residues.PDB_model_num 
_pdbx_unobs_or_zero_occ_residues.polymer_flag 
_pdbx_unobs_or_zero_occ_residues.occupancy_flag 
_pdbx_unobs_or_zero_occ_residues.auth_asym_id 
_pdbx_unobs_or_zero_occ_residues.auth_comp_id 
_pdbx_unobs_or_zero_occ_residues.auth_seq_id 
_pdbx_unobs_or_zero_occ_residues.PDB_ins_code 
_pdbx_unobs_or_zero_occ_residues.label_asym_id 
_pdbx_unobs_or_zero_occ_residues.label_comp_id 
_pdbx_unobs_or_zero_occ_residues.label_seq_id 
1 1 Y 1 A SER 2789 ? A SER 1 
2 1 Y 1 A MET 2790 ? A MET 2 
3 1 Y 1 A SER 2791 ? A SER 3 
4 1 Y 1 A THR 2792 ? A THR 4 
# 
loop_
_chem_comp_atom.comp_id 
_chem_comp_atom.atom_id 
_chem_comp_atom.type_symbol 
_chem_comp_atom.pdbx_aromatic_flag 
_chem_comp_atom.pdbx_stereo_config 
_chem_comp_atom.pdbx_ordinal 
ALA N    N N N 1   
ALA CA   C N S 2   
ALA C    C N N 3   
ALA O    O N N 4   
ALA CB   C N N 5   
ALA OXT  O N N 6   
ALA H    H N N 7   
ALA H2   H N N 8   
ALA HA   H N N 9   
ALA HB1  H N N 10  
ALA HB2  H N N 11  
ALA HB3  H N N 12  
ALA HXT  H N N 13  
ARG N    N N N 14  
ARG CA   C N S 15  
ARG C    C N N 16  
ARG O    O N N 17  
ARG CB   C N N 18  
ARG CG   C N N 19  
ARG CD   C N N 20  
ARG NE   N N N 21  
ARG CZ   C N N 22  
ARG NH1  N N N 23  
ARG NH2  N N N 24  
ARG OXT  O N N 25  
ARG H    H N N 26  
ARG H2   H N N 27  
ARG HA   H N N 28  
ARG HB2  H N N 29  
ARG HB3  H N N 30  
ARG HG2  H N N 31  
ARG HG3  H N N 32  
ARG HD2  H N N 33  
ARG HD3  H N N 34  
ARG HE   H N N 35  
ARG HH11 H N N 36  
ARG HH12 H N N 37  
ARG HH21 H N N 38  
ARG HH22 H N N 39  
ARG HXT  H N N 40  
ASN N    N N N 41  
ASN CA   C N S 42  
ASN C    C N N 43  
ASN O    O N N 44  
ASN CB   C N N 45  
ASN CG   C N N 46  
ASN OD1  O N N 47  
ASN ND2  N N N 48  
ASN OXT  O N N 49  
ASN H    H N N 50  
ASN H2   H N N 51  
ASN HA   H N N 52  
ASN HB2  H N N 53  
ASN HB3  H N N 54  
ASN HD21 H N N 55  
ASN HD22 H N N 56  
ASN HXT  H N N 57  
ASP N    N N N 58  
ASP CA   C N S 59  
ASP C    C N N 60  
ASP O    O N N 61  
ASP CB   C N N 62  
ASP CG   C N N 63  
ASP OD1  O N N 64  
ASP OD2  O N N 65  
ASP OXT  O N N 66  
ASP H    H N N 67  
ASP H2   H N N 68  
ASP HA   H N N 69  
ASP HB2  H N N 70  
ASP HB3  H N N 71  
ASP HD2  H N N 72  
ASP HXT  H N N 73  
CYS N    N N N 74  
CYS CA   C N R 75  
CYS C    C N N 76  
CYS O    O N N 77  
CYS CB   C N N 78  
CYS SG   S N N 79  
CYS OXT  O N N 80  
CYS H    H N N 81  
CYS H2   H N N 82  
CYS HA   H N N 83  
CYS HB2  H N N 84  
CYS HB3  H N N 85  
CYS HG   H N N 86  
CYS HXT  H N N 87  
DMS S    S N N 88  
DMS O    O N N 89  
DMS C1   C N N 90  
DMS C2   C N N 91  
DMS H11  H N N 92  
DMS H12  H N N 93  
DMS H13  H N N 94  
DMS H21  H N N 95  
DMS H22  H N N 96  
DMS H23  H N N 97  
GLN N    N N N 98  
GLN CA   C N S 99  
GLN C    C N N 100 
GLN O    O N N 101 
GLN CB   C N N 102 
GLN CG   C N N 103 
GLN CD   C N N 104 
GLN OE1  O N N 105 
GLN NE2  N N N 106 
GLN OXT  O N N 107 
GLN H    H N N 108 
GLN H2   H N N 109 
GLN HA   H N N 110 
GLN HB2  H N N 111 
GLN HB3  H N N 112 
GLN HG2  H N N 113 
GLN HG3  H N N 114 
GLN HE21 H N N 115 
GLN HE22 H N N 116 
GLN HXT  H N N 117 
GLU N    N N N 118 
GLU CA   C N S 119 
GLU C    C N N 120 
GLU O    O N N 121 
GLU CB   C N N 122 
GLU CG   C N N 123 
GLU CD   C N N 124 
GLU OE1  O N N 125 
GLU OE2  O N N 126 
GLU OXT  O N N 127 
GLU H    H N N 128 
GLU H2   H N N 129 
GLU HA   H N N 130 
GLU HB2  H N N 131 
GLU HB3  H N N 132 
GLU HG2  H N N 133 
GLU HG3  H N N 134 
GLU HE2  H N N 135 
GLU HXT  H N N 136 
GLY N    N N N 137 
GLY CA   C N N 138 
GLY C    C N N 139 
GLY O    O N N 140 
GLY OXT  O N N 141 
GLY H    H N N 142 
GLY H2   H N N 143 
GLY HA2  H N N 144 
GLY HA3  H N N 145 
GLY HXT  H N N 146 
HIS N    N N N 147 
HIS CA   C N S 148 
HIS C    C N N 149 
HIS O    O N N 150 
HIS CB   C N N 151 
HIS CG   C Y N 152 
HIS ND1  N Y N 153 
HIS CD2  C Y N 154 
HIS CE1  C Y N 155 
HIS NE2  N Y N 156 
HIS OXT  O N N 157 
HIS H    H N N 158 
HIS H2   H N N 159 
HIS HA   H N N 160 
HIS HB2  H N N 161 
HIS HB3  H N N 162 
HIS HD1  H N N 163 
HIS HD2  H N N 164 
HIS HE1  H N N 165 
HIS HE2  H N N 166 
HIS HXT  H N N 167 
HOH O    O N N 168 
HOH H1   H N N 169 
HOH H2   H N N 170 
ILE N    N N N 171 
ILE CA   C N S 172 
ILE C    C N N 173 
ILE O    O N N 174 
ILE CB   C N S 175 
ILE CG1  C N N 176 
ILE CG2  C N N 177 
ILE CD1  C N N 178 
ILE OXT  O N N 179 
ILE H    H N N 180 
ILE H2   H N N 181 
ILE HA   H N N 182 
ILE HB   H N N 183 
ILE HG12 H N N 184 
ILE HG13 H N N 185 
ILE HG21 H N N 186 
ILE HG22 H N N 187 
ILE HG23 H N N 188 
ILE HD11 H N N 189 
ILE HD12 H N N 190 
ILE HD13 H N N 191 
ILE HXT  H N N 192 
K3D N1   N N N 193 
K3D C4   C N N 194 
K3D C5   C N N 195 
K3D C6   C N N 196 
K3D C7   C N N 197 
K3D C8   C N N 198 
K3D N    N N N 199 
K3D C    C N N 200 
K3D O    O N N 201 
K3D C1   C N N 202 
K3D C2   C N N 203 
K3D C3   C N N 204 
K3D N2   N N N 205 
K3D O1   O N N 206 
K3D H1   H N N 207 
K3D H2   H N N 208 
K3D H3   H N N 209 
K3D H4   H N N 210 
K3D H5   H N N 211 
K3D H6   H N N 212 
K3D H7   H N N 213 
K3D H8   H N N 214 
K3D H9   H N N 215 
K3D H10  H N N 216 
K3D H11  H N N 217 
K3D H12  H N N 218 
K3D H13  H N N 219 
K3D H14  H N N 220 
K3D H15  H N N 221 
K3D H16  H N N 222 
K3D H17  H N N 223 
LEU N    N N N 224 
LEU CA   C N S 225 
LEU C    C N N 226 
LEU O    O N N 227 
LEU CB   C N N 228 
LEU CG   C N N 229 
LEU CD1  C N N 230 
LEU CD2  C N N 231 
LEU OXT  O N N 232 
LEU H    H N N 233 
LEU H2   H N N 234 
LEU HA   H N N 235 
LEU HB2  H N N 236 
LEU HB3  H N N 237 
LEU HG   H N N 238 
LEU HD11 H N N 239 
LEU HD12 H N N 240 
LEU HD13 H N N 241 
LEU HD21 H N N 242 
LEU HD22 H N N 243 
LEU HD23 H N N 244 
LEU HXT  H N N 245 
LYS N    N N N 246 
LYS CA   C N S 247 
LYS C    C N N 248 
LYS O    O N N 249 
LYS CB   C N N 250 
LYS CG   C N N 251 
LYS CD   C N N 252 
LYS CE   C N N 253 
LYS NZ   N N N 254 
LYS OXT  O N N 255 
LYS H    H N N 256 
LYS H2   H N N 257 
LYS HA   H N N 258 
LYS HB2  H N N 259 
LYS HB3  H N N 260 
LYS HG2  H N N 261 
LYS HG3  H N N 262 
LYS HD2  H N N 263 
LYS HD3  H N N 264 
LYS HE2  H N N 265 
LYS HE3  H N N 266 
LYS HZ1  H N N 267 
LYS HZ2  H N N 268 
LYS HZ3  H N N 269 
LYS HXT  H N N 270 
MET N    N N N 271 
MET CA   C N S 272 
MET C    C N N 273 
MET O    O N N 274 
MET CB   C N N 275 
MET CG   C N N 276 
MET SD   S N N 277 
MET CE   C N N 278 
MET OXT  O N N 279 
MET H    H N N 280 
MET H2   H N N 281 
MET HA   H N N 282 
MET HB2  H N N 283 
MET HB3  H N N 284 
MET HG2  H N N 285 
MET HG3  H N N 286 
MET HE1  H N N 287 
MET HE2  H N N 288 
MET HE3  H N N 289 
MET HXT  H N N 290 
PHE N    N N N 291 
PHE CA   C N S 292 
PHE C    C N N 293 
PHE O    O N N 294 
PHE CB   C N N 295 
PHE CG   C Y N 296 
PHE CD1  C Y N 297 
PHE CD2  C Y N 298 
PHE CE1  C Y N 299 
PHE CE2  C Y N 300 
PHE CZ   C Y N 301 
PHE OXT  O N N 302 
PHE H    H N N 303 
PHE H2   H N N 304 
PHE HA   H N N 305 
PHE HB2  H N N 306 
PHE HB3  H N N 307 
PHE HD1  H N N 308 
PHE HD2  H N N 309 
PHE HE1  H N N 310 
PHE HE2  H N N 311 
PHE HZ   H N N 312 
PHE HXT  H N N 313 
PRO N    N N N 314 
PRO CA   C N S 315 
PRO C    C N N 316 
PRO O    O N N 317 
PRO CB   C N N 318 
PRO CG   C N N 319 
PRO CD   C N N 320 
PRO OXT  O N N 321 
PRO H    H N N 322 
PRO HA   H N N 323 
PRO HB2  H N N 324 
PRO HB3  H N N 325 
PRO HG2  H N N 326 
PRO HG3  H N N 327 
PRO HD2  H N N 328 
PRO HD3  H N N 329 
PRO HXT  H N N 330 
SER N    N N N 331 
SER CA   C N S 332 
SER C    C N N 333 
SER O    O N N 334 
SER CB   C N N 335 
SER OG   O N N 336 
SER OXT  O N N 337 
SER H    H N N 338 
SER H2   H N N 339 
SER HA   H N N 340 
SER HB2  H N N 341 
SER HB3  H N N 342 
SER HG   H N N 343 
SER HXT  H N N 344 
THR N    N N N 345 
THR CA   C N S 346 
THR C    C N N 347 
THR O    O N N 348 
THR CB   C N R 349 
THR OG1  O N N 350 
THR CG2  C N N 351 
THR OXT  O N N 352 
THR H    H N N 353 
THR H2   H N N 354 
THR HA   H N N 355 
THR HB   H N N 356 
THR HG1  H N N 357 
THR HG21 H N N 358 
THR HG22 H N N 359 
THR HG23 H N N 360 
THR HXT  H N N 361 
TRP N    N N N 362 
TRP CA   C N S 363 
TRP C    C N N 364 
TRP O    O N N 365 
TRP CB   C N N 366 
TRP CG   C Y N 367 
TRP CD1  C Y N 368 
TRP CD2  C Y N 369 
TRP NE1  N Y N 370 
TRP CE2  C Y N 371 
TRP CE3  C Y N 372 
TRP CZ2  C Y N 373 
TRP CZ3  C Y N 374 
TRP CH2  C Y N 375 
TRP OXT  O N N 376 
TRP H    H N N 377 
TRP H2   H N N 378 
TRP HA   H N N 379 
TRP HB2  H N N 380 
TRP HB3  H N N 381 
TRP HD1  H N N 382 
TRP HE1  H N N 383 
TRP HE3  H N N 384 
TRP HZ2  H N N 385 
TRP HZ3  H N N 386 
TRP HH2  H N N 387 
TRP HXT  H N N 388 
TRS C    C N N 389 
TRS C1   C N N 390 
TRS C2   C N N 391 
TRS C3   C N N 392 
TRS N    N N N 393 
TRS O1   O N N 394 
TRS O2   O N N 395 
TRS O3   O N N 396 
TRS H11  H N N 397 
TRS H12  H N N 398 
TRS H21  H N N 399 
TRS H22  H N N 400 
TRS H31  H N N 401 
TRS H32  H N N 402 
TRS HN1  H N N 403 
TRS HN2  H N N 404 
TRS HN3  H N N 405 
TRS HO1  H N N 406 
TRS HO2  H N N 407 
TRS HO3  H N N 408 
TYR N    N N N 409 
TYR CA   C N S 410 
TYR C    C N N 411 
TYR O    O N N 412 
TYR CB   C N N 413 
TYR CG   C Y N 414 
TYR CD1  C Y N 415 
TYR CD2  C Y N 416 
TYR CE1  C Y N 417 
TYR CE2  C Y N 418 
TYR CZ   C Y N 419 
TYR OH   O N N 420 
TYR OXT  O N N 421 
TYR H    H N N 422 
TYR H2   H N N 423 
TYR HA   H N N 424 
TYR HB2  H N N 425 
TYR HB3  H N N 426 
TYR HD1  H N N 427 
TYR HD2  H N N 428 
TYR HE1  H N N 429 
TYR HE2  H N N 430 
TYR HH   H N N 431 
TYR HXT  H N N 432 
VAL N    N N N 433 
VAL CA   C N S 434 
VAL C    C N N 435 
VAL O    O N N 436 
VAL CB   C N N 437 
VAL CG1  C N N 438 
VAL CG2  C N N 439 
VAL OXT  O N N 440 
VAL H    H N N 441 
VAL H2   H N N 442 
VAL HA   H N N 443 
VAL HB   H N N 444 
VAL HG11 H N N 445 
VAL HG12 H N N 446 
VAL HG13 H N N 447 
VAL HG21 H N N 448 
VAL HG22 H N N 449 
VAL HG23 H N N 450 
VAL HXT  H N N 451 
# 
loop_
_chem_comp_bond.comp_id 
_chem_comp_bond.atom_id_1 
_chem_comp_bond.atom_id_2 
_chem_comp_bond.value_order 
_chem_comp_bond.pdbx_aromatic_flag 
_chem_comp_bond.pdbx_stereo_config 
_chem_comp_bond.pdbx_ordinal 
ALA N   CA   sing N N 1   
ALA N   H    sing N N 2   
ALA N   H2   sing N N 3   
ALA CA  C    sing N N 4   
ALA CA  CB   sing N N 5   
ALA CA  HA   sing N N 6   
ALA C   O    doub N N 7   
ALA C   OXT  sing N N 8   
ALA CB  HB1  sing N N 9   
ALA CB  HB2  sing N N 10  
ALA CB  HB3  sing N N 11  
ALA OXT HXT  sing N N 12  
ARG N   CA   sing N N 13  
ARG N   H    sing N N 14  
ARG N   H2   sing N N 15  
ARG CA  C    sing N N 16  
ARG CA  CB   sing N N 17  
ARG CA  HA   sing N N 18  
ARG C   O    doub N N 19  
ARG C   OXT  sing N N 20  
ARG CB  CG   sing N N 21  
ARG CB  HB2  sing N N 22  
ARG CB  HB3  sing N N 23  
ARG CG  CD   sing N N 24  
ARG CG  HG2  sing N N 25  
ARG CG  HG3  sing N N 26  
ARG CD  NE   sing N N 27  
ARG CD  HD2  sing N N 28  
ARG CD  HD3  sing N N 29  
ARG NE  CZ   sing N N 30  
ARG NE  HE   sing N N 31  
ARG CZ  NH1  sing N N 32  
ARG CZ  NH2  doub N N 33  
ARG NH1 HH11 sing N N 34  
ARG NH1 HH12 sing N N 35  
ARG NH2 HH21 sing N N 36  
ARG NH2 HH22 sing N N 37  
ARG OXT HXT  sing N N 38  
ASN N   CA   sing N N 39  
ASN N   H    sing N N 40  
ASN N   H2   sing N N 41  
ASN CA  C    sing N N 42  
ASN CA  CB   sing N N 43  
ASN CA  HA   sing N N 44  
ASN C   O    doub N N 45  
ASN C   OXT  sing N N 46  
ASN CB  CG   sing N N 47  
ASN CB  HB2  sing N N 48  
ASN CB  HB3  sing N N 49  
ASN CG  OD1  doub N N 50  
ASN CG  ND2  sing N N 51  
ASN ND2 HD21 sing N N 52  
ASN ND2 HD22 sing N N 53  
ASN OXT HXT  sing N N 54  
ASP N   CA   sing N N 55  
ASP N   H    sing N N 56  
ASP N   H2   sing N N 57  
ASP CA  C    sing N N 58  
ASP CA  CB   sing N N 59  
ASP CA  HA   sing N N 60  
ASP C   O    doub N N 61  
ASP C   OXT  sing N N 62  
ASP CB  CG   sing N N 63  
ASP CB  HB2  sing N N 64  
ASP CB  HB3  sing N N 65  
ASP CG  OD1  doub N N 66  
ASP CG  OD2  sing N N 67  
ASP OD2 HD2  sing N N 68  
ASP OXT HXT  sing N N 69  
CYS N   CA   sing N N 70  
CYS N   H    sing N N 71  
CYS N   H2   sing N N 72  
CYS CA  C    sing N N 73  
CYS CA  CB   sing N N 74  
CYS CA  HA   sing N N 75  
CYS C   O    doub N N 76  
CYS C   OXT  sing N N 77  
CYS CB  SG   sing N N 78  
CYS CB  HB2  sing N N 79  
CYS CB  HB3  sing N N 80  
CYS SG  HG   sing N N 81  
CYS OXT HXT  sing N N 82  
DMS S   O    doub N N 83  
DMS S   C1   sing N N 84  
DMS S   C2   sing N N 85  
DMS C1  H11  sing N N 86  
DMS C1  H12  sing N N 87  
DMS C1  H13  sing N N 88  
DMS C2  H21  sing N N 89  
DMS C2  H22  sing N N 90  
DMS C2  H23  sing N N 91  
GLN N   CA   sing N N 92  
GLN N   H    sing N N 93  
GLN N   H2   sing N N 94  
GLN CA  C    sing N N 95  
GLN CA  CB   sing N N 96  
GLN CA  HA   sing N N 97  
GLN C   O    doub N N 98  
GLN C   OXT  sing N N 99  
GLN CB  CG   sing N N 100 
GLN CB  HB2  sing N N 101 
GLN CB  HB3  sing N N 102 
GLN CG  CD   sing N N 103 
GLN CG  HG2  sing N N 104 
GLN CG  HG3  sing N N 105 
GLN CD  OE1  doub N N 106 
GLN CD  NE2  sing N N 107 
GLN NE2 HE21 sing N N 108 
GLN NE2 HE22 sing N N 109 
GLN OXT HXT  sing N N 110 
GLU N   CA   sing N N 111 
GLU N   H    sing N N 112 
GLU N   H2   sing N N 113 
GLU CA  C    sing N N 114 
GLU CA  CB   sing N N 115 
GLU CA  HA   sing N N 116 
GLU C   O    doub N N 117 
GLU C   OXT  sing N N 118 
GLU CB  CG   sing N N 119 
GLU CB  HB2  sing N N 120 
GLU CB  HB3  sing N N 121 
GLU CG  CD   sing N N 122 
GLU CG  HG2  sing N N 123 
GLU CG  HG3  sing N N 124 
GLU CD  OE1  doub N N 125 
GLU CD  OE2  sing N N 126 
GLU OE2 HE2  sing N N 127 
GLU OXT HXT  sing N N 128 
GLY N   CA   sing N N 129 
GLY N   H    sing N N 130 
GLY N   H2   sing N N 131 
GLY CA  C    sing N N 132 
GLY CA  HA2  sing N N 133 
GLY CA  HA3  sing N N 134 
GLY C   O    doub N N 135 
GLY C   OXT  sing N N 136 
GLY OXT HXT  sing N N 137 
HIS N   CA   sing N N 138 
HIS N   H    sing N N 139 
HIS N   H2   sing N N 140 
HIS CA  C    sing N N 141 
HIS CA  CB   sing N N 142 
HIS CA  HA   sing N N 143 
HIS C   O    doub N N 144 
HIS C   OXT  sing N N 145 
HIS CB  CG   sing N N 146 
HIS CB  HB2  sing N N 147 
HIS CB  HB3  sing N N 148 
HIS CG  ND1  sing Y N 149 
HIS CG  CD2  doub Y N 150 
HIS ND1 CE1  doub Y N 151 
HIS ND1 HD1  sing N N 152 
HIS CD2 NE2  sing Y N 153 
HIS CD2 HD2  sing N N 154 
HIS CE1 NE2  sing Y N 155 
HIS CE1 HE1  sing N N 156 
HIS NE2 HE2  sing N N 157 
HIS OXT HXT  sing N N 158 
HOH O   H1   sing N N 159 
HOH O   H2   sing N N 160 
ILE N   CA   sing N N 161 
ILE N   H    sing N N 162 
ILE N   H2   sing N N 163 
ILE CA  C    sing N N 164 
ILE CA  CB   sing N N 165 
ILE CA  HA   sing N N 166 
ILE C   O    doub N N 167 
ILE C   OXT  sing N N 168 
ILE CB  CG1  sing N N 169 
ILE CB  CG2  sing N N 170 
ILE CB  HB   sing N N 171 
ILE CG1 CD1  sing N N 172 
ILE CG1 HG12 sing N N 173 
ILE CG1 HG13 sing N N 174 
ILE CG2 HG21 sing N N 175 
ILE CG2 HG22 sing N N 176 
ILE CG2 HG23 sing N N 177 
ILE CD1 HD11 sing N N 178 
ILE CD1 HD12 sing N N 179 
ILE CD1 HD13 sing N N 180 
ILE OXT HXT  sing N N 181 
K3D O   C2   doub N N 182 
K3D C1  N    sing N N 183 
K3D C1  C    sing N N 184 
K3D C3  C4   sing N N 185 
K3D C3  N1   sing N N 186 
K3D C2  N    sing N N 187 
K3D C2  N1   sing N N 188 
K3D C8  C7   sing N N 189 
K3D C4  N2   sing N N 190 
K3D N1  C6   sing N N 191 
K3D N2  C7   sing N N 192 
K3D N2  C5   sing N N 193 
K3D C7  O1   doub N N 194 
K3D C6  C5   sing N N 195 
K3D C4  H1   sing N N 196 
K3D C4  H2   sing N N 197 
K3D C5  H3   sing N N 198 
K3D C5  H4   sing N N 199 
K3D C6  H5   sing N N 200 
K3D C6  H6   sing N N 201 
K3D C8  H7   sing N N 202 
K3D C8  H8   sing N N 203 
K3D C8  H9   sing N N 204 
K3D N   H10  sing N N 205 
K3D C   H11  sing N N 206 
K3D C   H12  sing N N 207 
K3D C   H13  sing N N 208 
K3D C1  H14  sing N N 209 
K3D C1  H15  sing N N 210 
K3D C3  H16  sing N N 211 
K3D C3  H17  sing N N 212 
LEU N   CA   sing N N 213 
LEU N   H    sing N N 214 
LEU N   H2   sing N N 215 
LEU CA  C    sing N N 216 
LEU CA  CB   sing N N 217 
LEU CA  HA   sing N N 218 
LEU C   O    doub N N 219 
LEU C   OXT  sing N N 220 
LEU CB  CG   sing N N 221 
LEU CB  HB2  sing N N 222 
LEU CB  HB3  sing N N 223 
LEU CG  CD1  sing N N 224 
LEU CG  CD2  sing N N 225 
LEU CG  HG   sing N N 226 
LEU CD1 HD11 sing N N 227 
LEU CD1 HD12 sing N N 228 
LEU CD1 HD13 sing N N 229 
LEU CD2 HD21 sing N N 230 
LEU CD2 HD22 sing N N 231 
LEU CD2 HD23 sing N N 232 
LEU OXT HXT  sing N N 233 
LYS N   CA   sing N N 234 
LYS N   H    sing N N 235 
LYS N   H2   sing N N 236 
LYS CA  C    sing N N 237 
LYS CA  CB   sing N N 238 
LYS CA  HA   sing N N 239 
LYS C   O    doub N N 240 
LYS C   OXT  sing N N 241 
LYS CB  CG   sing N N 242 
LYS CB  HB2  sing N N 243 
LYS CB  HB3  sing N N 244 
LYS CG  CD   sing N N 245 
LYS CG  HG2  sing N N 246 
LYS CG  HG3  sing N N 247 
LYS CD  CE   sing N N 248 
LYS CD  HD2  sing N N 249 
LYS CD  HD3  sing N N 250 
LYS CE  NZ   sing N N 251 
LYS CE  HE2  sing N N 252 
LYS CE  HE3  sing N N 253 
LYS NZ  HZ1  sing N N 254 
LYS NZ  HZ2  sing N N 255 
LYS NZ  HZ3  sing N N 256 
LYS OXT HXT  sing N N 257 
MET N   CA   sing N N 258 
MET N   H    sing N N 259 
MET N   H2   sing N N 260 
MET CA  C    sing N N 261 
MET CA  CB   sing N N 262 
MET CA  HA   sing N N 263 
MET C   O    doub N N 264 
MET C   OXT  sing N N 265 
MET CB  CG   sing N N 266 
MET CB  HB2  sing N N 267 
MET CB  HB3  sing N N 268 
MET CG  SD   sing N N 269 
MET CG  HG2  sing N N 270 
MET CG  HG3  sing N N 271 
MET SD  CE   sing N N 272 
MET CE  HE1  sing N N 273 
MET CE  HE2  sing N N 274 
MET CE  HE3  sing N N 275 
MET OXT HXT  sing N N 276 
PHE N   CA   sing N N 277 
PHE N   H    sing N N 278 
PHE N   H2   sing N N 279 
PHE CA  C    sing N N 280 
PHE CA  CB   sing N N 281 
PHE CA  HA   sing N N 282 
PHE C   O    doub N N 283 
PHE C   OXT  sing N N 284 
PHE CB  CG   sing N N 285 
PHE CB  HB2  sing N N 286 
PHE CB  HB3  sing N N 287 
PHE CG  CD1  doub Y N 288 
PHE CG  CD2  sing Y N 289 
PHE CD1 CE1  sing Y N 290 
PHE CD1 HD1  sing N N 291 
PHE CD2 CE2  doub Y N 292 
PHE CD2 HD2  sing N N 293 
PHE CE1 CZ   doub Y N 294 
PHE CE1 HE1  sing N N 295 
PHE CE2 CZ   sing Y N 296 
PHE CE2 HE2  sing N N 297 
PHE CZ  HZ   sing N N 298 
PHE OXT HXT  sing N N 299 
PRO N   CA   sing N N 300 
PRO N   CD   sing N N 301 
PRO N   H    sing N N 302 
PRO CA  C    sing N N 303 
PRO CA  CB   sing N N 304 
PRO CA  HA   sing N N 305 
PRO C   O    doub N N 306 
PRO C   OXT  sing N N 307 
PRO CB  CG   sing N N 308 
PRO CB  HB2  sing N N 309 
PRO CB  HB3  sing N N 310 
PRO CG  CD   sing N N 311 
PRO CG  HG2  sing N N 312 
PRO CG  HG3  sing N N 313 
PRO CD  HD2  sing N N 314 
PRO CD  HD3  sing N N 315 
PRO OXT HXT  sing N N 316 
SER N   CA   sing N N 317 
SER N   H    sing N N 318 
SER N   H2   sing N N 319 
SER CA  C    sing N N 320 
SER CA  CB   sing N N 321 
SER CA  HA   sing N N 322 
SER C   O    doub N N 323 
SER C   OXT  sing N N 324 
SER CB  OG   sing N N 325 
SER CB  HB2  sing N N 326 
SER CB  HB3  sing N N 327 
SER OG  HG   sing N N 328 
SER OXT HXT  sing N N 329 
THR N   CA   sing N N 330 
THR N   H    sing N N 331 
THR N   H2   sing N N 332 
THR CA  C    sing N N 333 
THR CA  CB   sing N N 334 
THR CA  HA   sing N N 335 
THR C   O    doub N N 336 
THR C   OXT  sing N N 337 
THR CB  OG1  sing N N 338 
THR CB  CG2  sing N N 339 
THR CB  HB   sing N N 340 
THR OG1 HG1  sing N N 341 
THR CG2 HG21 sing N N 342 
THR CG2 HG22 sing N N 343 
THR CG2 HG23 sing N N 344 
THR OXT HXT  sing N N 345 
TRP N   CA   sing N N 346 
TRP N   H    sing N N 347 
TRP N   H2   sing N N 348 
TRP CA  C    sing N N 349 
TRP CA  CB   sing N N 350 
TRP CA  HA   sing N N 351 
TRP C   O    doub N N 352 
TRP C   OXT  sing N N 353 
TRP CB  CG   sing N N 354 
TRP CB  HB2  sing N N 355 
TRP CB  HB3  sing N N 356 
TRP CG  CD1  doub Y N 357 
TRP CG  CD2  sing Y N 358 
TRP CD1 NE1  sing Y N 359 
TRP CD1 HD1  sing N N 360 
TRP CD2 CE2  doub Y N 361 
TRP CD2 CE3  sing Y N 362 
TRP NE1 CE2  sing Y N 363 
TRP NE1 HE1  sing N N 364 
TRP CE2 CZ2  sing Y N 365 
TRP CE3 CZ3  doub Y N 366 
TRP CE3 HE3  sing N N 367 
TRP CZ2 CH2  doub Y N 368 
TRP CZ2 HZ2  sing N N 369 
TRP CZ3 CH2  sing Y N 370 
TRP CZ3 HZ3  sing N N 371 
TRP CH2 HH2  sing N N 372 
TRP OXT HXT  sing N N 373 
TRS C   C1   sing N N 374 
TRS C   C2   sing N N 375 
TRS C   C3   sing N N 376 
TRS C   N    sing N N 377 
TRS C1  O1   sing N N 378 
TRS C1  H11  sing N N 379 
TRS C1  H12  sing N N 380 
TRS C2  O2   sing N N 381 
TRS C2  H21  sing N N 382 
TRS C2  H22  sing N N 383 
TRS C3  O3   sing N N 384 
TRS C3  H31  sing N N 385 
TRS C3  H32  sing N N 386 
TRS N   HN1  sing N N 387 
TRS N   HN2  sing N N 388 
TRS N   HN3  sing N N 389 
TRS O1  HO1  sing N N 390 
TRS O2  HO2  sing N N 391 
TRS O3  HO3  sing N N 392 
TYR N   CA   sing N N 393 
TYR N   H    sing N N 394 
TYR N   H2   sing N N 395 
TYR CA  C    sing N N 396 
TYR CA  CB   sing N N 397 
TYR CA  HA   sing N N 398 
TYR C   O    doub N N 399 
TYR C   OXT  sing N N 400 
TYR CB  CG   sing N N 401 
TYR CB  HB2  sing N N 402 
TYR CB  HB3  sing N N 403 
TYR CG  CD1  doub Y N 404 
TYR CG  CD2  sing Y N 405 
TYR CD1 CE1  sing Y N 406 
TYR CD1 HD1  sing N N 407 
TYR CD2 CE2  doub Y N 408 
TYR CD2 HD2  sing N N 409 
TYR CE1 CZ   doub Y N 410 
TYR CE1 HE1  sing N N 411 
TYR CE2 CZ   sing Y N 412 
TYR CE2 HE2  sing N N 413 
TYR CZ  OH   sing N N 414 
TYR OH  HH   sing N N 415 
TYR OXT HXT  sing N N 416 
VAL N   CA   sing N N 417 
VAL N   H    sing N N 418 
VAL N   H2   sing N N 419 
VAL CA  C    sing N N 420 
VAL CA  CB   sing N N 421 
VAL CA  HA   sing N N 422 
VAL C   O    doub N N 423 
VAL C   OXT  sing N N 424 
VAL CB  CG1  sing N N 425 
VAL CB  CG2  sing N N 426 
VAL CB  HB   sing N N 427 
VAL CG1 HG11 sing N N 428 
VAL CG1 HG12 sing N N 429 
VAL CG1 HG13 sing N N 430 
VAL CG2 HG21 sing N N 431 
VAL CG2 HG22 sing N N 432 
VAL CG2 HG23 sing N N 433 
VAL OXT HXT  sing N N 434 
# 
_pdbx_deposit_group.group_id            G_1002123 
_pdbx_deposit_group.group_description   
;BROMODOMAIN OF HUMAN NUCLEOSOME-REMODELING FACTOR SUBUNIT BPTF screened against the 3D-Fragment Consortium Library by
X-ray Crystallography at the XChem facility of Diamond Light Source beamline I04-1
;
_pdbx_deposit_group.group_title         
;PanDDA analysis group deposition of the bromodomain of human nucleosome-remodeling factor subunit BPTF fragment
screening
;
_pdbx_deposit_group.group_type          'changed state' 
# 
_pdbx_entity_instance_feature.ordinal        1 
_pdbx_entity_instance_feature.comp_id        K3D 
_pdbx_entity_instance_feature.asym_id        ? 
_pdbx_entity_instance_feature.seq_num        ? 
_pdbx_entity_instance_feature.auth_comp_id   K3D 
_pdbx_entity_instance_feature.auth_asym_id   ? 
_pdbx_entity_instance_feature.auth_seq_num   ? 
_pdbx_entity_instance_feature.feature_type   'SUBJECT OF INVESTIGATION' 
_pdbx_entity_instance_feature.details        ? 
# 
_atom_sites.entry_id                    5R4N 
_atom_sites.fract_transf_matrix[1][1]   -0.00028006 
_atom_sites.fract_transf_matrix[1][2]   0.00725107 
_atom_sites.fract_transf_matrix[1][3]   0.00528041 
_atom_sites.fract_transf_matrix[2][1]   0.01576370 
_atom_sites.fract_transf_matrix[2][2]   -0.01900292 
_atom_sites.fract_transf_matrix[2][3]   0.02693091 
_atom_sites.fract_transf_matrix[3][1]   0.02352232 
_atom_sites.fract_transf_matrix[3][2]   0.00947809 
_atom_sites.fract_transf_matrix[3][3]   -0.00708061 
_atom_sites.fract_transf_vector[1]      -0.130182 
_atom_sites.fract_transf_vector[2]      0.444692 
_atom_sites.fract_transf_vector[3]      0.042270 
# 
loop_
_atom_type.symbol 
C 
N 
O 
S 
# 
loop_
_atom_site.group_PDB 
_atom_site.id 
_atom_site.type_symbol 
_atom_site.label_atom_id 
_atom_site.label_alt_id 
_atom_site.label_comp_id 
_atom_site.label_asym_id 
_atom_site.label_entity_id 
_atom_site.label_seq_id 
_atom_site.pdbx_PDB_ins_code 
_atom_site.Cartn_x 
_atom_site.Cartn_y 
_atom_site.Cartn_z 
_atom_site.occupancy 
_atom_site.B_iso_or_equiv 
_atom_site.pdbx_formal_charge 
_atom_site.auth_seq_id 
_atom_site.auth_comp_id 
_atom_site.auth_asym_id 
_atom_site.auth_atom_id 
_atom_site.pdbx_PDB_model_num 
ATOM   1    N N   . GLU A 1 5   ? 14.651  6.706   4.821   1.00 41.91 ? 2793 GLU A N   1 
ATOM   2    C CA  . GLU A 1 5   ? 14.991  5.744   3.727   1.00 37.63 ? 2793 GLU A CA  1 
ATOM   3    C C   . GLU A 1 5   ? 16.453  5.974   3.300   1.00 36.38 ? 2793 GLU A C   1 
ATOM   4    O O   . GLU A 1 5   ? 16.929  7.129   3.219   1.00 42.94 ? 2793 GLU A O   1 
ATOM   5    C CB  . GLU A 1 5   ? 14.058  5.926   2.563   1.00 38.03 ? 2793 GLU A CB  1 
ATOM   6    C CG  . GLU A 1 5   ? 12.587  5.694   2.892   1.00 37.31 ? 2793 GLU A CG  1 
ATOM   7    C CD  . GLU A 1 5   ? 11.689  6.208   1.764   1.00 37.56 ? 2793 GLU A CD  1 
ATOM   8    O OE1 . GLU A 1 5   ? 12.000  7.375   1.342   1.00 41.50 ? 2793 GLU A OE1 1 
ATOM   9    O OE2 . GLU A 1 5   ? 10.769  5.454   1.310   1.00 19.87 ? 2793 GLU A OE2 1 
ATOM   10   N N   A ASP A 1 6   ? 17.169  4.891   3.013   0.25 32.61 ? 2794 ASP A N   1 
ATOM   11   N N   B ASP A 1 6   ? 17.107  4.867   2.948   0.25 36.11 ? 2794 ASP A N   1 
ATOM   12   C CA  A ASP A 1 6   ? 18.635  4.925   3.017   0.25 28.03 ? 2794 ASP A CA  1 
ATOM   13   C CA  B ASP A 1 6   ? 18.563  4.735   2.940   0.25 33.10 ? 2794 ASP A CA  1 
ATOM   14   C C   A ASP A 1 6   ? 19.317  5.289   1.665   0.25 27.80 ? 2794 ASP A C   1 
ATOM   15   C C   B ASP A 1 6   ? 19.284  5.238   1.652   0.25 31.02 ? 2794 ASP A C   1 
ATOM   16   O O   A ASP A 1 6   ? 18.830  6.148   0.926   0.25 25.59 ? 2794 ASP A O   1 
ATOM   17   O O   B ASP A 1 6   ? 18.790  6.123   0.954   0.25 29.28 ? 2794 ASP A O   1 
ATOM   18   C CB  A ASP A 1 6   ? 19.128  3.609   3.634   0.25 24.15 ? 2794 ASP A CB  1 
ATOM   19   C CB  B ASP A 1 6   ? 18.867  3.259   3.238   0.25 32.38 ? 2794 ASP A CB  1 
ATOM   20   C CG  A ASP A 1 6   ? 18.650  2.400   2.891   0.25 22.52 ? 2794 ASP A CG  1 
ATOM   21   C CG  B ASP A 1 6   ? 18.385  2.321   2.128   0.25 34.27 ? 2794 ASP A CG  1 
ATOM   22   O OD1 A ASP A 1 6   ? 18.248  2.553   1.704   0.25 18.26 ? 2794 ASP A OD1 1 
ATOM   23   O OD1 B ASP A 1 6   ? 17.182  2.013   2.063   0.25 36.07 ? 2794 ASP A OD1 1 
ATOM   24   O OD2 A ASP A 1 6   ? 18.690  1.295   3.495   0.25 23.16 ? 2794 ASP A OD2 1 
ATOM   25   O OD2 B ASP A 1 6   ? 19.214  1.857   1.327   0.25 36.56 ? 2794 ASP A OD2 1 
ATOM   26   N N   . ALA A 1 7   ? 20.474  4.712   1.363   1.00 29.01 ? 2795 ALA A N   1 
ATOM   27   C CA  . ALA A 1 7   ? 21.146  4.971   0.093   1.00 32.68 ? 2795 ALA A CA  1 
ATOM   28   C C   . ALA A 1 7   ? 20.275  4.341   -1.044  1.00 35.21 ? 2795 ALA A C   1 
ATOM   29   O O   . ALA A 1 7   ? 19.634  5.073   -1.870  1.00 44.71 ? 2795 ALA A O   1 
ATOM   30   C CB  . ALA A 1 7   ? 22.517  4.343   0.156   1.00 38.02 ? 2795 ALA A CB  1 
ATOM   31   N N   . MET A 1 8   ? 20.086  3.029   -0.905  1.00 24.87 ? 2796 MET A N   1 
ATOM   32   C CA  . MET A 1 8   ? 19.583  2.126   -1.959  1.00 24.19 ? 2796 MET A CA  1 
ATOM   33   C C   . MET A 1 8   ? 18.062  2.305   -2.219  1.00 20.24 ? 2796 MET A C   1 
ATOM   34   O O   . MET A 1 8   ? 17.588  1.889   -3.255  1.00 15.83 ? 2796 MET A O   1 
ATOM   35   C CB  . MET A 1 8   ? 19.899  0.657   -1.447  1.00 28.92 ? 2796 MET A CB  1 
ATOM   36   C CG  . MET A 1 8   ? 19.855  -0.550  -2.420  1.00 41.98 ? 2796 MET A CG  1 
ATOM   37   S SD  . MET A 1 8   ? 19.878  -2.269  -1.693  1.00 48.44 ? 2796 MET A SD  1 
ATOM   38   C CE  . MET A 1 8   ? 20.342  -3.196  -3.161  1.00 43.19 ? 2796 MET A CE  1 
ATOM   39   N N   . THR A 1 9   ? 17.283  2.893   -1.319  1.00 20.22 ? 2797 THR A N   1 
ATOM   40   C CA  . THR A 1 9   ? 15.770  2.879   -1.500  1.00 21.38 ? 2797 THR A CA  1 
ATOM   41   C C   . THR A 1 9   ? 15.444  3.816   -2.605  1.00 23.08 ? 2797 THR A C   1 
ATOM   42   O O   . THR A 1 9   ? 14.520  3.620   -3.430  1.00 15.61 ? 2797 THR A O   1 
ATOM   43   C CB  . THR A 1 9   ? 14.985  3.415   -0.250  1.00 25.46 ? 2797 THR A CB  1 
ATOM   44   O OG1 . THR A 1 9   ? 15.024  2.423   0.749   1.00 28.34 ? 2797 THR A OG1 1 
ATOM   45   C CG2 . THR A 1 9   ? 13.473  3.627   -0.545  1.00 30.73 ? 2797 THR A CG2 1 
ATOM   46   N N   . VAL A 1 10  ? 16.137  4.942   -2.506  1.00 33.09 ? 2798 VAL A N   1 
ATOM   47   C CA  . VAL A 1 10  ? 15.739  6.176   -3.178  1.00 40.97 ? 2798 VAL A CA  1 
ATOM   48   C C   . VAL A 1 10  ? 16.263  6.003   -4.573  1.00 39.01 ? 2798 VAL A C   1 
ATOM   49   O O   . VAL A 1 10  ? 15.591  6.269   -5.559  1.00 41.86 ? 2798 VAL A O   1 
ATOM   50   C CB  . VAL A 1 10  ? 16.386  7.423   -2.465  1.00 39.48 ? 2798 VAL A CB  1 
ATOM   51   C CG1 . VAL A 1 10  ? 16.524  8.646   -3.373  1.00 37.70 ? 2798 VAL A CG1 1 
ATOM   52   C CG2 . VAL A 1 10  ? 15.666  7.736   -1.134  1.00 41.07 ? 2798 VAL A CG2 1 
ATOM   53   N N   . LEU A 1 11  ? 17.474  5.485   -4.596  1.00 47.56 ? 2799 LEU A N   1 
ATOM   54   C CA  . LEU A 1 11  ? 18.367  5.600   -5.719  1.00 47.04 ? 2799 LEU A CA  1 
ATOM   55   C C   . LEU A 1 11  ? 18.238  4.447   -6.632  1.00 43.65 ? 2799 LEU A C   1 
ATOM   56   O O   . LEU A 1 11  ? 18.583  4.548   -7.831  1.00 40.67 ? 2799 LEU A O   1 
ATOM   57   C CB  . LEU A 1 11  ? 19.823  5.507   -5.244  1.00 48.97 ? 2799 LEU A CB  1 
ATOM   58   C CG  . LEU A 1 11  ? 20.703  6.677   -4.899  1.00 41.81 ? 2799 LEU A CG  1 
ATOM   59   C CD1 . LEU A 1 11  ? 22.071  6.146   -5.304  1.00 45.27 ? 2799 LEU A CD1 1 
ATOM   60   C CD2 . LEU A 1 11  ? 20.272  7.941   -5.598  1.00 40.37 ? 2799 LEU A CD2 1 
ATOM   61   N N   . THR A 1 12  ? 17.975  3.292   -6.060  1.00 27.44 ? 2800 THR A N   1 
ATOM   62   C CA  . THR A 1 12  ? 18.403  2.143   -6.851  1.00 26.31 ? 2800 THR A CA  1 
ATOM   63   C C   . THR A 1 12  ? 17.198  1.894   -7.843  1.00 24.55 ? 2800 THR A C   1 
ATOM   64   O O   . THR A 1 12  ? 15.985  1.952   -7.450  1.00 20.32 ? 2800 THR A O   1 
ATOM   65   C CB  . THR A 1 12  ? 18.951  1.035   -5.942  1.00 28.38 ? 2800 THR A CB  1 
ATOM   66   O OG1 . THR A 1 12  ? 20.194  1.554   -5.439  1.00 28.47 ? 2800 THR A OG1 1 
ATOM   67   C CG2 . THR A 1 12  ? 19.294  -0.274  -6.645  1.00 34.17 ? 2800 THR A CG2 1 
ATOM   68   N N   . PRO A 1 13  ? 17.520  1.802   -9.149  1.00 21.76 ? 2801 PRO A N   1 
ATOM   69   C CA  . PRO A 1 13  ? 16.445  1.373   -10.058 1.00 20.38 ? 2801 PRO A CA  1 
ATOM   70   C C   . PRO A 1 13  ? 15.966  0.003   -9.671  1.00 18.53 ? 2801 PRO A C   1 
ATOM   71   O O   . PRO A 1 13  ? 16.711  -0.819  -9.120  1.00 19.50 ? 2801 PRO A O   1 
ATOM   72   C CB  . PRO A 1 13  ? 17.123  1.355   -11.429 1.00 22.55 ? 2801 PRO A CB  1 
ATOM   73   C CG  . PRO A 1 13  ? 18.215  2.373   -11.330 1.00 22.62 ? 2801 PRO A CG  1 
ATOM   74   C CD  . PRO A 1 13  ? 18.705  2.296   -9.914  1.00 23.88 ? 2801 PRO A CD  1 
ATOM   75   N N   . LEU A 1 14  ? 14.663  -0.230  -9.891  1.00 14.97 ? 2802 LEU A N   1 
ATOM   76   C CA  . LEU A 1 14  ? 14.092  -1.500  -9.588  1.00 14.70 ? 2802 LEU A CA  1 
ATOM   77   C C   . LEU A 1 14  ? 14.435  -2.406  -10.791 1.00 16.78 ? 2802 LEU A C   1 
ATOM   78   O O   . LEU A 1 14  ? 14.025  -2.077  -11.891 1.00 18.91 ? 2802 LEU A O   1 
ATOM   79   C CB  . LEU A 1 14  ? 12.546  -1.419  -9.461  1.00 13.13 ? 2802 LEU A CB  1 
ATOM   80   C CG  . LEU A 1 14  ? 12.064  -0.698  -8.158  1.00 12.05 ? 2802 LEU A CG  1 
ATOM   81   C CD1 . LEU A 1 14  ? 10.564  -0.344  -8.334  1.00 12.48 ? 2802 LEU A CD1 1 
ATOM   82   C CD2 . LEU A 1 14  ? 12.257  -1.590  -6.953  1.00 11.14 ? 2802 LEU A CD2 1 
ATOM   83   N N   . THR A 1 15  ? 15.026  -3.544  -10.545 1.00 15.93 ? 2803 THR A N   1 
ATOM   84   C CA  . THR A 1 15  ? 15.320  -4.587  -11.571 1.00 16.67 ? 2803 THR A CA  1 
ATOM   85   C C   . THR A 1 15  ? 14.176  -5.537  -11.761 1.00 16.48 ? 2803 THR A C   1 
ATOM   86   O O   . THR A 1 15  ? 13.250  -5.523  -11.024 1.00 13.53 ? 2803 THR A O   1 
ATOM   87   C CB  . THR A 1 15  ? 16.538  -5.355  -11.107 1.00 17.24 ? 2803 THR A CB  1 
ATOM   88   O OG1 . THR A 1 15  ? 16.213  -6.176  -9.968  1.00 16.83 ? 2803 THR A OG1 1 
ATOM   89   C CG2 . THR A 1 15  ? 17.729  -4.405  -10.830 1.00 19.56 ? 2803 THR A CG2 1 
ATOM   90   N N   . GLU A 1 16  ? 14.256  -6.435  -12.781 1.00 18.87 ? 2804 GLU A N   1 
ATOM   91   C CA  . GLU A 1 16  ? 13.245  -7.539  -12.827 1.00 19.94 ? 2804 GLU A CA  1 
ATOM   92   C C   . GLU A 1 16  ? 13.147  -8.446  -11.607 1.00 17.64 ? 2804 GLU A C   1 
ATOM   93   O O   . GLU A 1 16  ? 12.039  -8.821  -11.195 1.00 16.72 ? 2804 GLU A O   1 
ATOM   94   C CB  . GLU A 1 16  ? 13.384  -8.385  -14.123 1.00 23.71 ? 2804 GLU A CB  1 
ATOM   95   C CG  . GLU A 1 16  ? 12.724  -7.649  -15.285 1.00 28.98 ? 2804 GLU A CG  1 
ATOM   96   C CD  . GLU A 1 16  ? 11.156  -7.623  -15.256 1.00 32.15 ? 2804 GLU A CD  1 
ATOM   97   O OE1 . GLU A 1 16  ? 10.513  -8.679  -15.218 1.00 41.84 ? 2804 GLU A OE1 1 
ATOM   98   O OE2 . GLU A 1 16  ? 10.568  -6.532  -15.323 1.00 31.37 ? 2804 GLU A OE2 1 
ATOM   99   N N   . LYS A 1 17  ? 14.280  -8.731  -10.969 1.00 17.58 ? 2805 LYS A N   1 
ATOM   100  C CA  . LYS A 1 17  ? 14.204  -9.545  -9.787  1.00 19.20 ? 2805 LYS A CA  1 
ATOM   101  C C   . LYS A 1 17  ? 13.561  -8.773  -8.625  1.00 17.18 ? 2805 LYS A C   1 
ATOM   102  O O   . LYS A 1 17  ? 12.755  -9.303  -7.860  1.00 16.37 ? 2805 LYS A O   1 
ATOM   103  C CB  . LYS A 1 17  ? 15.579  -9.996  -9.365  1.00 22.67 ? 2805 LYS A CB  1 
ATOM   104  C CG  . LYS A 1 17  ? 15.450  -11.021 -8.267  1.00 26.01 ? 2805 LYS A CG  1 
ATOM   105  C CD  . LYS A 1 17  ? 16.838  -11.511 -7.828  1.00 34.83 ? 2805 LYS A CD  1 
ATOM   106  C CE  . LYS A 1 17  ? 17.666  -12.042 -8.996  1.00 35.55 ? 2805 LYS A CE  1 
ATOM   107  N NZ  . LYS A 1 17  ? 18.637  -11.010 -9.495  1.00 41.73 ? 2805 LYS A NZ  1 
ATOM   108  N N   . ASP A 1 18  ? 13.816  -7.489  -8.564  1.00 14.95 ? 2806 ASP A N   1 
ATOM   109  C CA  . ASP A 1 18  ? 13.164  -6.660  -7.559  1.00 13.95 ? 2806 ASP A CA  1 
ATOM   110  C C   . ASP A 1 18  ? 11.633  -6.773  -7.776  1.00 13.60 ? 2806 ASP A C   1 
ATOM   111  O O   . ASP A 1 18  ? 10.889  -6.845  -6.840  1.00 12.26 ? 2806 ASP A O   1 
ATOM   112  C CB  . ASP A 1 18  ? 13.550  -5.194  -7.658  1.00 13.48 ? 2806 ASP A CB  1 
ATOM   113  C CG  . ASP A 1 18  ? 14.960  -4.855  -7.135  1.00 16.13 ? 2806 ASP A CG  1 
ATOM   114  O OD1 . ASP A 1 18  ? 15.439  -5.535  -6.204  1.00 18.64 ? 2806 ASP A OD1 1 
ATOM   115  O OD2 . ASP A 1 18  ? 15.589  -3.878  -7.664  1.00 16.20 ? 2806 ASP A OD2 1 
ATOM   116  N N   . TYR A 1 19  ? 11.182  -6.728  -9.044  1.00 13.96 ? 2807 TYR A N   1 
ATOM   117  C CA  . TYR A 1 19  ? 9.737   -6.809  -9.384  1.00 13.27 ? 2807 TYR A CA  1 
ATOM   118  C C   . TYR A 1 19  ? 9.076   -8.113  -8.964  1.00 14.20 ? 2807 TYR A C   1 
ATOM   119  O O   . TYR A 1 19  ? 7.933   -8.114  -8.544  1.00 14.58 ? 2807 TYR A O   1 
ATOM   120  C CB  . TYR A 1 19  ? 9.368   -6.437  -10.878 1.00 14.17 ? 2807 TYR A CB  1 
ATOM   121  C CG  . TYR A 1 19  ? 8.939   -4.975  -11.050 1.00 11.96 ? 2807 TYR A CG  1 
ATOM   122  C CD1 . TYR A 1 19  ? 9.826   -3.961  -11.306 1.00 11.00 ? 2807 TYR A CD1 1 
ATOM   123  C CD2 . TYR A 1 19  ? 7.606   -4.648  -10.964 1.00 11.91 ? 2807 TYR A CD2 1 
ATOM   124  C CE1 . TYR A 1 19  ? 9.398   -2.646  -11.444 1.00 12.09 ? 2807 TYR A CE1 1 
ATOM   125  C CE2 . TYR A 1 19  ? 7.174   -3.342  -11.039 1.00 11.25 ? 2807 TYR A CE2 1 
ATOM   126  C CZ  . TYR A 1 19  ? 8.092   -2.352  -11.335 1.00 12.19 ? 2807 TYR A CZ  1 
ATOM   127  O OH  . TYR A 1 19  ? 7.550   -1.083  -11.472 1.00 11.29 ? 2807 TYR A OH  1 
ATOM   128  N N   . GLU A 1 20  ? 9.831   -9.224  -9.028  1.00 15.23 ? 2808 GLU A N   1 
ATOM   129  C CA  . GLU A 1 20  ? 9.285   -10.469 -8.491  1.00 16.66 ? 2808 GLU A CA  1 
ATOM   130  C C   . GLU A 1 20  ? 9.034   -10.395 -6.996  1.00 15.55 ? 2808 GLU A C   1 
ATOM   131  O O   . GLU A 1 20  ? 7.994   -10.861 -6.548  1.00 17.20 ? 2808 GLU A O   1 
ATOM   132  C CB  . GLU A 1 20  ? 10.141  -11.700 -8.885  1.00 20.31 ? 2808 GLU A CB  1 
ATOM   133  C CG  . GLU A 1 20  ? 10.127  -12.009 -10.393 1.00 24.30 ? 2808 GLU A CG  1 
ATOM   134  C CD  . GLU A 1 20  ? 8.719   -12.051 -11.046 1.00 29.64 ? 2808 GLU A CD  1 
ATOM   135  O OE1 . GLU A 1 20  ? 7.775   -12.756 -10.578 1.00 34.78 ? 2808 GLU A OE1 1 
ATOM   136  O OE2 . GLU A 1 20  ? 8.523   -11.349 -12.078 1.00 39.47 ? 2808 GLU A OE2 1 
ATOM   137  N N   . GLY A 1 21  ? 9.914   -9.727  -6.255  1.00 14.93 ? 2809 GLY A N   1 
ATOM   138  C CA  . GLY A 1 21  ? 9.694   -9.455  -4.813  1.00 14.52 ? 2809 GLY A CA  1 
ATOM   139  C C   . GLY A 1 21  ? 8.532   -8.486  -4.467  1.00 13.13 ? 2809 GLY A C   1 
ATOM   140  O O   . GLY A 1 21  ? 7.749   -8.714  -3.526  1.00 13.78 ? 2809 GLY A O   1 
ATOM   141  N N   . LEU A 1 22  ? 8.381   -7.424  -5.258  1.00 13.57 ? 2810 LEU A N   1 
ATOM   142  C CA  . LEU A 1 22  ? 7.204   -6.511  -5.082  1.00 12.46 ? 2810 LEU A CA  1 
ATOM   143  C C   . LEU A 1 22  ? 5.875   -7.198  -5.352  1.00 11.50 ? 2810 LEU A C   1 
ATOM   144  O O   . LEU A 1 22  ? 4.933   -6.974  -4.676  1.00 11.36 ? 2810 LEU A O   1 
ATOM   145  C CB  . LEU A 1 22  ? 7.241   -5.275  -6.011  1.00 14.88 ? 2810 LEU A CB  1 
ATOM   146  C CG  . LEU A 1 22  ? 8.406   -4.310  -5.760  1.00 14.98 ? 2810 LEU A CG  1 
ATOM   147  C CD1 . LEU A 1 22  ? 8.273   -3.130  -6.744  1.00 15.99 ? 2810 LEU A CD1 1 
ATOM   148  C CD2 . LEU A 1 22  ? 8.628   -3.902  -4.315  1.00 15.76 ? 2810 LEU A CD2 1 
ATOM   149  N N   . LYS A 1 23  ? 5.869   -8.100  -6.348  1.00 12.25 ? 2811 LYS A N   1 
ATOM   150  C CA  . LYS A 1 23  ? 4.603   -8.840  -6.535  1.00 13.04 ? 2811 LYS A CA  1 
ATOM   151  C C   . LYS A 1 23  ? 4.202   -9.711  -5.350  1.00 11.91 ? 2811 LYS A C   1 
ATOM   152  O O   . LYS A 1 23  ? 3.024   -9.788  -4.967  1.00 11.80 ? 2811 LYS A O   1 
ATOM   153  C CB  . LYS A 1 23  ? 4.681   -9.720  -7.799  1.00 13.94 ? 2811 LYS A CB  1 
ATOM   154  C CG  . LYS A 1 23  ? 4.710   -8.983  -9.120  1.00 15.06 ? 2811 LYS A CG  1 
ATOM   155  C CD  . LYS A 1 23  ? 5.039   -10.070 -10.153 1.00 20.44 ? 2811 LYS A CD  1 
ATOM   156  C CE  . LYS A 1 23  ? 5.226   -9.596  -11.532 1.00 23.61 ? 2811 LYS A CE  1 
ATOM   157  N NZ  . LYS A 1 23  ? 5.552   -10.930 -12.193 1.00 24.18 ? 2811 LYS A NZ  1 
ATOM   158  N N   . ARG A 1 24  ? 5.203   -10.358 -4.795  1.00 11.98 ? 2812 ARG A N   1 
ATOM   159  C CA  . ARG A 1 24  ? 5.013   -11.167 -3.594  1.00 14.16 ? 2812 ARG A CA  1 
ATOM   160  C C   . ARG A 1 24  ? 4.559   -10.341 -2.365  1.00 12.51 ? 2812 ARG A C   1 
ATOM   161  O O   . ARG A 1 24  ? 3.600   -10.755 -1.699  1.00 12.72 ? 2812 ARG A O   1 
ATOM   162  C CB  . ARG A 1 24  ? 6.272   -11.902 -3.275  1.00 17.91 ? 2812 ARG A CB  1 
ATOM   163  C CG  . ARG A 1 24  ? 6.198   -12.798 -2.050  1.00 21.31 ? 2812 ARG A CG  1 
ATOM   164  C CD  . ARG A 1 24  ? 7.636   -12.977 -1.458  1.00 26.06 ? 2812 ARG A CD  1 
ATOM   165  N NE  . ARG A 1 24  ? 8.217   -14.199 -1.972  1.00 28.18 ? 2812 ARG A NE  1 
ATOM   166  C CZ  . ARG A 1 24  ? 9.433   -14.683 -1.693  1.00 28.02 ? 2812 ARG A CZ  1 
ATOM   167  N NH1 . ARG A 1 24  ? 9.786   -15.848 -2.226  1.00 26.87 ? 2812 ARG A NH1 1 
ATOM   168  N NH2 . ARG A 1 24  ? 10.301  -14.003 -0.912  1.00 32.64 ? 2812 ARG A NH2 1 
ATOM   169  N N   . VAL A 1 25  ? 5.137   -9.135  -2.157  1.00 11.77 ? 2813 VAL A N   1 
ATOM   170  C CA  . VAL A 1 25  ? 4.676   -8.245  -1.049  1.00 12.43 ? 2813 VAL A CA  1 
ATOM   171  C C   . VAL A 1 25  ? 3.189   -7.914  -1.243  1.00 10.80 ? 2813 VAL A C   1 
ATOM   172  O O   . VAL A 1 25  ? 2.394   -7.970  -0.348  1.00 10.00 ? 2813 VAL A O   1 
ATOM   173  C CB  . VAL A 1 25  ? 5.571   -6.981  -0.925  1.00 11.62 ? 2813 VAL A CB  1 
ATOM   174  C CG1 . VAL A 1 25  ? 5.090   -5.924  0.056   1.00 12.61 ? 2813 VAL A CG1 1 
ATOM   175  C CG2 . VAL A 1 25  ? 7.023   -7.404  -0.545  1.00 13.12 ? 2813 VAL A CG2 1 
ATOM   176  N N   . LEU A 1 26  ? 2.896   -7.436  -2.470  1.00 9.75  ? 2814 LEU A N   1 
ATOM   177  C CA  . LEU A 1 26  ? 1.526   -7.010  -2.754  1.00 10.19 ? 2814 LEU A CA  1 
ATOM   178  C C   . LEU A 1 26  ? 0.480   -8.147  -2.538  1.00 9.85  ? 2814 LEU A C   1 
ATOM   179  O O   . LEU A 1 26  ? -0.564  -7.933  -1.945  1.00 10.52 ? 2814 LEU A O   1 
ATOM   180  C CB  . LEU A 1 26  ? 1.453   -6.411  -4.167  1.00 12.59 ? 2814 LEU A CB  1 
ATOM   181  C CG  . LEU A 1 26  ? 0.128   -5.841  -4.580  1.00 12.50 ? 2814 LEU A CG  1 
ATOM   182  C CD1 . LEU A 1 26  ? -0.332  -4.649  -3.700  1.00 13.03 ? 2814 LEU A CD1 1 
ATOM   183  C CD2 . LEU A 1 26  ? 0.278   -5.339  -5.996  1.00 13.70 ? 2814 LEU A CD2 1 
ATOM   184  N N   A ARG A 1 27  ? 0.786   -9.364  -3.032  0.25 9.44  ? 2815 ARG A N   1 
ATOM   185  N N   B ARG A 1 27  ? 0.814   -9.343  -3.050  0.25 9.42  ? 2815 ARG A N   1 
ATOM   186  C CA  A ARG A 1 27  ? -0.151  -10.496 -2.817  0.25 9.79  ? 2815 ARG A CA  1 
ATOM   187  C CA  B ARG A 1 27  ? -0.077  -10.488 -2.892  0.25 9.80  ? 2815 ARG A CA  1 
ATOM   188  C C   A ARG A 1 27  ? -0.347  -10.848 -1.318  0.25 10.09 ? 2815 ARG A C   1 
ATOM   189  C C   B ARG A 1 27  ? -0.267  -10.867 -1.442  0.25 9.26  ? 2815 ARG A C   1 
ATOM   190  O O   A ARG A 1 27  ? -1.456  -11.182 -0.886  0.25 10.08 ? 2815 ARG A O   1 
ATOM   191  O O   B ARG A 1 27  ? -1.339  -11.274 -1.059  0.25 9.16  ? 2815 ARG A O   1 
ATOM   192  C CB  A ARG A 1 27  ? 0.306   -11.735 -3.609  0.25 10.31 ? 2815 ARG A CB  1 
ATOM   193  C CB  B ARG A 1 27  ? 0.488   -11.667 -3.665  0.25 11.10 ? 2815 ARG A CB  1 
ATOM   194  C CG  A ARG A 1 27  ? 0.134   -11.634 -5.139  0.25 10.81 ? 2815 ARG A CG  1 
ATOM   195  C CG  B ARG A 1 27  ? 0.455   -11.401 -5.156  0.25 12.34 ? 2815 ARG A CG  1 
ATOM   196  C CD  A ARG A 1 27  ? 0.362   -12.974 -5.863  0.25 10.71 ? 2815 ARG A CD  1 
ATOM   197  C CD  B ARG A 1 27  ? 0.978   -12.542 -5.997  0.25 13.64 ? 2815 ARG A CD  1 
ATOM   198  N NE  A ARG A 1 27  ? 1.651   -13.533 -5.453  0.25 10.49 ? 2815 ARG A NE  1 
ATOM   199  N NE  B ARG A 1 27  ? 0.676   -12.212 -7.378  0.25 14.93 ? 2815 ARG A NE  1 
ATOM   200  C CZ  A ARG A 1 27  ? 2.735   -13.636 -6.216  0.25 10.67 ? 2815 ARG A CZ  1 
ATOM   201  C CZ  B ARG A 1 27  ? 1.417   -12.564 -8.404  0.25 15.70 ? 2815 ARG A CZ  1 
ATOM   202  N NH1 A ARG A 1 27  ? 2.705   -13.292 -7.496  0.25 11.50 ? 2815 ARG A NH1 1 
ATOM   203  N NH1 B ARG A 1 27  ? 2.507   -13.284 -8.225  0.25 15.95 ? 2815 ARG A NH1 1 
ATOM   204  N NH2 A ARG A 1 27  ? 3.846   -14.112 -5.685  0.25 10.19 ? 2815 ARG A NH2 1 
ATOM   205  N NH2 B ARG A 1 27  ? 1.048   -12.165 -9.603  0.25 15.53 ? 2815 ARG A NH2 1 
ATOM   206  N N   A SER A 1 28  ? 0.715   -10.715 -0.519  0.38 10.25 ? 2816 SER A N   1 
ATOM   207  N N   B SER A 1 28  ? 0.786   -10.697 -0.650  0.12 8.63  ? 2816 SER A N   1 
ATOM   208  C CA  A SER A 1 28  ? 0.585   -10.944 0.970   0.38 12.23 ? 2816 SER A CA  1 
ATOM   209  C CA  B SER A 1 28  ? 0.701   -10.968 0.785   0.12 8.76  ? 2816 SER A CA  1 
ATOM   210  C C   A SER A 1 28  ? -0.426  -9.979  1.638   0.38 11.37 ? 2816 SER A C   1 
ATOM   211  C C   B SER A 1 28  ? -0.219  -9.962  1.484   0.12 9.21  ? 2816 SER A C   1 
ATOM   212  O O   A SER A 1 28  ? -1.211  -10.358 2.500   0.38 11.52 ? 2816 SER A O   1 
ATOM   213  O O   B SER A 1 28  ? -0.952  -10.334 2.384   0.12 9.18  ? 2816 SER A O   1 
ATOM   214  C CB  A SER A 1 28  ? 1.923   -10.755 1.711   0.38 13.94 ? 2816 SER A CB  1 
ATOM   215  C CB  B SER A 1 28  ? 2.088   -10.964 1.426   0.12 8.30  ? 2816 SER A CB  1 
ATOM   216  O OG  A SER A 1 28  ? 2.986   -11.561 1.223   0.38 20.08 ? 2816 SER A OG  1 
ATOM   217  O OG  B SER A 1 28  ? 2.476   -9.698  1.943   0.12 7.28  ? 2816 SER A OG  1 
ATOM   218  N N   A LEU A 1 29  ? -0.388  -8.698  1.235   0.25 10.87 ? 2817 LEU A N   1 
ATOM   219  N N   B LEU A 1 29  ? -0.196  -8.692  1.060   0.25 9.79  ? 2817 LEU A N   1 
ATOM   220  C CA  A LEU A 1 29  ? -1.326  -7.690  1.772   0.25 10.59 ? 2817 LEU A CA  1 
ATOM   221  C CA  B LEU A 1 29  ? -1.135  -7.689  1.617   0.25 10.29 ? 2817 LEU A CA  1 
ATOM   222  C C   A LEU A 1 29  ? -2.718  -7.969  1.233   0.25 10.04 ? 2817 LEU A C   1 
ATOM   223  C C   B LEU A 1 29  ? -2.597  -7.978  1.214   0.25 9.96  ? 2817 LEU A C   1 
ATOM   224  O O   A LEU A 1 29  ? -3.686  -7.897  1.989   0.25 10.28 ? 2817 LEU A O   1 
ATOM   225  O O   B LEU A 1 29  ? -3.468  -7.935  2.051   0.25 10.26 ? 2817 LEU A O   1 
ATOM   226  C CB  A LEU A 1 29  ? -0.915  -6.254  1.424   0.25 10.36 ? 2817 LEU A CB  1 
ATOM   227  C CB  B LEU A 1 29  ? -0.751  -6.243  1.216   0.25 10.67 ? 2817 LEU A CB  1 
ATOM   228  C CG  A LEU A 1 29  ? -0.133  -5.481  2.493   0.25 10.70 ? 2817 LEU A CG  1 
ATOM   229  C CG  B LEU A 1 29  ? 0.330   -5.492  2.028   0.25 11.21 ? 2817 LEU A CG  1 
ATOM   230  C CD1 A LEU A 1 29  ? 1.250   -5.989  2.822   0.25 10.78 ? 2817 LEU A CD1 1 
ATOM   231  C CD1 B LEU A 1 29  ? -0.223  -5.012  3.358   0.25 12.45 ? 2817 LEU A CD1 1 
ATOM   232  C CD2 A LEU A 1 29  ? -0.063  -4.053  2.031   0.25 10.55 ? 2817 LEU A CD2 1 
ATOM   233  C CD2 B LEU A 1 29  ? 1.587   -6.305  2.234   0.25 11.24 ? 2817 LEU A CD2 1 
ATOM   234  N N   . GLN A 1 30  ? -2.829  -8.328  -0.062  1.00 9.70  ? 2818 GLN A N   1 
ATOM   235  C CA  . GLN A 1 30  ? -4.152  -8.660  -0.595  1.00 9.53  ? 2818 GLN A CA  1 
ATOM   236  C C   . GLN A 1 30  ? -4.826  -9.871  0.092   1.00 9.61  ? 2818 GLN A C   1 
ATOM   237  O O   . GLN A 1 30  ? -6.074  -9.915  0.166   1.00 11.73 ? 2818 GLN A O   1 
ATOM   238  C CB  . GLN A 1 30  ? -4.094  -8.867  -2.148  1.00 9.28  ? 2818 GLN A CB  1 
ATOM   239  C CG  . GLN A 1 30  ? -3.845  -7.585  -2.955  1.00 9.41  ? 2818 GLN A CG  1 
ATOM   240  C CD  . GLN A 1 30  ? -3.489  -7.887  -4.400  1.00 10.17 ? 2818 GLN A CD  1 
ATOM   241  O OE1 . GLN A 1 30  ? -2.654  -8.793  -4.706  1.00 10.46 ? 2818 GLN A OE1 1 
ATOM   242  N NE2 . GLN A 1 30  ? -4.073  -7.083  -5.330  1.00 10.67 ? 2818 GLN A NE2 1 
ATOM   243  N N   . ALA A 1 31  ? -4.002  -10.800 0.623   1.00 9.57  ? 2819 ALA A N   1 
ATOM   244  C CA  . ALA A 1 31  ? -4.517  -11.989 1.350   1.00 9.75  ? 2819 ALA A CA  1 
ATOM   245  C C   . ALA A 1 31  ? -4.754  -11.758 2.819   1.00 11.07 ? 2819 ALA A C   1 
ATOM   246  O O   . ALA A 1 31  ? -5.236  -12.674 3.526   1.00 11.37 ? 2819 ALA A O   1 
ATOM   247  C CB  . ALA A 1 31  ? -3.484  -13.137 1.247   1.00 10.22 ? 2819 ALA A CB  1 
ATOM   248  N N   . HIS A 1 32  ? -4.395  -10.618 3.374   1.00 9.74  ? 2820 HIS A N   1 
ATOM   249  C CA  . HIS A 1 32  ? -4.494  -10.373 4.830   1.00 10.71 ? 2820 HIS A CA  1 
ATOM   250  C C   . HIS A 1 32  ? -5.966  -10.174 5.212   1.00 10.95 ? 2820 HIS A C   1 
ATOM   251  O O   . HIS A 1 32  ? -6.741  -9.495  4.538   1.00 10.71 ? 2820 HIS A O   1 
ATOM   252  C CB  . HIS A 1 32  ? -3.546  -9.161  5.219   1.00 9.80  ? 2820 HIS A CB  1 
ATOM   253  C CG  . HIS A 1 32  ? -3.319  -8.981  6.704   1.00 11.27 ? 2820 HIS A CG  1 
ATOM   254  N ND1 . HIS A 1 32  ? -4.291  -8.522  7.533   1.00 11.09 ? 2820 HIS A ND1 1 
ATOM   255  C CD2 . HIS A 1 32  ? -2.237  -9.236  7.482   1.00 10.94 ? 2820 HIS A CD2 1 
ATOM   256  C CE1 . HIS A 1 32  ? -3.851  -8.523  8.791   1.00 11.75 ? 2820 HIS A CE1 1 
ATOM   257  N NE2 . HIS A 1 32  ? -2.581  -8.898  8.782   1.00 11.09 ? 2820 HIS A NE2 1 
ATOM   258  N N   . LYS A 1 33  ? -6.369  -10.705 6.356   1.00 12.00 ? 2821 LYS A N   1 
ATOM   259  C CA  . LYS A 1 33  ? -7.776  -10.643 6.740   1.00 13.31 ? 2821 LYS A CA  1 
ATOM   260  C C   . LYS A 1 33  ? -8.318  -9.200  6.938   1.00 13.03 ? 2821 LYS A C   1 
ATOM   261  O O   . LYS A 1 33  ? -9.536  -8.963  6.827   1.00 15.07 ? 2821 LYS A O   1 
ATOM   262  C CB  . LYS A 1 33  ? -8.070  -11.404 8.058   1.00 18.14 ? 2821 LYS A CB  1 
ATOM   263  C CG  . LYS A 1 33  ? -9.537  -11.553 8.377   1.00 26.08 ? 2821 LYS A CG  1 
ATOM   264  C CD  . LYS A 1 33  ? -9.765  -12.192 9.757   1.00 34.93 ? 2821 LYS A CD  1 
ATOM   265  C CE  . LYS A 1 33  ? -9.672  -13.709 9.775   1.00 41.67 ? 2821 LYS A CE  1 
ATOM   266  N NZ  . LYS A 1 33  ? -10.294 -14.213 11.062  1.00 47.06 ? 2821 LYS A NZ  1 
ATOM   267  N N   A MET A 1 34  ? -7.393  -8.289  7.291   0.25 12.42 ? 2822 MET A N   1 
ATOM   268  N N   B MET A 1 34  ? -7.425  -8.263  7.273   0.25 14.48 ? 2822 MET A N   1 
ATOM   269  C CA  A MET A 1 34  ? -7.669  -6.839  7.517   0.25 12.58 ? 2822 MET A CA  1 
ATOM   270  C CA  B MET A 1 34  ? -7.802  -6.841  7.473   0.25 16.00 ? 2822 MET A CA  1 
ATOM   271  C C   A MET A 1 34  ? -7.509  -5.963  6.257   0.25 12.29 ? 2822 MET A C   1 
ATOM   272  C C   B MET A 1 34  ? -7.657  -5.968  6.228   0.25 14.42 ? 2822 MET A C   1 
ATOM   273  O O   A MET A 1 34  ? -7.589  -4.720  6.342   0.25 12.23 ? 2822 MET A O   1 
ATOM   274  O O   B MET A 1 34  ? -7.914  -4.745  6.295   0.25 14.43 ? 2822 MET A O   1 
ATOM   275  C CB  A MET A 1 34  ? -6.767  -6.273  8.660   0.25 12.84 ? 2822 MET A CB  1 
ATOM   276  C CB  B MET A 1 34  ? -7.013  -6.214  8.636   0.25 19.40 ? 2822 MET A CB  1 
ATOM   277  C CG  A MET A 1 34  ? -7.057  -6.741  10.082  0.25 12.94 ? 2822 MET A CG  1 
ATOM   278  C CG  B MET A 1 34  ? -7.223  -6.881  9.976   0.25 21.97 ? 2822 MET A CG  1 
ATOM   279  S SD  A MET A 1 34  ? -8.792  -6.850  10.547  0.25 12.64 ? 2822 MET A SD  1 
ATOM   280  S SD  B MET A 1 34  ? -7.421  -5.638  11.249  0.25 28.18 ? 2822 MET A SD  1 
ATOM   281  C CE  A MET A 1 34  ? -9.094  -8.588  10.347  0.25 14.11 ? 2822 MET A CE  1 
ATOM   282  C CE  B MET A 1 34  ? -9.174  -5.769  11.540  0.25 27.69 ? 2822 MET A CE  1 
ATOM   283  N N   . ALA A 1 35  ? -7.322  -6.586  5.081   1.00 12.19 ? 2823 ALA A N   1 
ATOM   284  C CA  . ALA A 1 35  ? -7.125  -5.825  3.811   1.00 10.87 ? 2823 ALA A CA  1 
ATOM   285  C C   . ALA A 1 35  ? -8.463  -5.448  3.174   1.00 11.88 ? 2823 ALA A C   1 
ATOM   286  O O   . ALA A 1 35  ? -8.506  -4.668  2.215   1.00 10.31 ? 2823 ALA A O   1 
ATOM   287  C CB  . ALA A 1 35  ? -6.180  -6.495  2.835   1.00 11.11 ? 2823 ALA A CB  1 
ATOM   288  N N   . TRP A 1 36  ? -9.570  -6.067  3.552   1.00 12.88 ? 2824 TRP A N   1 
ATOM   289  C CA  . TRP A 1 36  ? -10.799 -5.871  2.853   1.00 15.33 ? 2824 TRP A CA  1 
ATOM   290  C C   . TRP A 1 36  ? -11.249 -4.435  2.534   1.00 14.08 ? 2824 TRP A C   1 
ATOM   291  O O   . TRP A 1 36  ? -11.829 -4.215  1.465   1.00 14.45 ? 2824 TRP A O   1 
ATOM   292  C CB  . TRP A 1 36  ? -12.027 -6.633  3.546   1.00 19.12 ? 2824 TRP A CB  1 
ATOM   293  C CG  . TRP A 1 36  ? -11.896 -8.175  3.582   1.00 28.43 ? 2824 TRP A CG  1 
ATOM   294  C CD1 . TRP A 1 36  ? -11.507 -8.934  4.661   1.00 36.44 ? 2824 TRP A CD1 1 
ATOM   295  C CD2 . TRP A 1 36  ? -12.125 -9.111  2.503   1.00 33.60 ? 2824 TRP A CD2 1 
ATOM   296  N NE1 . TRP A 1 36  ? -11.437 -10.267 4.327   1.00 39.47 ? 2824 TRP A NE1 1 
ATOM   297  C CE2 . TRP A 1 36  ? -11.838 -10.411 3.015   1.00 38.66 ? 2824 TRP A CE2 1 
ATOM   298  C CE3 . TRP A 1 36  ? -12.556 -8.988  1.170   1.00 30.29 ? 2824 TRP A CE3 1 
ATOM   299  C CZ2 . TRP A 1 36  ? -11.964 -11.578 2.224   1.00 41.01 ? 2824 TRP A CZ2 1 
ATOM   300  C CZ3 . TRP A 1 36  ? -12.650 -10.154 0.371   1.00 34.39 ? 2824 TRP A CZ3 1 
ATOM   301  C CH2 . TRP A 1 36  ? -12.366 -11.428 0.911   1.00 36.64 ? 2824 TRP A CH2 1 
ATOM   302  N N   . PRO A 1 37  ? -11.017 -3.454  3.440   1.00 11.81 ? 2825 PRO A N   1 
ATOM   303  C CA  . PRO A 1 37  ? -11.466 -2.093  3.000   1.00 11.89 ? 2825 PRO A CA  1 
ATOM   304  C C   . PRO A 1 37  ? -10.652 -1.464  1.803   1.00 11.53 ? 2825 PRO A C   1 
ATOM   305  O O   . PRO A 1 37  ? -11.155 -0.462  1.220   1.00 10.64 ? 2825 PRO A O   1 
ATOM   306  C CB  . PRO A 1 37  ? -11.182 -1.244  4.231   1.00 12.78 ? 2825 PRO A CB  1 
ATOM   307  C CG  . PRO A 1 37  ? -10.885 -2.164  5.373   1.00 12.15 ? 2825 PRO A CG  1 
ATOM   308  C CD  . PRO A 1 37  ? -10.316 -3.414  4.699   1.00 12.79 ? 2825 PRO A CD  1 
ATOM   309  N N   . PHE A 1 38  ? -9.514  -2.056  1.498   1.00 9.13  ? 2826 PHE A N   1 
ATOM   310  C CA  . PHE A 1 38  ? -8.466  -1.434  0.626   1.00 8.59  ? 2826 PHE A CA  1 
ATOM   311  C C   . PHE A 1 38  ? -8.200  -2.170  -0.707  1.00 9.67  ? 2826 PHE A C   1 
ATOM   312  O O   . PHE A 1 38  ? -7.371  -1.798  -1.551  1.00 9.61  ? 2826 PHE A O   1 
ATOM   313  C CB  . PHE A 1 38  ? -7.104  -1.404  1.375   1.00 9.56  ? 2826 PHE A CB  1 
ATOM   314  C CG  . PHE A 1 38  ? -7.183  -0.805  2.732   1.00 10.36 ? 2826 PHE A CG  1 
ATOM   315  C CD1 . PHE A 1 38  ? -7.633  0.453   2.930   1.00 11.15 ? 2826 PHE A CD1 1 
ATOM   316  C CD2 . PHE A 1 38  ? -6.870  -1.583  3.878   1.00 10.91 ? 2826 PHE A CD2 1 
ATOM   317  C CE1 . PHE A 1 38  ? -7.777  1.022   4.187   1.00 11.89 ? 2826 PHE A CE1 1 
ATOM   318  C CE2 . PHE A 1 38  ? -7.012  -1.037  5.178   1.00 13.31 ? 2826 PHE A CE2 1 
ATOM   319  C CZ  . PHE A 1 38  ? -7.424  0.282   5.335   1.00 11.82 ? 2826 PHE A CZ  1 
ATOM   320  N N   . LEU A 1 39  ? -8.994  -3.205  -0.985  1.00 11.00 ? 2827 LEU A N   1 
ATOM   321  C CA  . LEU A 1 39  ? -8.770  -4.098  -2.103  1.00 9.46  ? 2827 LEU A CA  1 
ATOM   322  C C   . LEU A 1 39  ? -9.115  -3.451  -3.456  1.00 9.59  ? 2827 LEU A C   1 
ATOM   323  O O   . LEU A 1 39  ? -8.452  -3.684  -4.432  1.00 12.78 ? 2827 LEU A O   1 
ATOM   324  C CB  . LEU A 1 39  ? -9.584  -5.447  -1.891  1.00 10.37 ? 2827 LEU A CB  1 
ATOM   325  C CG  . LEU A 1 39  ? -9.124  -6.438  -0.888  1.00 10.10 ? 2827 LEU A CG  1 
ATOM   326  C CD1 . LEU A 1 39  ? -10.058 -7.678  -0.810  1.00 11.00 ? 2827 LEU A CD1 1 
ATOM   327  C CD2 . LEU A 1 39  ? -7.659  -6.923  -1.046  1.00 10.40 ? 2827 LEU A CD2 1 
ATOM   328  N N   . GLU A 1 40  ? -10.150 -2.604  -3.379  1.00 10.01 ? 2828 GLU A N   1 
ATOM   329  C CA  . GLU A 1 40  ? -10.621 -1.914  -4.571  1.00 10.73 ? 2828 GLU A CA  1 
ATOM   330  C C   . GLU A 1 40  ? -10.895 -0.439  -4.243  1.00 9.84  ? 2828 GLU A C   1 
ATOM   331  O O   . GLU A 1 40  ? -10.926 -0.087  -3.053  1.00 9.45  ? 2828 GLU A O   1 
ATOM   332  C CB  . GLU A 1 40  ? -11.947 -2.602  -5.020  1.00 13.90 ? 2828 GLU A CB  1 
ATOM   333  C CG  . GLU A 1 40  ? -11.818 -4.096  -5.406  1.00 17.95 ? 2828 GLU A CG  1 
ATOM   334  C CD  . GLU A 1 40  ? -11.256 -4.327  -6.777  1.00 25.83 ? 2828 GLU A CD  1 
ATOM   335  O OE1 . GLU A 1 40  ? -11.442 -3.448  -7.639  1.00 33.78 ? 2828 GLU A OE1 1 
ATOM   336  O OE2 . GLU A 1 40  ? -10.614 -5.403  -7.044  1.00 31.23 ? 2828 GLU A OE2 1 
ATOM   337  N N   . PRO A 1 41  ? -11.038 0.405   -5.293  1.00 10.89 ? 2829 PRO A N   1 
ATOM   338  C CA  . PRO A 1 41  ? -11.336 1.809   -4.989  1.00 11.16 ? 2829 PRO A CA  1 
ATOM   339  C C   . PRO A 1 41  ? -12.548 2.053   -4.092  1.00 10.55 ? 2829 PRO A C   1 
ATOM   340  O O   . PRO A 1 41  ? -13.556 1.216   -4.119  1.00 10.78 ? 2829 PRO A O   1 
ATOM   341  C CB  . PRO A 1 41  ? -11.576 2.421   -6.391  1.00 11.76 ? 2829 PRO A CB  1 
ATOM   342  C CG  . PRO A 1 41  ? -10.821 1.584   -7.342  1.00 13.04 ? 2829 PRO A CG  1 
ATOM   343  C CD  . PRO A 1 41  ? -10.839 0.208   -6.774  1.00 12.21 ? 2829 PRO A CD  1 
ATOM   344  N N   . VAL A 1 42  ? -12.588 3.092   -3.238  1.00 12.00 ? 2830 VAL A N   1 
ATOM   345  C CA  . VAL A 1 42  ? -13.731 3.426   -2.453  1.00 12.32 ? 2830 VAL A CA  1 
ATOM   346  C C   . VAL A 1 42  ? -14.977 3.620   -3.341  1.00 11.44 ? 2830 VAL A C   1 
ATOM   347  O O   . VAL A 1 42  ? -14.917 4.253   -4.407  1.00 14.11 ? 2830 VAL A O   1 
ATOM   348  C CB  . VAL A 1 42  ? -13.530 4.706   -1.584  1.00 12.45 ? 2830 VAL A CB  1 
ATOM   349  C CG1 . VAL A 1 42  ? -14.839 5.255   -1.031  1.00 13.28 ? 2830 VAL A CG1 1 
ATOM   350  C CG2 . VAL A 1 42  ? -12.410 4.439   -0.588  1.00 11.92 ? 2830 VAL A CG2 1 
ATOM   351  N N   . ASP A 1 43  ? -16.103 2.990   -3.003  1.00 14.53 ? 2831 ASP A N   1 
ATOM   352  C CA  . ASP A 1 43  ? -17.399 3.122   -3.753  1.00 15.16 ? 2831 ASP A CA  1 
ATOM   353  C C   . ASP A 1 43  ? -18.052 4.417   -3.292  1.00 15.98 ? 2831 ASP A C   1 
ATOM   354  O O   . ASP A 1 43  ? -18.382 4.580   -2.142  1.00 18.09 ? 2831 ASP A O   1 
ATOM   355  C CB  . ASP A 1 43  ? -18.347 1.955   -3.350  1.00 15.89 ? 2831 ASP A CB  1 
ATOM   356  C CG  . ASP A 1 43  ? -19.563 1.863   -4.219  1.00 18.17 ? 2831 ASP A CG  1 
ATOM   357  O OD1 . ASP A 1 43  ? -19.993 2.903   -4.795  1.00 19.45 ? 2831 ASP A OD1 1 
ATOM   358  O OD2 . ASP A 1 43  ? -20.155 0.740   -4.329  1.00 20.54 ? 2831 ASP A OD2 1 
ATOM   359  N N   . PRO A 1 44  ? -18.236 5.362   -4.239  1.00 16.38 ? 2832 PRO A N   1 
ATOM   360  C CA  . PRO A 1 44  ? -18.885 6.611   -3.793  1.00 18.31 ? 2832 PRO A CA  1 
ATOM   361  C C   . PRO A 1 44  ? -20.330 6.463   -3.237  1.00 19.44 ? 2832 PRO A C   1 
ATOM   362  O O   . PRO A 1 44  ? -20.702 7.269   -2.412  1.00 20.38 ? 2832 PRO A O   1 
ATOM   363  C CB  . PRO A 1 44  ? -18.863 7.507   -5.032  1.00 19.24 ? 2832 PRO A CB  1 
ATOM   364  C CG  . PRO A 1 44  ? -18.137 6.763   -6.059  1.00 18.97 ? 2832 PRO A CG  1 
ATOM   365  C CD  . PRO A 1 44  ? -17.868 5.335   -5.662  1.00 16.39 ? 2832 PRO A CD  1 
ATOM   366  N N   . ASN A 1 45  ? -21.056 5.392   -3.593  1.00 21.93 ? 2833 ASN A N   1 
ATOM   367  C CA  . ASN A 1 45  ? -22.407 5.146   -3.048  1.00 24.03 ? 2833 ASN A CA  1 
ATOM   368  C C   . ASN A 1 45  ? -22.316 4.820   -1.547  1.00 27.10 ? 2833 ASN A C   1 
ATOM   369  O O   . ASN A 1 45  ? -23.259 5.089   -0.819  1.00 28.18 ? 2833 ASN A O   1 
ATOM   370  C CB  . ASN A 1 45  ? -23.169 4.011   -3.816  1.00 28.87 ? 2833 ASN A CB  1 
ATOM   371  C CG  . ASN A 1 45  ? -23.998 4.497   -5.050  1.00 30.11 ? 2833 ASN A CG  1 
ATOM   372  O OD1 . ASN A 1 45  ? -24.397 5.656   -5.176  1.00 32.40 ? 2833 ASN A OD1 1 
ATOM   373  N ND2 . ASN A 1 45  ? -24.275 3.567   -5.946  1.00 32.00 ? 2833 ASN A ND2 1 
ATOM   374  N N   . ASP A 1 46  ? -21.168 4.319   -1.062  1.00 25.94 ? 2834 ASP A N   1 
ATOM   375  C CA  . ASP A 1 46  ? -20.915 4.146   0.388   1.00 25.33 ? 2834 ASP A CA  1 
ATOM   376  C C   . ASP A 1 46  ? -20.496 5.402   1.129   1.00 28.20 ? 2834 ASP A C   1 
ATOM   377  O O   . ASP A 1 46  ? -20.678 5.459   2.334   1.00 26.79 ? 2834 ASP A O   1 
ATOM   378  C CB  . ASP A 1 46  ? -19.762 3.180   0.693   1.00 28.13 ? 2834 ASP A CB  1 
ATOM   379  C CG  . ASP A 1 46  ? -20.003 1.751   0.290   1.00 31.15 ? 2834 ASP A CG  1 
ATOM   380  O OD1 . ASP A 1 46  ? -21.143 1.360   0.062   1.00 34.13 ? 2834 ASP A OD1 1 
ATOM   381  O OD2 . ASP A 1 46  ? -19.009 0.975   0.249   1.00 30.11 ? 2834 ASP A OD2 1 
ATOM   382  N N   . ALA A 1 47  ? -19.784 6.328   0.456   1.00 25.34 ? 2835 ALA A N   1 
ATOM   383  C CA  . ALA A 1 47  ? -19.292 7.544   1.086   1.00 27.07 ? 2835 ALA A CA  1 
ATOM   384  C C   . ALA A 1 47  ? -19.396 8.690   0.071   1.00 28.17 ? 2835 ALA A C   1 
ATOM   385  O O   . ALA A 1 47  ? -18.429 8.966   -0.699  1.00 22.62 ? 2835 ALA A O   1 
ATOM   386  C CB  . ALA A 1 47  ? -17.873 7.326   1.605   1.00 28.02 ? 2835 ALA A CB  1 
ATOM   387  N N   . PRO A 1 48  ? -20.607 9.340   -0.007  1.00 26.15 ? 2836 PRO A N   1 
ATOM   388  C CA  . PRO A 1 48  ? -20.788 10.196  -1.184  1.00 24.21 ? 2836 PRO A CA  1 
ATOM   389  C C   . PRO A 1 48  ? -19.899 11.489  -1.252  1.00 23.28 ? 2836 PRO A C   1 
ATOM   390  O O   . PRO A 1 48  ? -19.736 12.062  -2.327  1.00 27.37 ? 2836 PRO A O   1 
ATOM   391  C CB  . PRO A 1 48  ? -22.314 10.513  -1.208  1.00 26.26 ? 2836 PRO A CB  1 
ATOM   392  C CG  . PRO A 1 48  ? -22.947 9.596   -0.180  1.00 26.31 ? 2836 PRO A CG  1 
ATOM   393  C CD  . PRO A 1 48  ? -21.889 8.858   0.570   1.00 29.17 ? 2836 PRO A CD  1 
ATOM   394  N N   . ASP A 1 49  ? -19.355 11.912  -0.122  1.00 22.19 ? 2837 ASP A N   1 
ATOM   395  C CA  . ASP A 1 49  ? -18.353 12.984  -0.096  1.00 21.83 ? 2837 ASP A CA  1 
ATOM   396  C C   . ASP A 1 49  ? -16.880 12.575  -0.179  1.00 18.53 ? 2837 ASP A C   1 
ATOM   397  O O   . ASP A 1 49  ? -15.989 13.467  -0.154  1.00 20.12 ? 2837 ASP A O   1 
ATOM   398  C CB  . ASP A 1 49  ? -18.473 13.755  1.222   1.00 23.49 ? 2837 ASP A CB  1 
ATOM   399  C CG  . ASP A 1 49  ? -18.165 12.908  2.423   1.00 26.24 ? 2837 ASP A CG  1 
ATOM   400  O OD1 . ASP A 1 49  ? -18.275 11.661  2.379   1.00 29.99 ? 2837 ASP A OD1 1 
ATOM   401  O OD2 . ASP A 1 49  ? -17.885 13.487  3.464   1.00 31.18 ? 2837 ASP A OD2 1 
ATOM   402  N N   . TYR A 1 50  ? -16.567 11.272  -0.216  1.00 16.90 ? 2838 TYR A N   1 
ATOM   403  C CA  . TYR A 1 50  ? -15.168 10.843  -0.066  1.00 13.68 ? 2838 TYR A CA  1 
ATOM   404  C C   . TYR A 1 50  ? -14.278 11.552  -1.078  1.00 13.62 ? 2838 TYR A C   1 
ATOM   405  O O   . TYR A 1 50  ? -13.213 12.072  -0.722  1.00 13.34 ? 2838 TYR A O   1 
ATOM   406  C CB  . TYR A 1 50  ? -15.124 9.336   -0.236  1.00 12.80 ? 2838 TYR A CB  1 
ATOM   407  C CG  . TYR A 1 50  ? -13.721 8.742   -0.031  1.00 10.36 ? 2838 TYR A CG  1 
ATOM   408  C CD1 . TYR A 1 50  ? -13.330 8.408   1.274   1.00 10.87 ? 2838 TYR A CD1 1 
ATOM   409  C CD2 . TYR A 1 50  ? -12.828 8.550   -1.079  1.00 11.51 ? 2838 TYR A CD2 1 
ATOM   410  C CE1 . TYR A 1 50  ? -12.039 7.859   1.508   1.00 9.66  ? 2838 TYR A CE1 1 
ATOM   411  C CE2 . TYR A 1 50  ? -11.522 8.098   -0.859  1.00 9.43  ? 2838 TYR A CE2 1 
ATOM   412  C CZ  . TYR A 1 50  ? -11.138 7.769   0.453   1.00 8.79  ? 2838 TYR A CZ  1 
ATOM   413  O OH  . TYR A 1 50  ? -9.838  7.260   0.631   1.00 9.69  ? 2838 TYR A OH  1 
ATOM   414  N N   . TYR A 1 51  ? -14.654 11.576  -2.342  1.00 12.19 ? 2839 TYR A N   1 
ATOM   415  C CA  . TYR A 1 51  ? -13.811 12.123  -3.444  1.00 12.49 ? 2839 TYR A CA  1 
ATOM   416  C C   . TYR A 1 51  ? -13.705 13.628  -3.576  1.00 12.13 ? 2839 TYR A C   1 
ATOM   417  O O   . TYR A 1 51  ? -12.772 14.180  -4.175  1.00 14.11 ? 2839 TYR A O   1 
ATOM   418  C CB  . TYR A 1 51  ? -14.213 11.451  -4.794  1.00 11.38 ? 2839 TYR A CB  1 
ATOM   419  C CG  . TYR A 1 51  ? -13.868 9.987   -4.881  1.00 10.76 ? 2839 TYR A CG  1 
ATOM   420  C CD1 . TYR A 1 51  ? -14.801 9.008   -4.465  1.00 9.68  ? 2839 TYR A CD1 1 
ATOM   421  C CD2 . TYR A 1 51  ? -12.691 9.571   -5.361  1.00 11.83 ? 2839 TYR A CD2 1 
ATOM   422  C CE1 . TYR A 1 51  ? -14.423 7.615   -4.560  1.00 10.11 ? 2839 TYR A CE1 1 
ATOM   423  C CE2 . TYR A 1 51  ? -12.336 8.251   -5.465  1.00 10.44 ? 2839 TYR A CE2 1 
ATOM   424  C CZ  . TYR A 1 51  ? -13.219 7.239   -5.011  1.00 10.08 ? 2839 TYR A CZ  1 
ATOM   425  O OH  . TYR A 1 51  ? -12.836 5.906   -5.132  1.00 10.84 ? 2839 TYR A OH  1 
ATOM   426  N N   . GLY A 1 52  ? -14.553 14.302  -2.832  1.00 13.53 ? 2840 GLY A N   1 
ATOM   427  C CA  . GLY A 1 52  ? -14.382 15.765  -2.588  1.00 15.48 ? 2840 GLY A CA  1 
ATOM   428  C C   . GLY A 1 52  ? -13.387 16.107  -1.477  1.00 16.70 ? 2840 GLY A C   1 
ATOM   429  O O   . GLY A 1 52  ? -12.845 17.214  -1.489  1.00 19.98 ? 2840 GLY A O   1 
ATOM   430  N N   A VAL A 1 53  ? -13.105 15.198  -0.541  0.25 16.27 ? 2841 VAL A N   1 
ATOM   431  N N   B VAL A 1 53  ? -13.149 15.155  -0.560  0.25 15.13 ? 2841 VAL A N   1 
ATOM   432  C CA  A VAL A 1 53  ? -12.130 15.515  0.506   0.25 16.44 ? 2841 VAL A CA  1 
ATOM   433  C CA  B VAL A 1 53  ? -12.262 15.295  0.602   0.25 14.53 ? 2841 VAL A CA  1 
ATOM   434  C C   A VAL A 1 53  ? -10.774 14.809  0.399   0.25 14.92 ? 2841 VAL A C   1 
ATOM   435  C C   B VAL A 1 53  ? -10.820 14.827  0.339   0.25 13.94 ? 2841 VAL A C   1 
ATOM   436  O O   A VAL A 1 53  ? -9.781  15.325  0.944   0.25 14.34 ? 2841 VAL A O   1 
ATOM   437  O O   B VAL A 1 53  ? -9.838  15.485  0.712   0.25 14.00 ? 2841 VAL A O   1 
ATOM   438  C CB  A VAL A 1 53  ? -12.750 15.398  1.912   0.25 17.08 ? 2841 VAL A CB  1 
ATOM   439  C CB  B VAL A 1 53  ? -12.845 14.486  1.774   0.25 13.86 ? 2841 VAL A CB  1 
ATOM   440  C CG1 A VAL A 1 53  ? -13.970 16.290  2.015   0.25 17.35 ? 2841 VAL A CG1 1 
ATOM   441  C CG1 B VAL A 1 53  ? -11.872 14.403  2.944   0.25 13.16 ? 2841 VAL A CG1 1 
ATOM   442  C CG2 A VAL A 1 53  ? -13.105 13.970  2.257   0.25 17.46 ? 2841 VAL A CG2 1 
ATOM   443  C CG2 B VAL A 1 53  ? -14.173 15.082  2.221   0.25 13.94 ? 2841 VAL A CG2 1 
ATOM   444  N N   . ILE A 1 54  ? -10.705 13.672  -0.317  1.00 13.28 ? 2842 ILE A N   1 
ATOM   445  C CA  . ILE A 1 54  ? -9.439  12.977  -0.517  1.00 12.54 ? 2842 ILE A CA  1 
ATOM   446  C C   . ILE A 1 54  ? -8.901  13.298  -1.883  1.00 13.95 ? 2842 ILE A C   1 
ATOM   447  O O   . ILE A 1 54  ? -9.469  12.800  -2.900  1.00 15.70 ? 2842 ILE A O   1 
ATOM   448  C CB  . ILE A 1 54  ? -9.661  11.421  -0.343  1.00 12.93 ? 2842 ILE A CB  1 
ATOM   449  C CG1 . ILE A 1 54  ? -10.097 11.129  1.085   1.00 11.25 ? 2842 ILE A CG1 1 
ATOM   450  C CG2 . ILE A 1 54  ? -8.382  10.717  -0.665  1.00 12.46 ? 2842 ILE A CG2 1 
ATOM   451  C CD1 . ILE A 1 54  ? -9.060  11.485  2.136   1.00 12.72 ? 2842 ILE A CD1 1 
ATOM   452  N N   . LYS A 1 55  ? -7.747  13.957  -1.887  1.00 14.10 ? 2843 LYS A N   1 
ATOM   453  C CA  . LYS A 1 55  ? -7.356  14.479  -3.176  1.00 19.96 ? 2843 LYS A CA  1 
ATOM   454  C C   . LYS A 1 55  ? -6.683  13.468  -4.091  1.00 14.51 ? 2843 LYS A C   1 
ATOM   455  O O   . LYS A 1 55  ? -6.798  13.600  -5.308  1.00 17.12 ? 2843 LYS A O   1 
ATOM   456  C CB  . LYS A 1 55  ? -6.516  15.711  -3.103  1.00 25.86 ? 2843 LYS A CB  1 
ATOM   457  C CG  . LYS A 1 55  ? -6.780  16.548  -4.364  1.00 29.32 ? 2843 LYS A CG  1 
ATOM   458  N N   . GLU A 1 56  ? -5.982  12.518  -3.517  1.00 10.98 ? 2844 GLU A N   1 
ATOM   459  C CA  . GLU A 1 56  ? -5.236  11.496  -4.263  1.00 11.01 ? 2844 GLU A CA  1 
ATOM   460  C C   . GLU A 1 56  ? -5.603  10.117  -3.722  1.00 8.95  ? 2844 GLU A C   1 
ATOM   461  O O   . GLU A 1 56  ? -4.855  9.490   -2.936  1.00 9.07  ? 2844 GLU A O   1 
ATOM   462  C CB  . GLU A 1 56  ? -3.749  11.780  -4.252  1.00 13.11 ? 2844 GLU A CB  1 
ATOM   463  C CG  . GLU A 1 56  ? -3.245  12.834  -5.208  1.00 17.49 ? 2844 GLU A CG  1 
ATOM   464  C CD  . GLU A 1 56  ? -1.746  13.002  -5.110  1.00 22.68 ? 2844 GLU A CD  1 
ATOM   465  O OE1 . GLU A 1 56  ? -1.365  14.204  -5.076  1.00 34.76 ? 2844 GLU A OE1 1 
ATOM   466  O OE2 . GLU A 1 56  ? -0.946  12.015  -5.041  1.00 20.12 ? 2844 GLU A OE2 1 
ATOM   467  N N   . PRO A 1 57  ? -6.775  9.575   -4.116  1.00 8.00  ? 2845 PRO A N   1 
ATOM   468  C CA  . PRO A 1 57  ? -7.176  8.161   -3.685  1.00 7.85  ? 2845 PRO A CA  1 
ATOM   469  C C   . PRO A 1 57  ? -6.128  7.097   -4.162  1.00 8.34  ? 2845 PRO A C   1 
ATOM   470  O O   . PRO A 1 57  ? -5.398  7.282   -5.136  1.00 9.09  ? 2845 PRO A O   1 
ATOM   471  C CB  . PRO A 1 57  ? -8.542  7.980   -4.325  1.00 8.28  ? 2845 PRO A CB  1 
ATOM   472  C CG  . PRO A 1 57  ? -9.053  9.386   -4.632  1.00 12.24 ? 2845 PRO A CG  1 
ATOM   473  C CD  . PRO A 1 57  ? -7.829  10.211  -5.003  1.00 9.61  ? 2845 PRO A CD  1 
ATOM   474  N N   . MET A 1 58  ? -6.081  5.996   -3.379  1.00 7.53  ? 2846 MET A N   1 
ATOM   475  C CA  . MET A 1 58  ? -5.245  4.833   -3.818  1.00 7.29  ? 2846 MET A CA  1 
ATOM   476  C C   . MET A 1 58  ? -5.903  3.595   -3.179  1.00 6.36  ? 2846 MET A C   1 
ATOM   477  O O   . MET A 1 58  ? -6.499  3.672   -2.133  1.00 8.53  ? 2846 MET A O   1 
ATOM   478  C CB  . MET A 1 58  ? -3.827  5.076   -3.386  1.00 7.77  ? 2846 MET A CB  1 
ATOM   479  C CG  . MET A 1 58  ? -2.733  4.065   -3.839  1.00 8.61  ? 2846 MET A CG  1 
ATOM   480  S SD  . MET A 1 58  ? -2.852  3.750   -5.628  1.00 8.90  ? 2846 MET A SD  1 
ATOM   481  C CE  . MET A 1 58  ? -2.560  5.402   -6.332  1.00 9.71  ? 2846 MET A CE  1 
ATOM   482  N N   . ASP A 1 59  ? -5.545  2.465   -3.820  1.00 6.43  ? 2847 ASP A N   1 
ATOM   483  C CA  . ASP A 1 59  ? -6.137  1.198   -3.360  1.00 7.35  ? 2847 ASP A CA  1 
ATOM   484  C C   . ASP A 1 59  ? -5.209  0.098   -3.975  1.00 7.14  ? 2847 ASP A C   1 
ATOM   485  O O   . ASP A 1 59  ? -4.334  0.324   -4.840  1.00 7.83  ? 2847 ASP A O   1 
ATOM   486  C CB  . ASP A 1 59  ? -7.559  0.981   -3.882  1.00 8.06  ? 2847 ASP A CB  1 
ATOM   487  C CG  . ASP A 1 59  ? -7.610  0.886   -5.382  1.00 9.40  ? 2847 ASP A CG  1 
ATOM   488  O OD1 . ASP A 1 59  ? -7.584  2.007   -6.077  1.00 9.66  ? 2847 ASP A OD1 1 
ATOM   489  O OD2 . ASP A 1 59  ? -7.433  -0.241  -6.023  1.00 9.11  ? 2847 ASP A OD2 1 
ATOM   490  N N   . LEU A 1 60  ? -5.348  -1.142  -3.426  1.00 8.97  ? 2848 LEU A N   1 
ATOM   491  C CA  . LEU A 1 60  ? -4.458  -2.245  -3.835  1.00 8.74  ? 2848 LEU A CA  1 
ATOM   492  C C   . LEU A 1 60  ? -4.616  -2.783  -5.283  1.00 8.59  ? 2848 LEU A C   1 
ATOM   493  O O   . LEU A 1 60  ? -3.664  -3.250  -5.909  1.00 9.06  ? 2848 LEU A O   1 
ATOM   494  C CB  . LEU A 1 60  ? -4.543  -3.377  -2.823  1.00 8.70  ? 2848 LEU A CB  1 
ATOM   495  C CG  . LEU A 1 60  ? -4.092  -3.075  -1.359  1.00 9.09  ? 2848 LEU A CG  1 
ATOM   496  C CD1 . LEU A 1 60  ? -4.577  -4.169  -0.441  1.00 9.27  ? 2848 LEU A CD1 1 
ATOM   497  C CD2 . LEU A 1 60  ? -2.589  -2.812  -1.159  1.00 9.38  ? 2848 LEU A CD2 1 
ATOM   498  N N   . ALA A 1 61  ? -5.849  -2.624  -5.829  1.00 8.61  ? 2849 ALA A N   1 
ATOM   499  C CA  . ALA A 1 61  ? -6.069  -2.993  -7.240  1.00 8.40  ? 2849 ALA A CA  1 
ATOM   500  C C   . ALA A 1 61  ? -5.382  -2.019  -8.238  1.00 7.95  ? 2849 ALA A C   1 
ATOM   501  O O   . ALA A 1 61  ? -4.740  -2.435  -9.232  1.00 8.90  ? 2849 ALA A O   1 
ATOM   502  C CB  . ALA A 1 61  ? -7.541  -3.169  -7.589  1.00 9.13  ? 2849 ALA A CB  1 
ATOM   503  N N   . THR A 1 62  ? -5.421  -0.725  -7.928  1.00 7.80  ? 2850 THR A N   1 
ATOM   504  C CA  . THR A 1 62  ? -4.611  0.244   -8.730  1.00 7.84  ? 2850 THR A CA  1 
ATOM   505  C C   . THR A 1 62  ? -3.124  -0.023  -8.619  1.00 7.59  ? 2850 THR A C   1 
ATOM   506  O O   . THR A 1 62  ? -2.418  0.029   -9.577  1.00 7.07  ? 2850 THR A O   1 
ATOM   507  C CB  . THR A 1 62  ? -4.972  1.711   -8.202  1.00 7.92  ? 2850 THR A CB  1 
ATOM   508  O OG1 . THR A 1 62  ? -6.367  1.898   -8.468  1.00 8.84  ? 2850 THR A OG1 1 
ATOM   509  C CG2 . THR A 1 62  ? -4.203  2.766   -8.893  1.00 8.69  ? 2850 THR A CG2 1 
ATOM   510  N N   . MET A 1 63  ? -2.670  -0.328  -7.364  1.00 8.10  ? 2851 MET A N   1 
ATOM   511  C CA  . MET A 1 63  ? -1.258  -0.718  -7.219  1.00 9.32  ? 2851 MET A CA  1 
ATOM   512  C C   . MET A 1 63  ? -0.851  -1.998  -8.009  1.00 8.66  ? 2851 MET A C   1 
ATOM   513  O O   . MET A 1 63  ? 0.257   -2.088  -8.580  1.00 9.01  ? 2851 MET A O   1 
ATOM   514  C CB  . MET A 1 63  ? -0.785  -0.877  -5.792  1.00 9.69  ? 2851 MET A CB  1 
ATOM   515  C CG  . MET A 1 63  ? -0.864  0.455   -4.968  1.00 8.98  ? 2851 MET A CG  1 
ATOM   516  S SD  . MET A 1 63  ? -0.015  0.443   -3.376  1.00 9.06  ? 2851 MET A SD  1 
ATOM   517  C CE  . MET A 1 63  ? 1.708   0.214   -3.899  1.00 9.99  ? 2851 MET A CE  1 
ATOM   518  N N   A GLU A 1 64  ? -1.761  -2.980  -8.056  0.25 8.36  ? 2852 GLU A N   1 
ATOM   519  N N   B GLU A 1 64  ? -1.766  -2.966  -8.053  0.25 8.38  ? 2852 GLU A N   1 
ATOM   520  C CA  A GLU A 1 64  ? -1.492  -4.184  -8.838  0.25 8.88  ? 2852 GLU A CA  1 
ATOM   521  C CA  B GLU A 1 64  ? -1.529  -4.156  -8.842  0.25 8.92  ? 2852 GLU A CA  1 
ATOM   522  C C   A GLU A 1 64  ? -1.376  -3.856  -10.346 0.25 8.61  ? 2852 GLU A C   1 
ATOM   523  C C   B GLU A 1 64  ? -1.375  -3.841  -10.337 0.25 8.63  ? 2852 GLU A C   1 
ATOM   524  O O   A GLU A 1 64  ? -0.460  -4.342  -11.016 0.25 8.83  ? 2852 GLU A O   1 
ATOM   525  O O   B GLU A 1 64  ? -0.452  -4.334  -10.994 0.25 8.87  ? 2852 GLU A O   1 
ATOM   526  C CB  A GLU A 1 64  ? -2.564  -5.261  -8.562  0.25 9.12  ? 2852 GLU A CB  1 
ATOM   527  C CB  B GLU A 1 64  ? -2.685  -5.126  -8.624  0.25 9.13  ? 2852 GLU A CB  1 
ATOM   528  C CG  A GLU A 1 64  ? -2.333  -6.598  -9.297  0.25 9.71  ? 2852 GLU A CG  1 
ATOM   529  C CG  B GLU A 1 64  ? -2.641  -6.387  -9.479  0.25 9.96  ? 2852 GLU A CG  1 
ATOM   530  C CD  A GLU A 1 64  ? -3.170  -7.781  -8.761  0.25 11.06 ? 2852 GLU A CD  1 
ATOM   531  C CD  B GLU A 1 64  ? -3.817  -7.268  -9.130  0.25 10.91 ? 2852 GLU A CD  1 
ATOM   532  O OE1 A GLU A 1 64  ? -4.344  -7.607  -8.295  0.25 10.29 ? 2852 GLU A OE1 1 
ATOM   533  O OE1 B GLU A 1 64  ? -3.713  -7.974  -8.102  0.25 11.20 ? 2852 GLU A OE1 1 
ATOM   534  O OE2 A GLU A 1 64  ? -2.659  -8.923  -8.832  0.25 15.27 ? 2852 GLU A OE2 1 
ATOM   535  O OE2 B GLU A 1 64  ? -4.862  -7.171  -9.793  0.25 15.37 ? 2852 GLU A OE2 1 
ATOM   536  N N   . GLU A 1 65  ? -2.301  -3.024  -10.861 1.00 8.45  ? 2853 GLU A N   1 
ATOM   537  C CA  . GLU A 1 65  ? -2.214  -2.579  -12.225 1.00 9.19  ? 2853 GLU A CA  1 
ATOM   538  C C   . GLU A 1 65  ? -0.848  -1.915  -12.508 1.00 8.94  ? 2853 GLU A C   1 
ATOM   539  O O   . GLU A 1 65  ? -0.220  -2.200  -13.527 1.00 9.43  ? 2853 GLU A O   1 
ATOM   540  C CB  . GLU A 1 65  ? -3.336  -1.649  -12.604 1.00 10.41 ? 2853 GLU A CB  1 
ATOM   541  C CG  . GLU A 1 65  ? -3.335  -0.979  -14.021 1.00 12.22 ? 2853 GLU A CG  1 
ATOM   542  C CD  . GLU A 1 65  ? -4.431  0.104   -14.126 1.00 13.71 ? 2853 GLU A CD  1 
ATOM   543  O OE1 . GLU A 1 65  ? -5.329  0.208   -13.283 1.00 15.89 ? 2853 GLU A OE1 1 
ATOM   544  O OE2 . GLU A 1 65  ? -4.312  0.913   -15.044 1.00 15.33 ? 2853 GLU A OE2 1 
ATOM   545  N N   . ARG A 1 66  ? -0.464  -0.966  -11.610 1.00 7.96  ? 2854 ARG A N   1 
ATOM   546  C CA  . ARG A 1 66  ? 0.822   -0.299  -11.771 1.00 7.60  ? 2854 ARG A CA  1 
ATOM   547  C C   . ARG A 1 66  ? 2.103   -1.232  -11.699 1.00 8.19  ? 2854 ARG A C   1 
ATOM   548  O O   . ARG A 1 66  ? 3.027   -1.106  -12.514 1.00 8.59  ? 2854 ARG A O   1 
ATOM   549  C CB  . ARG A 1 66  ? 0.906   0.845   -10.740 1.00 7.73  ? 2854 ARG A CB  1 
ATOM   550  C CG  . ARG A 1 66  ? 0.067   2.071   -11.092 1.00 8.44  ? 2854 ARG A CG  1 
ATOM   551  C CD  . ARG A 1 66  ? -0.027  3.064   -9.977  1.00 8.47  ? 2854 ARG A CD  1 
ATOM   552  N NE  . ARG A 1 66  ? -0.709  4.241   -10.463 1.00 8.27  ? 2854 ARG A NE  1 
ATOM   553  C CZ  . ARG A 1 66  ? -0.843  5.411   -9.855  1.00 8.83  ? 2854 ARG A CZ  1 
ATOM   554  N NH1 . ARG A 1 66  ? -0.203  5.692   -8.724  1.00 7.96  ? 2854 ARG A NH1 1 
ATOM   555  N NH2 . ARG A 1 66  ? -1.521  6.368   -10.487 1.00 9.82  ? 2854 ARG A NH2 1 
ATOM   556  N N   . VAL A 1 67  ? 2.026   -2.246  -10.803 1.00 8.19  ? 2855 VAL A N   1 
ATOM   557  C CA  . VAL A 1 67  ? 3.087   -3.228  -10.743 1.00 8.78  ? 2855 VAL A CA  1 
ATOM   558  C C   . VAL A 1 67  ? 3.234   -4.048  -12.068 1.00 8.61  ? 2855 VAL A C   1 
ATOM   559  O O   . VAL A 1 67  ? 4.311   -4.228  -12.693 1.00 9.04  ? 2855 VAL A O   1 
ATOM   560  C CB  . VAL A 1 67  ? 2.936   -4.181  -9.542  1.00 8.88  ? 2855 VAL A CB  1 
ATOM   561  C CG1 . VAL A 1 67  ? 3.896   -5.362  -9.634  1.00 10.18 ? 2855 VAL A CG1 1 
ATOM   562  C CG2 . VAL A 1 67  ? 3.244   -3.393  -8.220  1.00 9.68  ? 2855 VAL A CG2 1 
ATOM   563  N N   . GLN A 1 68  ? 2.064   -4.469  -12.538 1.00 8.40  ? 2856 GLN A N   1 
ATOM   564  C CA  . GLN A 1 68  ? 2.037   -5.256  -13.828 1.00 10.67 ? 2856 GLN A CA  1 
ATOM   565  C C   . GLN A 1 68  ? 2.582   -4.475  -15.030 1.00 11.94 ? 2856 GLN A C   1 
ATOM   566  O O   . GLN A 1 68  ? 3.265   -5.035  -15.859 1.00 11.75 ? 2856 GLN A O   1 
ATOM   567  C CB  . GLN A 1 68  ? 0.628   -5.780  -14.087 1.00 10.78 ? 2856 GLN A CB  1 
ATOM   568  C CG  . GLN A 1 68  ? 0.103   -6.821  -13.097 1.00 11.27 ? 2856 GLN A CG  1 
ATOM   569  C CD  . GLN A 1 68  ? -1.343  -7.292  -13.385 1.00 13.88 ? 2856 GLN A CD  1 
ATOM   570  O OE1 . GLN A 1 68  ? -2.310  -6.538  -13.344 1.00 17.39 ? 2856 GLN A OE1 1 
ATOM   571  N NE2 . GLN A 1 68  ? -1.464  -8.599  -13.763 1.00 16.16 ? 2856 GLN A NE2 1 
ATOM   572  N N   . ARG A 1 69  ? 2.244   -3.178  -15.070 1.00 10.20 ? 2857 ARG A N   1 
ATOM   573  C CA  . ARG A 1 69  ? 2.731   -2.238  -16.121 1.00 12.23 ? 2857 ARG A CA  1 
ATOM   574  C C   . ARG A 1 69  ? 4.157   -1.698  -15.868 1.00 11.62 ? 2857 ARG A C   1 
ATOM   575  O O   . ARG A 1 69  ? 4.644   -0.949  -16.658 1.00 12.70 ? 2857 ARG A O   1 
ATOM   576  C CB  . ARG A 1 69  ? 1.730   -1.059  -16.255 1.00 14.62 ? 2857 ARG A CB  1 
ATOM   577  C CG  . ARG A 1 69  ? 0.255   -1.426  -16.469 1.00 19.34 ? 2857 ARG A CG  1 
ATOM   578  C CD  . ARG A 1 69  ? -0.087  -1.577  -17.881 1.00 25.93 ? 2857 ARG A CD  1 
ATOM   579  N NE  . ARG A 1 69  ? -1.539  -1.602  -18.157 1.00 24.47 ? 2857 ARG A NE  1 
ATOM   580  C CZ  . ARG A 1 69  ? -2.174  -2.558  -18.872 1.00 28.06 ? 2857 ARG A CZ  1 
ATOM   581  N NH1 . ARG A 1 69  ? -1.513  -3.715  -19.396 1.00 16.35 ? 2857 ARG A NH1 1 
ATOM   582  N NH2 . ARG A 1 69  ? -3.530  -2.327  -19.084 1.00 27.84 ? 2857 ARG A NH2 1 
ATOM   583  N N   . ARG A 1 70  ? 4.798   -2.047  -14.762 1.00 10.07 ? 2858 ARG A N   1 
ATOM   584  C CA  . ARG A 1 70  ? 6.166   -1.587  -14.447 1.00 12.13 ? 2858 ARG A CA  1 
ATOM   585  C C   . ARG A 1 70  ? 6.228   -0.025  -14.305 1.00 11.34 ? 2858 ARG A C   1 
ATOM   586  O O   . ARG A 1 70  ? 7.236   0.597   -14.701 1.00 11.15 ? 2858 ARG A O   1 
ATOM   587  C CB  . ARG A 1 70  ? 7.281   -2.121  -15.375 1.00 14.85 ? 2858 ARG A CB  1 
ATOM   588  C CG  . ARG A 1 70  ? 7.335   -3.638  -15.620 1.00 19.18 ? 2858 ARG A CG  1 
ATOM   589  C CD  . ARG A 1 70  ? 7.476   -4.444  -14.363 1.00 19.54 ? 2858 ARG A CD  1 
ATOM   590  N NE  . ARG A 1 70  ? 7.762   -5.911  -14.552 1.00 19.91 ? 2858 ARG A NE  1 
ATOM   591  C CZ  . ARG A 1 70  ? 6.856   -6.918  -14.543 1.00 20.64 ? 2858 ARG A CZ  1 
ATOM   592  N NH1 . ARG A 1 70  ? 5.546   -6.738  -14.449 1.00 19.60 ? 2858 ARG A NH1 1 
ATOM   593  N NH2 . ARG A 1 70  ? 7.289   -8.147  -14.680 1.00 25.21 ? 2858 ARG A NH2 1 
ATOM   594  N N   . TYR A 1 71  ? 5.181   0.511   -13.682 1.00 9.70  ? 2859 TYR A N   1 
ATOM   595  C CA  . TYR A 1 71  ? 5.035   1.957   -13.386 1.00 9.62  ? 2859 TYR A CA  1 
ATOM   596  C C   . TYR A 1 71  ? 6.129   2.512   -12.501 1.00 10.81 ? 2859 TYR A C   1 
ATOM   597  O O   . TYR A 1 71  ? 6.674   3.615   -12.755 1.00 10.33 ? 2859 TYR A O   1 
ATOM   598  C CB  . TYR A 1 71  ? 3.673   2.211   -12.808 1.00 8.76  ? 2859 TYR A CB  1 
ATOM   599  C CG  . TYR A 1 71  ? 3.423   3.578   -12.169 1.00 8.57  ? 2859 TYR A CG  1 
ATOM   600  C CD1 . TYR A 1 71  ? 2.877   4.589   -12.936 1.00 11.26 ? 2859 TYR A CD1 1 
ATOM   601  C CD2 . TYR A 1 71  ? 3.632   3.796   -10.802 1.00 9.46  ? 2859 TYR A CD2 1 
ATOM   602  C CE1 . TYR A 1 71  ? 2.607   5.849   -12.340 1.00 10.02 ? 2859 TYR A CE1 1 
ATOM   603  C CE2 . TYR A 1 71  ? 3.395   5.006   -10.202 1.00 9.55  ? 2859 TYR A CE2 1 
ATOM   604  C CZ  . TYR A 1 71  ? 2.893   6.054   -10.990 1.00 9.92  ? 2859 TYR A CZ  1 
ATOM   605  O OH  . TYR A 1 71  ? 2.479   7.290   -10.404 1.00 10.75 ? 2859 TYR A OH  1 
ATOM   606  N N   . TYR A 1 72  ? 6.492   1.748   -11.457 1.00 9.42  ? 2860 TYR A N   1 
ATOM   607  C CA  . TYR A 1 72  ? 7.419   2.197   -10.464 1.00 10.23 ? 2860 TYR A CA  1 
ATOM   608  C C   . TYR A 1 72  ? 8.888   2.037   -10.921 1.00 11.23 ? 2860 TYR A C   1 
ATOM   609  O O   . TYR A 1 72  ? 9.271   1.010   -11.487 1.00 10.50 ? 2860 TYR A O   1 
ATOM   610  C CB  . TYR A 1 72  ? 7.256   1.402   -9.203  1.00 9.21  ? 2860 TYR A CB  1 
ATOM   611  C CG  . TYR A 1 72  ? 5.864   1.405   -8.603  1.00 8.30  ? 2860 TYR A CG  1 
ATOM   612  C CD1 . TYR A 1 72  ? 5.305   2.599   -7.963  1.00 7.61  ? 2860 TYR A CD1 1 
ATOM   613  C CD2 . TYR A 1 72  ? 4.972   0.368   -8.763  1.00 9.52  ? 2860 TYR A CD2 1 
ATOM   614  C CE1 . TYR A 1 72  ? 4.033   2.669   -7.454  1.00 7.96  ? 2860 TYR A CE1 1 
ATOM   615  C CE2 . TYR A 1 72  ? 3.733   0.440   -8.291  1.00 8.31  ? 2860 TYR A CE2 1 
ATOM   616  C CZ  . TYR A 1 72  ? 3.179   1.650   -7.681  1.00 7.49  ? 2860 TYR A CZ  1 
ATOM   617  O OH  . TYR A 1 72  ? 1.863   1.659   -7.257  1.00 7.90  ? 2860 TYR A OH  1 
ATOM   618  N N   . GLU A 1 73  ? 9.685   3.093   -10.751 1.00 12.78 ? 2861 GLU A N   1 
ATOM   619  C CA  . GLU A 1 73  ? 11.114  3.053   -11.150 1.00 14.79 ? 2861 GLU A CA  1 
ATOM   620  C C   . GLU A 1 73  ? 12.043  2.899   -9.936  1.00 12.68 ? 2861 GLU A C   1 
ATOM   621  O O   . GLU A 1 73  ? 13.193  2.448   -10.060 1.00 13.73 ? 2861 GLU A O   1 
ATOM   622  C CB  . GLU A 1 73  ? 11.506  4.251   -11.980 1.00 18.00 ? 2861 GLU A CB  1 
ATOM   623  C CG  . GLU A 1 73  ? 10.845  4.163   -13.322 1.00 23.53 ? 2861 GLU A CG  1 
ATOM   624  C CD  . GLU A 1 73  ? 11.352  5.206   -14.282 1.00 29.32 ? 2861 GLU A CD  1 
ATOM   625  O OE1 . GLU A 1 73  ? 11.923  6.237   -13.847 1.00 33.21 ? 2861 GLU A OE1 1 
ATOM   626  O OE2 . GLU A 1 73  ? 11.207  4.941   -15.489 1.00 35.70 ? 2861 GLU A OE2 1 
ATOM   627  N N   . LYS A 1 74  ? 11.537  3.303   -8.759  1.00 10.81 ? 2862 LYS A N   1 
ATOM   628  C CA  . LYS A 1 74  ? 12.319  3.240   -7.530  1.00 12.36 ? 2862 LYS A CA  1 
ATOM   629  C C   . LYS A 1 74  ? 11.419  2.726   -6.405  1.00 10.81 ? 2862 LYS A C   1 
ATOM   630  O O   . LYS A 1 74  ? 10.242  2.984   -6.399  1.00 10.99 ? 2862 LYS A O   1 
ATOM   631  C CB  . LYS A 1 74  ? 12.772  4.678   -7.110  1.00 14.26 ? 2862 LYS A CB  1 
ATOM   632  C CG  . LYS A 1 74  ? 13.581  5.438   -8.198  1.00 17.83 ? 2862 LYS A CG  1 
ATOM   633  C CD  . LYS A 1 74  ? 14.958  4.892   -8.504  1.00 23.76 ? 2862 LYS A CD  1 
ATOM   634  C CE  . LYS A 1 74  ? 15.772  5.716   -9.528  1.00 28.11 ? 2862 LYS A CE  1 
ATOM   635  N NZ  . LYS A 1 74  ? 15.321  5.263   -10.901 1.00 32.50 ? 2862 LYS A NZ  1 
ATOM   636  N N   . LEU A 1 75  ? 12.027  2.055   -5.428  1.00 10.15 ? 2863 LEU A N   1 
ATOM   637  C CA  . LEU A 1 75  ? 11.316  1.506   -4.258  1.00 10.30 ? 2863 LEU A CA  1 
ATOM   638  C C   . LEU A 1 75  ? 10.508  2.600   -3.511  1.00 9.36  ? 2863 LEU A C   1 
ATOM   639  O O   . LEU A 1 75  ? 9.364   2.419   -3.068  1.00 9.00  ? 2863 LEU A O   1 
ATOM   640  C CB  . LEU A 1 75  ? 12.205  0.729   -3.308  1.00 10.43 ? 2863 LEU A CB  1 
ATOM   641  C CG  . LEU A 1 75  ? 11.587  0.042   -2.125  1.00 9.61  ? 2863 LEU A CG  1 
ATOM   642  C CD1 . LEU A 1 75  ? 10.455  -0.922  -2.505  1.00 8.82  ? 2863 LEU A CD1 1 
ATOM   643  C CD2 . LEU A 1 75  ? 12.676  -0.531  -1.198  1.00 10.56 ? 2863 LEU A CD2 1 
ATOM   644  N N   . THR A 1 76  ? 11.122  3.777   -3.366  1.00 9.41  ? 2864 THR A N   1 
ATOM   645  C CA  . THR A 1 76  ? 10.432  4.890   -2.707  1.00 9.84  ? 2864 THR A CA  1 
ATOM   646  C C   . THR A 1 76  ? 9.000   5.192   -3.283  1.00 9.12  ? 2864 THR A C   1 
ATOM   647  O O   . THR A 1 76  ? 8.078   5.613   -2.559  1.00 9.78  ? 2864 THR A O   1 
ATOM   648  C CB  . THR A 1 76  ? 11.334  6.160   -2.741  1.00 11.88 ? 2864 THR A CB  1 
ATOM   649  O OG1 . THR A 1 76  ? 10.811  7.225   -1.897  1.00 21.21 ? 2864 THR A OG1 1 
ATOM   650  C CG2 . THR A 1 76  ? 11.658  6.559   -4.082  1.00 11.62 ? 2864 THR A CG2 1 
ATOM   651  N N   . GLU A 1 77  ? 8.896   5.050   -4.629  1.00 9.71  ? 2865 GLU A N   1 
ATOM   652  C CA  . GLU A 1 77  ? 7.636   5.376   -5.281  1.00 9.48  ? 2865 GLU A CA  1 
ATOM   653  C C   . GLU A 1 77  ? 6.482   4.356   -4.957  1.00 8.22  ? 2865 GLU A C   1 
ATOM   654  O O   . GLU A 1 77  ? 5.293   4.704   -4.773  1.00 8.55  ? 2865 GLU A O   1 
ATOM   655  C CB  . GLU A 1 77  ? 7.879   5.450   -6.802  1.00 10.77 ? 2865 GLU A CB  1 
ATOM   656  C CG  . GLU A 1 77  ? 8.945   6.459   -7.270  1.00 13.10 ? 2865 GLU A CG  1 
ATOM   657  C CD  . GLU A 1 77  ? 9.322   6.358   -8.756  1.00 18.70 ? 2865 GLU A CD  1 
ATOM   658  O OE1 . GLU A 1 77  ? 8.910   5.425   -9.468  1.00 18.28 ? 2865 GLU A OE1 1 
ATOM   659  O OE2 . GLU A 1 77  ? 10.079  7.314   -9.235  1.00 23.23 ? 2865 GLU A OE2 1 
ATOM   660  N N   . PHE A 1 78  ? 6.938   3.067   -4.855  1.00 7.63  ? 2866 PHE A N   1 
ATOM   661  C CA  . PHE A 1 78  ? 5.989   1.994   -4.418  1.00 8.27  ? 2866 PHE A CA  1 
ATOM   662  C C   . PHE A 1 78  ? 5.566   2.230   -2.983  1.00 7.86  ? 2866 PHE A C   1 
ATOM   663  O O   . PHE A 1 78  ? 4.392   2.128   -2.596  1.00 8.59  ? 2866 PHE A O   1 
ATOM   664  C CB  . PHE A 1 78  ? 6.686   0.666   -4.612  1.00 8.23  ? 2866 PHE A CB  1 
ATOM   665  C CG  . PHE A 1 78  ? 5.932   -0.579  -4.148  1.00 8.34  ? 2866 PHE A CG  1 
ATOM   666  C CD1 . PHE A 1 78  ? 6.068   -1.107  -2.844  1.00 9.90  ? 2866 PHE A CD1 1 
ATOM   667  C CD2 . PHE A 1 78  ? 5.079   -1.287  -4.979  1.00 10.01 ? 2866 PHE A CD2 1 
ATOM   668  C CE1 . PHE A 1 78  ? 5.367   -2.247  -2.460  1.00 10.63 ? 2866 PHE A CE1 1 
ATOM   669  C CE2 . PHE A 1 78  ? 4.402   -2.456  -4.595  1.00 8.98  ? 2866 PHE A CE2 1 
ATOM   670  C CZ  . PHE A 1 78  ? 4.553   -2.932  -3.331  1.00 9.99  ? 2866 PHE A CZ  1 
ATOM   671  N N   . VAL A 1 79  ? 6.558   2.533   -2.091  1.00 7.70  ? 2867 VAL A N   1 
ATOM   672  C CA  . VAL A 1 79  ? 6.261   2.826   -0.677  1.00 8.22  ? 2867 VAL A CA  1 
ATOM   673  C C   . VAL A 1 79  ? 5.264   4.013   -0.510  1.00 7.48  ? 2867 VAL A C   1 
ATOM   674  O O   . VAL A 1 79  ? 4.365   4.013   0.336   1.00 8.01  ? 2867 VAL A O   1 
ATOM   675  C CB  . VAL A 1 79  ? 7.552   2.993   0.184   1.00 9.03  ? 2867 VAL A CB  1 
ATOM   676  C CG1 . VAL A 1 79  ? 7.283   3.458   1.620   1.00 9.97  ? 2867 VAL A CG1 1 
ATOM   677  C CG2 . VAL A 1 79  ? 8.364   1.697   0.136   1.00 10.00 ? 2867 VAL A CG2 1 
ATOM   678  N N   . ALA A 1 80  ? 5.538   5.044   -1.312  1.00 7.79  ? 2868 ALA A N   1 
ATOM   679  C CA  . ALA A 1 80  ? 4.652   6.238   -1.367  1.00 7.91  ? 2868 ALA A CA  1 
ATOM   680  C C   . ALA A 1 80  ? 3.132   5.941   -1.679  1.00 6.80  ? 2868 ALA A C   1 
ATOM   681  O O   . ALA A 1 80  ? 2.260   6.406   -1.020  1.00 7.66  ? 2868 ALA A O   1 
ATOM   682  C CB  . ALA A 1 80  ? 5.219   7.346   -2.307  1.00 8.23  ? 2868 ALA A CB  1 
ATOM   683  N N   . ASP A 1 81  ? 2.935   5.143   -2.762  1.00 6.47  ? 2869 ASP A N   1 
ATOM   684  C CA  . ASP A 1 81  ? 1.568   4.782   -3.017  1.00 7.01  ? 2869 ASP A CA  1 
ATOM   685  C C   . ASP A 1 81  ? 0.943   3.928   -1.936  1.00 6.48  ? 2869 ASP A C   1 
ATOM   686  O O   . ASP A 1 81  ? -0.219  4.166   -1.574  1.00 7.67  ? 2869 ASP A O   1 
ATOM   687  C CB  . ASP A 1 81  ? 1.449   4.001   -4.327  1.00 7.50  ? 2869 ASP A CB  1 
ATOM   688  C CG  . ASP A 1 81  ? 1.361   4.855   -5.624  1.00 9.37  ? 2869 ASP A CG  1 
ATOM   689  O OD1 . ASP A 1 81  ? 1.245   6.116   -5.577  1.00 10.03 ? 2869 ASP A OD1 1 
ATOM   690  O OD2 . ASP A 1 81  ? 1.303   4.215   -6.706  1.00 8.06  ? 2869 ASP A OD2 1 
ATOM   691  N N   . MET A 1 82  ? 1.732   2.949   -1.328  1.00 6.72  ? 2870 MET A N   1 
ATOM   692  C CA  . MET A 1 82  ? 1.152   2.159   -0.255  1.00 7.37  ? 2870 MET A CA  1 
ATOM   693  C C   . MET A 1 82  ? 0.764   2.999   1.002   1.00 7.64  ? 2870 MET A C   1 
ATOM   694  O O   . MET A 1 82  ? -0.286  2.894   1.639   1.00 8.03  ? 2870 MET A O   1 
ATOM   695  C CB  . MET A 1 82  ? 2.192   1.103   0.173   1.00 8.54  ? 2870 MET A CB  1 
ATOM   696  C CG  . MET A 1 82  ? 1.549   0.055   1.082   1.00 8.77  ? 2870 MET A CG  1 
ATOM   697  S SD  . MET A 1 82  ? 0.241   -1.015  0.515   1.00 10.36 ? 2870 MET A SD  1 
ATOM   698  C CE  . MET A 1 82  ? 0.998   -1.924  -0.709  1.00 10.57 ? 2870 MET A CE  1 
ATOM   699  N N   . THR A 1 83  ? 1.700   3.916   1.330   1.00 8.09  ? 2871 THR A N   1 
ATOM   700  C CA  . THR A 1 83  ? 1.528   4.811   2.442   1.00 8.60  ? 2871 THR A CA  1 
ATOM   701  C C   . THR A 1 83  ? 0.240   5.683   2.258   1.00 8.97  ? 2871 THR A C   1 
ATOM   702  O O   . THR A 1 83  ? -0.443  6.045   3.206   1.00 8.71  ? 2871 THR A O   1 
ATOM   703  C CB  . THR A 1 83  ? 2.846   5.594   2.693   1.00 9.19  ? 2871 THR A CB  1 
ATOM   704  O OG1 . THR A 1 83  ? 3.909   4.695   2.991   1.00 10.16 ? 2871 THR A OG1 1 
ATOM   705  C CG2 . THR A 1 83  ? 2.701   6.555   3.877   1.00 11.50 ? 2871 THR A CG2 1 
ATOM   706  N N   . LYS A 1 84  ? 0.030   6.136   1.020   1.00 8.92  ? 2872 LYS A N   1 
ATOM   707  C CA  . LYS A 1 84  ? -1.157  6.945   0.773   1.00 8.65  ? 2872 LYS A CA  1 
ATOM   708  C C   . LYS A 1 84  ? -2.556  6.227   1.110   1.00 7.16  ? 2872 LYS A C   1 
ATOM   709  O O   . LYS A 1 84  ? -3.468  6.806   1.541   1.00 7.80  ? 2872 LYS A O   1 
ATOM   710  C CB  . LYS A 1 84  ? -1.059  7.415   -0.681  1.00 11.72 ? 2872 LYS A CB  1 
ATOM   711  C CG  . LYS A 1 84  ? -1.997  8.408   -1.217  1.00 13.73 ? 2872 LYS A CG  1 
ATOM   712  C CD  . LYS A 1 84  ? -1.506  9.158   -2.426  1.00 13.54 ? 2872 LYS A CD  1 
ATOM   713  C CE  . LYS A 1 84  ? -1.469  8.379   -3.730  1.00 13.48 ? 2872 LYS A CE  1 
ATOM   714  N NZ  . LYS A 1 84  ? -0.765  9.203   -4.797  1.00 13.86 ? 2872 LYS A NZ  1 
ATOM   715  N N   . ILE A 1 85  ? -2.566  4.889   0.814   1.00 7.46  ? 2873 ILE A N   1 
ATOM   716  C CA  . ILE A 1 85  ? -3.712  4.088   1.177   1.00 7.83  ? 2873 ILE A CA  1 
ATOM   717  C C   . ILE A 1 85  ? -4.078  4.311   2.712   1.00 7.38  ? 2873 ILE A C   1 
ATOM   718  O O   . ILE A 1 85  ? -5.213  4.560   3.117   1.00 8.47  ? 2873 ILE A O   1 
ATOM   719  C CB  . ILE A 1 85  ? -3.524  2.582   0.957   1.00 7.97  ? 2873 ILE A CB  1 
ATOM   720  C CG1 . ILE A 1 85  ? -3.364  2.334   -0.557  1.00 7.93  ? 2873 ILE A CG1 1 
ATOM   721  C CG2 . ILE A 1 85  ? -4.713  1.733   1.430   1.00 7.43  ? 2873 ILE A CG2 1 
ATOM   722  C CD1 . ILE A 1 85  ? -3.196  0.929   -0.968  1.00 7.84  ? 2873 ILE A CD1 1 
ATOM   723  N N   . PHE A 1 86  ? -3.005  4.177   3.505   1.00 8.04  ? 2874 PHE A N   1 
ATOM   724  C CA  . PHE A 1 86  ? -3.168  4.194   4.973   1.00 7.54  ? 2874 PHE A CA  1 
ATOM   725  C C   . PHE A 1 86  ? -3.425  5.637   5.519   1.00 7.34  ? 2874 PHE A C   1 
ATOM   726  O O   . PHE A 1 86  ? -4.286  5.861   6.360   1.00 7.75  ? 2874 PHE A O   1 
ATOM   727  C CB  . PHE A 1 86  ? -2.009  3.523   5.744   1.00 8.31  ? 2874 PHE A CB  1 
ATOM   728  C CG  . PHE A 1 86  ? -1.673  2.130   5.200   1.00 9.11  ? 2874 PHE A CG  1 
ATOM   729  C CD1 . PHE A 1 86  ? -2.675  1.218   5.068   1.00 9.93  ? 2874 PHE A CD1 1 
ATOM   730  C CD2 . PHE A 1 86  ? -0.371  1.808   4.920   1.00 9.30  ? 2874 PHE A CD2 1 
ATOM   731  C CE1 . PHE A 1 86  ? -2.323  -0.139  4.585   1.00 10.45 ? 2874 PHE A CE1 1 
ATOM   732  C CE2 . PHE A 1 86  ? -0.060  0.526   4.461   1.00 10.74 ? 2874 PHE A CE2 1 
ATOM   733  C CZ  . PHE A 1 86  ? -1.036  -0.366  4.312   1.00 11.03 ? 2874 PHE A CZ  1 
ATOM   734  N N   . ASP A 1 87  ? -2.646  6.566   4.931   1.00 7.33  ? 2875 ASP A N   1 
ATOM   735  C CA  . ASP A 1 87  ? -2.866  7.990   5.361   1.00 8.37  ? 2875 ASP A CA  1 
ATOM   736  C C   . ASP A 1 87  ? -4.225  8.551   4.957   1.00 7.55  ? 2875 ASP A C   1 
ATOM   737  O O   . ASP A 1 87  ? -4.827  9.325   5.752   1.00 6.92  ? 2875 ASP A O   1 
ATOM   738  C CB  . ASP A 1 87  ? -1.763  8.931   4.837   1.00 8.95  ? 2875 ASP A CB  1 
ATOM   739  C CG  . ASP A 1 87  ? -0.323  8.685   5.484   1.00 10.34 ? 2875 ASP A CG  1 
ATOM   740  O OD1 . ASP A 1 87  ? -0.206  8.002   6.523   1.00 11.92 ? 2875 ASP A OD1 1 
ATOM   741  O OD2 . ASP A 1 87  ? 0.646   9.244   4.931   1.00 11.77 ? 2875 ASP A OD2 1 
ATOM   742  N N   . ASN A 1 88  ? -4.687  8.167   3.744   1.00 7.75  ? 2876 ASN A N   1 
ATOM   743  C CA  . ASN A 1 88  ? -5.982  8.615   3.307   1.00 8.25  ? 2876 ASN A CA  1 
ATOM   744  C C   . ASN A 1 88  ? -7.112  8.136   4.301   1.00 7.80  ? 2876 ASN A C   1 
ATOM   745  O O   . ASN A 1 88  ? -8.029  8.812   4.700   1.00 8.94  ? 2876 ASN A O   1 
ATOM   746  C CB  . ASN A 1 88  ? -6.318  8.072   1.906   1.00 7.30  ? 2876 ASN A CB  1 
ATOM   747  C CG  . ASN A 1 88  ? -5.615  8.772   0.774   1.00 7.94  ? 2876 ASN A CG  1 
ATOM   748  O OD1 . ASN A 1 88  ? -4.942  9.818   0.954   1.00 8.81  ? 2876 ASN A OD1 1 
ATOM   749  N ND2 . ASN A 1 88  ? -5.713  8.187   -0.478  1.00 7.23  ? 2876 ASN A ND2 1 
ATOM   750  N N   . CYS A 1 89  ? -6.942  6.848   4.748   1.00 7.39  ? 2877 CYS A N   1 
ATOM   751  C CA  . CYS A 1 89  ? -7.920  6.245   5.623   1.00 9.14  ? 2877 CYS A CA  1 
ATOM   752  C C   . CYS A 1 89  ? -7.992  6.927   7.056   1.00 8.27  ? 2877 CYS A C   1 
ATOM   753  O O   . CYS A 1 89  ? -9.046  7.137   7.637   1.00 9.38  ? 2877 CYS A O   1 
ATOM   754  C CB  . CYS A 1 89  ? -7.556  4.705   5.770   1.00 8.32  ? 2877 CYS A CB  1 
ATOM   755  S SG  . CYS A 1 89  ? -8.713  3.732   6.746   1.00 10.81 ? 2877 CYS A SG  1 
ATOM   756  N N   . ARG A 1 90  ? -6.773  7.183   7.551   1.00 9.00  ? 2878 ARG A N   1 
ATOM   757  C CA  . ARG A 1 90  ? -6.697  7.788   8.940   1.00 9.65  ? 2878 ARG A CA  1 
ATOM   758  C C   . ARG A 1 90  ? -7.095  9.227   8.881   1.00 9.66  ? 2878 ARG A C   1 
ATOM   759  O O   . ARG A 1 90  ? -7.516  9.706   9.877   1.00 10.17 ? 2878 ARG A O   1 
ATOM   760  C CB  . ARG A 1 90  ? -5.275  7.637   9.526   1.00 10.50 ? 2878 ARG A CB  1 
ATOM   761  C CG  . ARG A 1 90  ? -4.963  6.154   9.925   1.00 11.21 ? 2878 ARG A CG  1 
ATOM   762  C CD  . ARG A 1 90  ? -3.650  6.028   10.668  1.00 11.96 ? 2878 ARG A CD  1 
ATOM   763  N NE  . ARG A 1 90  ? -2.562  6.319   9.778   1.00 12.02 ? 2878 ARG A NE  1 
ATOM   764  C CZ  . ARG A 1 90  ? -1.698  5.413   9.260   1.00 11.55 ? 2878 ARG A CZ  1 
ATOM   765  N NH1 . ARG A 1 90  ? -1.663  4.136   9.728   1.00 12.67 ? 2878 ARG A NH1 1 
ATOM   766  N NH2 . ARG A 1 90  ? -0.809  5.774   8.303   1.00 12.03 ? 2878 ARG A NH2 1 
ATOM   767  N N   . TYR A 1 91  ? -7.008  9.899   7.738   1.00 9.07  ? 2879 TYR A N   1 
ATOM   768  C CA  . TYR A 1 91  ? -7.510  11.295  7.609   1.00 10.91 ? 2879 TYR A CA  1 
ATOM   769  C C   . TYR A 1 91  ? -9.044  11.311  7.433   1.00 12.00 ? 2879 TYR A C   1 
ATOM   770  O O   . TYR A 1 91  ? -9.731  12.176  7.958   1.00 11.03 ? 2879 TYR A O   1 
ATOM   771  C CB  . TYR A 1 91  ? -6.837  11.977  6.434   1.00 11.42 ? 2879 TYR A CB  1 
ATOM   772  C CG  . TYR A 1 91  ? -7.295  13.383  6.069   1.00 9.57  ? 2879 TYR A CG  1 
ATOM   773  C CD1 . TYR A 1 91  ? -7.106  14.467  6.957   1.00 9.89  ? 2879 TYR A CD1 1 
ATOM   774  C CD2 . TYR A 1 91  ? -7.849  13.682  4.825   1.00 10.03 ? 2879 TYR A CD2 1 
ATOM   775  C CE1 . TYR A 1 91  ? -7.488  15.759  6.577   1.00 9.63  ? 2879 TYR A CE1 1 
ATOM   776  C CE2 . TYR A 1 91  ? -8.210  14.985  4.485   1.00 10.61 ? 2879 TYR A CE2 1 
ATOM   777  C CZ  . TYR A 1 91  ? -8.024  16.001  5.374   1.00 10.53 ? 2879 TYR A CZ  1 
ATOM   778  O OH  . TYR A 1 91  ? -8.382  17.334  4.962   1.00 11.48 ? 2879 TYR A OH  1 
ATOM   779  N N   . TYR A 1 92  ? -9.581  10.446  6.636   1.00 10.35 ? 2880 TYR A N   1 
ATOM   780  C CA  . TYR A 1 92  ? -11.028 10.456  6.398   1.00 10.23 ? 2880 TYR A CA  1 
ATOM   781  C C   . TYR A 1 92  ? -11.886 9.964   7.551   1.00 10.74 ? 2880 TYR A C   1 
ATOM   782  O O   . TYR A 1 92  ? -12.964 10.534  7.811   1.00 13.08 ? 2880 TYR A O   1 
ATOM   783  C CB  . TYR A 1 92  ? -11.410 9.680   5.073   1.00 11.28 ? 2880 TYR A CB  1 
ATOM   784  C CG  . TYR A 1 92  ? -12.909 9.741   4.750   1.00 13.35 ? 2880 TYR A CG  1 
ATOM   785  C CD1 . TYR A 1 92  ? -13.479 10.854  4.127   1.00 14.14 ? 2880 TYR A CD1 1 
ATOM   786  C CD2 . TYR A 1 92  ? -13.774 8.716   5.113   1.00 15.26 ? 2880 TYR A CD2 1 
ATOM   787  C CE1 . TYR A 1 92  ? -14.856 10.875  3.855   1.00 14.87 ? 2880 TYR A CE1 1 
ATOM   788  C CE2 . TYR A 1 92  ? -15.143 8.757   4.820   1.00 16.90 ? 2880 TYR A CE2 1 
ATOM   789  C CZ  . TYR A 1 92  ? -15.671 9.842   4.268   1.00 15.27 ? 2880 TYR A CZ  1 
ATOM   790  O OH  . TYR A 1 92  ? -17.057 9.901   3.934   1.00 18.12 ? 2880 TYR A OH  1 
ATOM   791  N N   . ASN A 1 93  ? -11.450 8.899   8.222   1.00 9.93  ? 2881 ASN A N   1 
ATOM   792  C CA  . ASN A 1 93  ? -12.239 8.156   9.219   1.00 9.76  ? 2881 ASN A CA  1 
ATOM   793  C C   . ASN A 1 93  ? -11.836 8.566   10.663  1.00 12.27 ? 2881 ASN A C   1 
ATOM   794  O O   . ASN A 1 93  ? -10.642 8.912   10.860  1.00 11.40 ? 2881 ASN A O   1 
ATOM   795  C CB  . ASN A 1 93  ? -12.020 6.634   9.003   1.00 11.21 ? 2881 ASN A CB  1 
ATOM   796  C CG  . ASN A 1 93  ? -12.495 6.141   7.650   1.00 10.13 ? 2881 ASN A CG  1 
ATOM   797  O OD1 . ASN A 1 93  ? -13.769 6.056   7.420   1.00 10.76 ? 2881 ASN A OD1 1 
ATOM   798  N ND2 . ASN A 1 93  ? -11.592 5.762   6.743   1.00 11.65 ? 2881 ASN A ND2 1 
ATOM   799  N N   . PRO A 1 94  ? -12.772 8.489   11.612  1.00 14.13 ? 2882 PRO A N   1 
ATOM   800  C CA  . PRO A 1 94  ? -12.340 8.793   13.026  1.00 16.62 ? 2882 PRO A CA  1 
ATOM   801  C C   . PRO A 1 94  ? -11.539 7.649   13.620  1.00 15.57 ? 2882 PRO A C   1 
ATOM   802  O O   . PRO A 1 94  ? -11.583 6.491   13.133  1.00 14.01 ? 2882 PRO A O   1 
ATOM   803  C CB  . PRO A 1 94  ? -13.671 8.961   13.816  1.00 19.08 ? 2882 PRO A CB  1 
ATOM   804  C CG  . PRO A 1 94  ? -14.710 8.289   12.942  1.00 17.32 ? 2882 PRO A CG  1 
ATOM   805  C CD  . PRO A 1 94  ? -14.227 8.249   11.497  1.00 16.46 ? 2882 PRO A CD  1 
ATOM   806  N N   . SER A 1 95  ? -10.743 7.965   14.627  1.00 14.70 ? 2883 SER A N   1 
ATOM   807  C CA  . SER A 1 95  ? -9.819  7.045   15.279  1.00 17.32 ? 2883 SER A CA  1 
ATOM   808  C C   . SER A 1 95  ? -10.454 5.830   15.929  1.00 18.16 ? 2883 SER A C   1 
ATOM   809  O O   . SER A 1 95  ? -9.782  4.814   16.071  1.00 19.01 ? 2883 SER A O   1 
ATOM   810  C CB  . SER A 1 95  ? -8.856  7.747   16.277  1.00 17.31 ? 2883 SER A CB  1 
ATOM   811  O OG  . SER A 1 95  ? -9.587  8.268   17.383  1.00 20.75 ? 2883 SER A OG  1 
ATOM   812  N N   . ASP A 1 96  ? -11.740 5.887   16.186  1.00 15.85 ? 2884 ASP A N   1 
ATOM   813  C CA  . ASP A 1 96  ? -12.463 4.704   16.703  1.00 18.79 ? 2884 ASP A CA  1 
ATOM   814  C C   . ASP A 1 96  ? -13.294 3.893   15.687  1.00 17.75 ? 2884 ASP A C   1 
ATOM   815  O O   . ASP A 1 96  ? -14.130 3.074   16.083  1.00 21.91 ? 2884 ASP A O   1 
ATOM   816  C CB  . ASP A 1 96  ? -13.301 5.126   17.929  1.00 23.58 ? 2884 ASP A CB  1 
ATOM   817  C CG  . ASP A 1 96  ? -14.450 6.040   17.564  1.00 26.22 ? 2884 ASP A CG  1 
ATOM   818  O OD1 . ASP A 1 96  ? -14.554 6.552   16.409  1.00 23.22 ? 2884 ASP A OD1 1 
ATOM   819  O OD2 . ASP A 1 96  ? -15.309 6.266   18.464  1.00 32.00 ? 2884 ASP A OD2 1 
ATOM   820  N N   A SER A 1 97  ? -13.059 4.102   14.405  0.25 16.80 ? 2885 SER A N   1 
ATOM   821  N N   B SER A 1 97  ? -13.039 4.129   14.397  0.25 16.40 ? 2885 SER A N   1 
ATOM   822  C CA  A SER A 1 97  ? -13.759 3.349   13.385  0.25 16.09 ? 2885 SER A CA  1 
ATOM   823  C CA  B SER A 1 97  ? -13.644 3.392   13.279  0.25 15.37 ? 2885 SER A CA  1 
ATOM   824  C C   A SER A 1 97  ? -12.963 2.081   13.035  0.25 15.56 ? 2885 SER A C   1 
ATOM   825  C C   B SER A 1 97  ? -12.917 2.048   13.059  0.25 15.28 ? 2885 SER A C   1 
ATOM   826  O O   A SER A 1 97  ? -11.727 2.088   13.038  0.25 14.91 ? 2885 SER A O   1 
ATOM   827  O O   B SER A 1 97  ? -11.688 1.964   13.194  0.25 15.01 ? 2885 SER A O   1 
ATOM   828  C CB  A SER A 1 97  ? -13.935 4.223   12.167  0.25 16.01 ? 2885 SER A CB  1 
ATOM   829  C CB  B SER A 1 97  ? -13.577 4.259   12.004  0.25 15.06 ? 2885 SER A CB  1 
ATOM   830  O OG  A SER A 1 97  ? -12.684 4.420   11.569  0.25 15.50 ? 2885 SER A OG  1 
ATOM   831  O OG  B SER A 1 97  ? -13.996 3.560   10.830  0.25 13.66 ? 2885 SER A OG  1 
ATOM   832  N N   . PRO A 1 98  ? -13.662 0.986   12.703  1.00 14.88 ? 2886 PRO A N   1 
ATOM   833  C CA  . PRO A 1 98  ? -12.949 -0.241  12.241  1.00 15.01 ? 2886 PRO A CA  1 
ATOM   834  C C   . PRO A 1 98  ? -12.034 0.048   10.987  1.00 12.15 ? 2886 PRO A C   1 
ATOM   835  O O   . PRO A 1 98  ? -11.053 -0.602  10.821  1.00 12.73 ? 2886 PRO A O   1 
ATOM   836  C CB  . PRO A 1 98  ? -14.059 -1.242  11.888  1.00 17.06 ? 2886 PRO A CB  1 
ATOM   837  C CG  . PRO A 1 98  ? -15.317 -0.512  12.027  1.00 20.25 ? 2886 PRO A CG  1 
ATOM   838  C CD  . PRO A 1 98  ? -15.146 0.800   12.733  1.00 17.74 ? 2886 PRO A CD  1 
ATOM   839  N N   . PHE A 1 99  ? -12.429 1.036   10.127  1.00 10.59 ? 2887 PHE A N   1 
ATOM   840  C CA  . PHE A 1 99  ? -11.608 1.349   9.017   1.00 11.15 ? 2887 PHE A CA  1 
ATOM   841  C C   . PHE A 1 99  ? -10.194 1.891   9.425   1.00 9.14  ? 2887 PHE A C   1 
ATOM   842  O O   . PHE A 1 99  ? -9.212  1.418   8.916   1.00 9.75  ? 2887 PHE A O   1 
ATOM   843  C CB  . PHE A 1 99  ? -12.280 2.371   8.089   1.00 11.81 ? 2887 PHE A CB  1 
ATOM   844  C CG  . PHE A 1 99  ? -13.588 1.885   7.496   1.00 14.36 ? 2887 PHE A CG  1 
ATOM   845  C CD1 . PHE A 1 99  ? -13.599 0.882   6.540   1.00 18.06 ? 2887 PHE A CD1 1 
ATOM   846  C CD2 . PHE A 1 99  ? -14.813 2.454   7.897   1.00 17.66 ? 2887 PHE A CD2 1 
ATOM   847  C CE1 . PHE A 1 99  ? -14.780 0.426   6.023   1.00 22.08 ? 2887 PHE A CE1 1 
ATOM   848  C CE2 . PHE A 1 99  ? -16.023 1.967   7.403   1.00 18.70 ? 2887 PHE A CE2 1 
ATOM   849  C CZ  . PHE A 1 99  ? -15.988 0.979   6.441   1.00 21.77 ? 2887 PHE A CZ  1 
ATOM   850  N N   . TYR A 1 100 ? -10.201 2.841   10.394  1.00 10.26 ? 2888 TYR A N   1 
ATOM   851  C CA  . TYR A 1 100 ? -8.968  3.326   11.010  1.00 10.25 ? 2888 TYR A CA  1 
ATOM   852  C C   . TYR A 1 100 ? -8.087  2.215   11.621  1.00 11.20 ? 2888 TYR A C   1 
ATOM   853  O O   . TYR A 1 100 ? -6.914  2.160   11.381  1.00 12.46 ? 2888 TYR A O   1 
ATOM   854  C CB  . TYR A 1 100 ? -9.334  4.499   11.995  1.00 9.70  ? 2888 TYR A CB  1 
ATOM   855  C CG  . TYR A 1 100 ? -8.159  5.335   12.468  1.00 10.86 ? 2888 TYR A CG  1 
ATOM   856  C CD1 . TYR A 1 100 ? -7.223  4.857   13.416  1.00 12.93 ? 2888 TYR A CD1 1 
ATOM   857  C CD2 . TYR A 1 100 ? -8.060  6.684   12.058  1.00 12.33 ? 2888 TYR A CD2 1 
ATOM   858  C CE1 . TYR A 1 100 ? -6.213  5.648   13.921  1.00 14.71 ? 2888 TYR A CE1 1 
ATOM   859  C CE2 . TYR A 1 100 ? -7.087  7.499   12.581  1.00 12.38 ? 2888 TYR A CE2 1 
ATOM   860  C CZ  . TYR A 1 100 ? -6.157  6.991   13.457  1.00 13.11 ? 2888 TYR A CZ  1 
ATOM   861  O OH  . TYR A 1 100 ? -5.176  7.891   13.873  1.00 16.63 ? 2888 TYR A OH  1 
ATOM   862  N N   A GLN A 1 101 ? -8.722  1.316   12.388  0.38 12.68 ? 2889 GLN A N   1 
ATOM   863  N N   B GLN A 1 101 ? -8.704  1.319   12.388  0.12 10.89 ? 2889 GLN A N   1 
ATOM   864  C CA  A GLN A 1 101 ? -8.082  0.084   12.947  0.38 13.72 ? 2889 GLN A CA  1 
ATOM   865  C CA  B GLN A 1 101 ? -7.981  0.190   12.986  0.12 10.66 ? 2889 GLN A CA  1 
ATOM   866  C C   A GLN A 1 101 ? -7.374  -0.746  11.910  0.38 12.59 ? 2889 GLN A C   1 
ATOM   867  C C   B GLN A 1 101 ? -7.382  -0.757  11.938  0.12 10.84 ? 2889 GLN A C   1 
ATOM   868  O O   A GLN A 1 101 ? -6.244  -1.214  12.098  0.38 11.25 ? 2889 GLN A O   1 
ATOM   869  O O   B GLN A 1 101 ? -6.274  -1.259  12.136  0.12 10.43 ? 2889 GLN A O   1 
ATOM   870  C CB  A GLN A 1 101 ? -9.150  -0.890  13.612  0.38 16.96 ? 2889 GLN A CB  1 
ATOM   871  C CB  B GLN A 1 101 ? -8.893  -0.606  13.950  0.12 10.67 ? 2889 GLN A CB  1 
ATOM   872  C CG  A GLN A 1 101 ? -9.126  -2.417  13.181  0.38 20.08 ? 2889 GLN A CG  1 
ATOM   873  C CG  B GLN A 1 101 ? -8.443  -2.056  14.222  0.12 10.55 ? 2889 GLN A CG  1 
ATOM   874  C CD  A GLN A 1 101 ? -10.085 -3.415  13.906  0.38 20.73 ? 2889 GLN A CD  1 
ATOM   875  C CD  B GLN A 1 101 ? -9.518  -2.990  14.811  0.12 10.65 ? 2889 GLN A CD  1 
ATOM   876  O OE1 A GLN A 1 101 ? -11.282 -3.306  13.825  0.38 24.35 ? 2889 GLN A OE1 1 
ATOM   877  O OE1 B GLN A 1 101 ? -10.441 -3.495  14.113  0.12 8.85  ? 2889 GLN A OE1 1 
ATOM   878  N NE2 A GLN A 1 101 ? -9.517  -4.375  14.617  0.38 20.72 ? 2889 GLN A NE2 1 
ATOM   879  N NE2 B GLN A 1 101 ? -9.381  -3.271  16.089  0.12 10.98 ? 2889 GLN A NE2 1 
ATOM   880  N N   . CYS A 1 102 ? -8.099  -1.012  10.838  1.00 10.65 ? 2890 CYS A N   1 
ATOM   881  C CA  . CYS A 1 102 ? -7.528  -1.815  9.781   1.00 11.36 ? 2890 CYS A CA  1 
ATOM   882  C C   . CYS A 1 102 ? -6.289  -1.248  9.156   1.00 10.42 ? 2890 CYS A C   1 
ATOM   883  O O   . CYS A 1 102 ? -5.340  -1.951  8.845   1.00 10.18 ? 2890 CYS A O   1 
ATOM   884  C CB  . CYS A 1 102 ? -8.576  -2.139  8.682   1.00 12.47 ? 2890 CYS A CB  1 
ATOM   885  S SG  . CYS A 1 102 ? -9.938  -3.273  9.080   1.00 16.19 ? 2890 CYS A SG  1 
ATOM   886  N N   . ALA A 1 103 ? -6.306  0.099   8.956   1.00 9.24  ? 2891 ALA A N   1 
ATOM   887  C CA  . ALA A 1 103 ? -5.138  0.789   8.495   1.00 9.06  ? 2891 ALA A CA  1 
ATOM   888  C C   . ALA A 1 103 ? -3.863  0.608   9.443   1.00 8.78  ? 2891 ALA A C   1 
ATOM   889  O O   . ALA A 1 103 ? -2.711  0.399   8.959   1.00 10.41 ? 2891 ALA A O   1 
ATOM   890  C CB  . ALA A 1 103 ? -5.406  2.323   8.257   1.00 10.01 ? 2891 ALA A CB  1 
ATOM   891  N N   A GLU A 1 104 ? -4.126  0.743   10.762  0.25 9.95  ? 2892 GLU A N   1 
ATOM   892  N N   B GLU A 1 104 ? -4.069  0.720   10.758  0.25 8.65  ? 2892 GLU A N   1 
ATOM   893  C CA  A GLU A 1 104 ? -3.138  0.488   11.825  0.25 10.97 ? 2892 GLU A CA  1 
ATOM   894  C CA  B GLU A 1 104 ? -2.951  0.510   11.664  0.25 8.65  ? 2892 GLU A CA  1 
ATOM   895  C C   A GLU A 1 104 ? -2.496  -0.906  11.675  0.25 10.10 ? 2892 GLU A C   1 
ATOM   896  C C   B GLU A 1 104 ? -2.435  -0.943  11.599  0.25 8.72  ? 2892 GLU A C   1 
ATOM   897  O O   A GLU A 1 104 ? -1.264  -1.068  11.725  0.25 10.13 ? 2892 GLU A O   1 
ATOM   898  O O   B GLU A 1 104 ? -1.204  -1.178  11.607  0.25 8.73  ? 2892 GLU A O   1 
ATOM   899  C CB  A GLU A 1 104 ? -3.827  0.577   13.216  0.25 12.45 ? 2892 GLU A CB  1 
ATOM   900  C CB  B GLU A 1 104 ? -3.365  0.869   13.084  0.25 8.30  ? 2892 GLU A CB  1 
ATOM   901  C CG  A GLU A 1 104 ? -4.331  1.941   13.674  0.25 14.35 ? 2892 GLU A CG  1 
ATOM   902  C CG  B GLU A 1 104 ? -3.908  2.284   13.296  0.25 8.18  ? 2892 GLU A CG  1 
ATOM   903  C CD  A GLU A 1 104 ? -5.018  1.904   15.046  0.25 15.65 ? 2892 GLU A CD  1 
ATOM   904  C CD  B GLU A 1 104 ? -2.842  3.321   13.468  0.25 7.85  ? 2892 GLU A CD  1 
ATOM   905  O OE1 A GLU A 1 104 ? -5.735  0.921   15.392  0.25 18.66 ? 2892 GLU A OE1 1 
ATOM   906  O OE1 B GLU A 1 104 ? -2.792  3.896   14.611  0.25 8.25  ? 2892 GLU A OE1 1 
ATOM   907  O OE2 A GLU A 1 104 ? -4.842  2.880   15.790  0.25 19.00 ? 2892 GLU A OE2 1 
ATOM   908  O OE2 B GLU A 1 104 ? -2.127  3.541   12.494  0.25 8.21  ? 2892 GLU A OE2 1 
ATOM   909  N N   . VAL A 1 105 ? -3.345  -1.921  11.580  1.00 9.29  ? 2893 VAL A N   1 
ATOM   910  C CA  . VAL A 1 105 ? -2.863  -3.295  11.425  1.00 10.42 ? 2893 VAL A CA  1 
ATOM   911  C C   . VAL A 1 105 ? -2.082  -3.623  10.170  1.00 9.99  ? 2893 VAL A C   1 
ATOM   912  O O   . VAL A 1 105 ? -0.960  -4.149  10.152  1.00 9.38  ? 2893 VAL A O   1 
ATOM   913  C CB  . VAL A 1 105 ? -4.021  -4.338  11.611  1.00 11.50 ? 2893 VAL A CB  1 
ATOM   914  C CG1 . VAL A 1 105 ? -3.375  -5.787  11.520  1.00 12.12 ? 2893 VAL A CG1 1 
ATOM   915  C CG2 . VAL A 1 105 ? -4.794  -4.222  12.916  1.00 13.22 ? 2893 VAL A CG2 1 
ATOM   916  N N   . LEU A 1 106 ? -2.725  -3.192  9.064   1.00 8.33  ? 2894 LEU A N   1 
ATOM   917  C CA  . LEU A 1 106 ? -2.164  -3.506  7.771   1.00 8.76  ? 2894 LEU A CA  1 
ATOM   918  C C   . LEU A 1 106 ? -0.835  -2.745  7.487   1.00 7.85  ? 2894 LEU A C   1 
ATOM   919  O O   . LEU A 1 106 ? 0.081   -3.265  6.890   1.00 8.88  ? 2894 LEU A O   1 
ATOM   920  C CB  . LEU A 1 106 ? -3.179  -3.368  6.598   1.00 9.57  ? 2894 LEU A CB  1 
ATOM   921  C CG  . LEU A 1 106 ? -2.856  -4.118  5.319   1.00 10.62 ? 2894 LEU A CG  1 
ATOM   922  C CD1 . LEU A 1 106 ? -2.825  -5.626  5.515   1.00 11.69 ? 2894 LEU A CD1 1 
ATOM   923  C CD2 . LEU A 1 106 ? -3.721  -3.689  4.113   1.00 11.27 ? 2894 LEU A CD2 1 
ATOM   924  N N   . GLU A 1 107 ? -0.752  -1.488  7.983   1.00 8.26  ? 2895 GLU A N   1 
ATOM   925  C CA  . GLU A 1 107 ? 0.511   -0.777  7.831   1.00 9.42  ? 2895 GLU A CA  1 
ATOM   926  C C   . GLU A 1 107 ? 1.717   -1.438  8.585   1.00 8.08  ? 2895 GLU A C   1 
ATOM   927  O O   . GLU A 1 107 ? 2.835   -1.521  8.047   1.00 8.26  ? 2895 GLU A O   1 
ATOM   928  C CB  . GLU A 1 107 ? 0.453   0.718   8.263   1.00 9.82  ? 2895 GLU A CB  1 
ATOM   929  C CG  . GLU A 1 107 ? 1.754   1.497   7.895   1.00 11.82 ? 2895 GLU A CG  1 
ATOM   930  C CD  . GLU A 1 107 ? 1.603   3.014   7.873   1.00 14.58 ? 2895 GLU A CD  1 
ATOM   931  O OE1 . GLU A 1 107 ? 0.854   3.526   8.654   1.00 16.39 ? 2895 GLU A OE1 1 
ATOM   932  O OE2 . GLU A 1 107 ? 2.288   3.690   7.072   1.00 17.48 ? 2895 GLU A OE2 1 
ATOM   933  N N   . SER A 1 108 ? 1.372   -1.921  9.816   1.00 8.78  ? 2896 SER A N   1 
ATOM   934  C CA  . SER A 1 108 ? 2.428   -2.681  10.606  1.00 9.72  ? 2896 SER A CA  1 
ATOM   935  C C   . SER A 1 108 ? 2.901   -3.982  9.874   1.00 8.54  ? 2896 SER A C   1 
ATOM   936  O O   . SER A 1 108 ? 4.112   -4.276  9.791   1.00 9.05  ? 2896 SER A O   1 
ATOM   937  C CB  . SER A 1 108 ? 1.971   -3.082  11.986  1.00 10.39 ? 2896 SER A CB  1 
ATOM   938  O OG  . SER A 1 108 ? 1.001   -4.153  11.986  1.00 17.80 ? 2896 SER A OG  1 
ATOM   939  N N   . PHE A 1 109 ? 1.911   -4.642  9.219   1.00 8.31  ? 2897 PHE A N   1 
ATOM   940  C CA  . PHE A 1 109 ? 2.244   -5.872  8.390   1.00 8.61  ? 2897 PHE A CA  1 
ATOM   941  C C   . PHE A 1 109 ? 3.104   -5.489  7.173   1.00 7.84  ? 2897 PHE A C   1 
ATOM   942  O O   . PHE A 1 109 ? 4.095   -6.140  6.832   1.00 8.33  ? 2897 PHE A O   1 
ATOM   943  C CB  . PHE A 1 109 ? 0.923   -6.560  7.995   1.00 9.34  ? 2897 PHE A CB  1 
ATOM   944  C CG  . PHE A 1 109 ? 1.089   -7.818  7.206   1.00 9.34  ? 2897 PHE A CG  1 
ATOM   945  C CD1 . PHE A 1 109 ? 1.530   -9.006  7.813   1.00 10.29 ? 2897 PHE A CD1 1 
ATOM   946  C CD2 . PHE A 1 109 ? 0.730   -7.862  5.865   1.00 10.78 ? 2897 PHE A CD2 1 
ATOM   947  C CE1 . PHE A 1 109 ? 1.630   -10.199 7.080   1.00 10.89 ? 2897 PHE A CE1 1 
ATOM   948  C CE2 . PHE A 1 109 ? 0.814   -9.044  5.149   1.00 11.53 ? 2897 PHE A CE2 1 
ATOM   949  C CZ  . PHE A 1 109 ? 1.230   -10.189 5.758   1.00 12.07 ? 2897 PHE A CZ  1 
ATOM   950  N N   . PHE A 1 110 ? 2.642   -4.422  6.468   1.00 7.48  ? 2898 PHE A N   1 
ATOM   951  C CA  . PHE A 1 110 ? 3.453   -3.863  5.391   1.00 8.72  ? 2898 PHE A CA  1 
ATOM   952  C C   . PHE A 1 110 ? 4.958   -3.549  5.770   1.00 7.65  ? 2898 PHE A C   1 
ATOM   953  O O   . PHE A 1 110 ? 5.880   -3.975  5.073   1.00 8.82  ? 2898 PHE A O   1 
ATOM   954  C CB  . PHE A 1 110 ? 2.793   -2.623  4.766   1.00 8.67  ? 2898 PHE A CB  1 
ATOM   955  C CG  . PHE A 1 110 ? 3.609   -1.974  3.694   1.00 9.26  ? 2898 PHE A CG  1 
ATOM   956  C CD1 . PHE A 1 110 ? 3.956   -2.643  2.484   1.00 8.73  ? 2898 PHE A CD1 1 
ATOM   957  C CD2 . PHE A 1 110 ? 4.143   -0.695  3.833   1.00 9.76  ? 2898 PHE A CD2 1 
ATOM   958  C CE1 . PHE A 1 110 ? 4.718   -2.034  1.502   1.00 10.11 ? 2898 PHE A CE1 1 
ATOM   959  C CE2 . PHE A 1 110 ? 4.970   -0.120  2.843   1.00 10.73 ? 2898 PHE A CE2 1 
ATOM   960  C CZ  . PHE A 1 110 ? 5.236   -0.785  1.692   1.00 10.29 ? 2898 PHE A CZ  1 
ATOM   961  N N   . VAL A 1 111 ? 5.106   -2.859  6.919   1.00 7.83  ? 2899 VAL A N   1 
ATOM   962  C CA  . VAL A 1 111 ? 6.479   -2.591  7.342   1.00 8.60  ? 2899 VAL A CA  1 
ATOM   963  C C   . VAL A 1 111 ? 7.325   -3.887  7.564   1.00 8.19  ? 2899 VAL A C   1 
ATOM   964  O O   . VAL A 1 111 ? 8.481   -3.979  7.170   1.00 9.48  ? 2899 VAL A O   1 
ATOM   965  C CB  . VAL A 1 111 ? 6.480   -1.674  8.544   1.00 9.82  ? 2899 VAL A CB  1 
ATOM   966  C CG1 . VAL A 1 111 ? 7.851   -1.575  9.256   1.00 11.17 ? 2899 VAL A CG1 1 
ATOM   967  C CG2 . VAL A 1 111 ? 6.083   -0.298  8.068   1.00 9.89  ? 2899 VAL A CG2 1 
ATOM   968  N N   . GLN A 1 112 ? 6.693   -4.919  8.163   1.00 8.50  ? 2900 GLN A N   1 
ATOM   969  C CA  . GLN A 1 112 ? 7.407   -6.182  8.385   1.00 8.57  ? 2900 GLN A CA  1 
ATOM   970  C C   . GLN A 1 112 ? 7.827   -6.767  7.016   1.00 9.42  ? 2900 GLN A C   1 
ATOM   971  O O   . GLN A 1 112 ? 8.979   -7.227  6.827   1.00 11.43 ? 2900 GLN A O   1 
ATOM   972  C CB  . GLN A 1 112 ? 6.485   -7.183  9.055   1.00 8.28  ? 2900 GLN A CB  1 
ATOM   973  C CG  . GLN A 1 112 ? 6.245   -6.908  10.558  1.00 8.85  ? 2900 GLN A CG  1 
ATOM   974  C CD  . GLN A 1 112 ? 5.168   -7.779  11.231  1.00 9.05  ? 2900 GLN A CD  1 
ATOM   975  O OE1 . GLN A 1 112 ? 4.173   -8.204  10.590  1.00 11.08 ? 2900 GLN A OE1 1 
ATOM   976  N NE2 . GLN A 1 112 ? 5.347   -8.115  12.541  1.00 9.50  ? 2900 GLN A NE2 1 
ATOM   977  N N   . LYS A 1 113 ? 6.876   -6.761  6.042   1.00 8.62  ? 2901 LYS A N   1 
ATOM   978  C CA  . LYS A 1 113 ? 7.196   -7.373  4.715   1.00 9.59  ? 2901 LYS A CA  1 
ATOM   979  C C   . LYS A 1 113 ? 8.245   -6.565  3.898   1.00 8.31  ? 2901 LYS A C   1 
ATOM   980  O O   . LYS A 1 113 ? 9.081   -7.078  3.186   1.00 9.62  ? 2901 LYS A O   1 
ATOM   981  C CB  . LYS A 1 113 ? 5.884   -7.491  3.911   1.00 9.47  ? 2901 LYS A CB  1 
ATOM   982  C CG  . LYS A 1 113 ? 4.911   -8.555  4.427   1.00 10.40 ? 2901 LYS A CG  1 
ATOM   983  C CD  . LYS A 1 113 ? 5.340   -9.989  4.138   1.00 11.89 ? 2901 LYS A CD  1 
ATOM   984  C CE  . LYS A 1 113 ? 4.404   -11.026 4.779   1.00 13.29 ? 2901 LYS A CE  1 
ATOM   985  N NZ  . LYS A 1 113 ? 4.964   -12.426 4.454   1.00 14.69 ? 2901 LYS A NZ  1 
ATOM   986  N N   . LEU A 1 114 ? 8.115   -5.224  3.977   1.00 8.00  ? 2902 LEU A N   1 
ATOM   987  C CA  . LEU A 1 114 ? 9.046   -4.281  3.321   1.00 9.11  ? 2902 LEU A CA  1 
ATOM   988  C C   . LEU A 1 114 ? 10.512  -4.463  3.861   1.00 9.15  ? 2902 LEU A C   1 
ATOM   989  O O   . LEU A 1 114 ? 11.461  -4.483  3.106   1.00 9.83  ? 2902 LEU A O   1 
ATOM   990  C CB  . LEU A 1 114 ? 8.565   -2.834  3.513   1.00 9.81  ? 2902 LEU A CB  1 
ATOM   991  C CG  . LEU A 1 114 ? 9.501   -1.707  2.961   1.00 10.89 ? 2902 LEU A CG  1 
ATOM   992  C CD1 . LEU A 1 114 ? 9.554   -1.853  1.439   1.00 11.07 ? 2902 LEU A CD1 1 
ATOM   993  C CD2 . LEU A 1 114 ? 9.051   -0.316  3.409   1.00 12.14 ? 2902 LEU A CD2 1 
ATOM   994  N N   . LYS A 1 115 ? 10.661  -4.618  5.222   1.00 9.20  ? 2903 LYS A N   1 
ATOM   995  C CA  . LYS A 1 115 ? 11.980  -4.944  5.754   1.00 9.67  ? 2903 LYS A CA  1 
ATOM   996  C C   . LYS A 1 115 ? 12.561  -6.262  5.195   1.00 9.22  ? 2903 LYS A C   1 
ATOM   997  O O   . LYS A 1 115 ? 13.738  -6.377  4.889   1.00 10.54 ? 2903 LYS A O   1 
ATOM   998  C CB  . LYS A 1 115 ? 12.011  -4.991  7.282   1.00 10.47 ? 2903 LYS A CB  1 
ATOM   999  C CG  . LYS A 1 115 ? 11.792  -3.590  7.946   1.00 12.05 ? 2903 LYS A CG  1 
ATOM   1000 C CD  . LYS A 1 115 ? 11.639  -3.739  9.413   1.00 13.57 ? 2903 LYS A CD  1 
ATOM   1001 C CE  . LYS A 1 115 ? 11.341  -2.484  10.226  1.00 15.26 ? 2903 LYS A CE  1 
ATOM   1002 N NZ  . LYS A 1 115 ? 11.690  -2.797  11.657  1.00 18.53 ? 2903 LYS A NZ  1 
ATOM   1003 N N   . GLY A 1 116 ? 11.686  -7.247  5.076   1.00 9.21  ? 2904 GLY A N   1 
ATOM   1004 C CA  . GLY A 1 116 ? 12.052  -8.585  4.439   1.00 9.29  ? 2904 GLY A CA  1 
ATOM   1005 C C   . GLY A 1 116 ? 12.555  -8.344  2.999   1.00 10.48 ? 2904 GLY A C   1 
ATOM   1006 O O   . GLY A 1 116 ? 13.646  -8.864  2.606   1.00 11.24 ? 2904 GLY A O   1 
ATOM   1007 N N   . PHE A 1 117 ? 11.748  -7.565  2.196   1.00 9.09  ? 2905 PHE A N   1 
ATOM   1008 C CA  . PHE A 1 117 ? 12.145  -7.244  0.855   1.00 11.31 ? 2905 PHE A CA  1 
ATOM   1009 C C   . PHE A 1 117 ? 13.544  -6.550  0.722   1.00 11.01 ? 2905 PHE A C   1 
ATOM   1010 O O   . PHE A 1 117 ? 14.375  -6.957  -0.072  1.00 11.64 ? 2905 PHE A O   1 
ATOM   1011 C CB  . PHE A 1 117 ? 11.025  -6.432  0.164   1.00 11.73 ? 2905 PHE A CB  1 
ATOM   1012 C CG  . PHE A 1 117 ? 11.396  -5.961  -1.218  1.00 13.18 ? 2905 PHE A CG  1 
ATOM   1013 C CD1 . PHE A 1 117 ? 11.457  -6.829  -2.279  1.00 13.35 ? 2905 PHE A CD1 1 
ATOM   1014 C CD2 . PHE A 1 117 ? 11.793  -4.646  -1.434  1.00 12.84 ? 2905 PHE A CD2 1 
ATOM   1015 C CE1 . PHE A 1 117 ? 11.782  -6.337  -3.565  1.00 14.87 ? 2905 PHE A CE1 1 
ATOM   1016 C CE2 . PHE A 1 117 ? 12.237  -4.197  -2.689  1.00 16.01 ? 2905 PHE A CE2 1 
ATOM   1017 C CZ  . PHE A 1 117 ? 12.236  -5.081  -3.747  1.00 14.92 ? 2905 PHE A CZ  1 
ATOM   1018 N N   . LYS A 1 118 ? 13.754  -5.521  1.555   1.00 10.69 ? 2906 LYS A N   1 
ATOM   1019 C CA  . LYS A 1 118 ? 15.016  -4.739  1.511   1.00 11.96 ? 2906 LYS A CA  1 
ATOM   1020 C C   . LYS A 1 118 ? 16.181  -5.684  1.818   1.00 13.43 ? 2906 LYS A C   1 
ATOM   1021 O O   . LYS A 1 118 ? 17.229  -5.591  1.207   1.00 15.48 ? 2906 LYS A O   1 
ATOM   1022 C CB  . LYS A 1 118 ? 14.944  -3.576  2.471   1.00 12.36 ? 2906 LYS A CB  1 
ATOM   1023 C CG  . LYS A 1 118 ? 14.013  -2.417  2.021   1.00 12.44 ? 2906 LYS A CG  1 
ATOM   1024 C CD  . LYS A 1 118 ? 14.033  -1.349  3.083   1.00 14.04 ? 2906 LYS A CD  1 
ATOM   1025 C CE  . LYS A 1 118 ? 13.108  -0.172  2.689   1.00 14.50 ? 2906 LYS A CE  1 
ATOM   1026 N NZ  . LYS A 1 118 ? 13.116  0.950   3.683   1.00 16.41 ? 2906 LYS A NZ  1 
ATOM   1027 N N   . ALA A 1 119 ? 16.002  -6.547  2.806   1.00 12.87 ? 2907 ALA A N   1 
ATOM   1028 C CA  . ALA A 1 119 ? 17.097  -7.463  3.196   1.00 14.47 ? 2907 ALA A CA  1 
ATOM   1029 C C   . ALA A 1 119 ? 17.459  -8.416  2.040   1.00 17.89 ? 2907 ALA A C   1 
ATOM   1030 O O   . ALA A 1 119 ? 18.618  -8.787  1.906   1.00 18.62 ? 2907 ALA A O   1 
ATOM   1031 C CB  . ALA A 1 119 ? 16.758  -8.237  4.443   1.00 14.06 ? 2907 ALA A CB  1 
ATOM   1032 N N   . SER A 1 120 ? 16.467  -8.794  1.266   1.00 19.80 ? 2908 SER A N   1 
ATOM   1033 C CA  . SER A 1 120 ? 16.599  -9.735  0.130   1.00 21.95 ? 2908 SER A CA  1 
ATOM   1034 C C   . SER A 1 120 ? 17.258  -9.136  -1.126  1.00 20.70 ? 2908 SER A C   1 
ATOM   1035 O O   . SER A 1 120 ? 17.761  -9.905  -1.992  1.00 21.02 ? 2908 SER A O   1 
ATOM   1036 C CB  . SER A 1 120 ? 15.165  -10.249 -0.289  1.00 22.14 ? 2908 SER A CB  1 
ATOM   1037 O OG  . SER A 1 120 ? 14.423  -9.321  -1.214  1.00 25.10 ? 2908 SER A OG  1 
ATOM   1038 N N   . ARG A 1 121 ? 17.266  -7.807  -1.255  0.50 19.48 ? 2909 ARG A N   1 
ATOM   1039 C CA  . ARG A 1 121 ? 17.675  -7.170  -2.514  0.50 20.32 ? 2909 ARG A CA  1 
ATOM   1040 C C   . ARG A 1 121 ? 19.096  -7.481  -2.999  0.50 22.89 ? 2909 ARG A C   1 
ATOM   1041 O O   . ARG A 1 121 ? 19.299  -7.710  -4.198  0.50 21.64 ? 2909 ARG A O   1 
ATOM   1042 C CB  . ARG A 1 121 ? 17.572  -5.654  -2.409  0.50 19.27 ? 2909 ARG A CB  1 
ATOM   1043 C CG  . ARG A 1 121 ? 16.233  -5.049  -2.730  0.50 18.20 ? 2909 ARG A CG  1 
ATOM   1044 C CD  . ARG A 1 121 ? 16.404  -3.553  -2.926  0.50 16.93 ? 2909 ARG A CD  1 
ATOM   1045 N NE  . ARG A 1 121 ? 16.264  -3.119  -4.309  0.50 14.83 ? 2909 ARG A NE  1 
ATOM   1046 C CZ  . ARG A 1 121 ? 16.079  -1.849  -4.651  0.50 13.53 ? 2909 ARG A CZ  1 
ATOM   1047 N NH1 . ARG A 1 121 ? 16.054  -0.927  -3.703  0.50 13.63 ? 2909 ARG A NH1 1 
ATOM   1048 N NH2 . ARG A 1 121 ? 15.936  -1.483  -5.925  0.50 12.52 ? 2909 ARG A NH2 1 
ATOM   1049 N N   . SER A 1 122 ? 20.068  -7.454  -2.086  0.50 25.24 ? 2910 SER A N   1 
ATOM   1050 C CA  . SER A 1 122 ? 21.501  -7.404  -2.473  0.50 30.54 ? 2910 SER A CA  1 
ATOM   1051 C C   . SER A 1 122 ? 22.273  -8.722  -2.311  0.50 33.44 ? 2910 SER A C   1 
ATOM   1052 O O   . SER A 1 122 ? 23.361  -8.890  -2.877  0.50 32.08 ? 2910 SER A O   1 
ATOM   1053 C CB  . SER A 1 122 ? 22.227  -6.280  -1.714  0.50 31.93 ? 2910 SER A CB  1 
ATOM   1054 O OG  . SER A 1 122 ? 22.547  -6.658  -0.386  0.50 33.71 ? 2910 SER A OG  1 
ATOM   1055 N N   . HIS A 1 123 ? 21.719  -9.644  -1.530  0.50 36.48 ? 2911 HIS A N   1 
ATOM   1056 C CA  . HIS A 1 123 ? 22.309  -10.968 -1.373  0.50 39.37 ? 2911 HIS A CA  1 
ATOM   1057 C C   . HIS A 1 123 ? 21.328  -12.013 -1.881  0.50 39.73 ? 2911 HIS A C   1 
ATOM   1058 O O   . HIS A 1 123 ? 20.261  -11.668 -2.388  0.50 39.06 ? 2911 HIS A O   1 
ATOM   1059 C CB  . HIS A 1 123 ? 22.649  -11.244 0.090   0.50 41.70 ? 2911 HIS A CB  1 
ATOM   1060 C CG  . HIS A 1 123 ? 21.446  -11.401 0.966   0.50 44.32 ? 2911 HIS A CG  1 
ATOM   1061 N ND1 . HIS A 1 123 ? 20.631  -12.510 0.915   0.50 46.02 ? 2911 HIS A ND1 1 
ATOM   1062 C CD2 . HIS A 1 123 ? 20.918  -10.589 1.912   0.50 45.08 ? 2911 HIS A CD2 1 
ATOM   1063 C CE1 . HIS A 1 123 ? 19.653  -12.377 1.792   0.50 45.88 ? 2911 HIS A CE1 1 
ATOM   1064 N NE2 . HIS A 1 123 ? 19.799  -11.218 2.407   0.50 45.81 ? 2911 HIS A NE2 1 
HETATM 1065 S S   . DMS B 2 .   ? -8.468  -12.630 2.472   1.00 79.27 ? 3001 DMS A S   1 
HETATM 1066 O O   . DMS B 2 .   ? -9.537  -13.185 1.614   1.00 64.69 ? 3001 DMS A O   1 
HETATM 1067 C C1  . DMS B 2 .   ? -8.357  -10.905 2.320   1.00 65.10 ? 3001 DMS A C1  1 
HETATM 1068 C C2  . DMS B 2 .   ? -8.852  -12.955 4.112   1.00 72.36 ? 3001 DMS A C2  1 
HETATM 1069 C C   . TRS C 3 .   ? 1.845   -14.463 4.629   1.00 65.24 ? 3002 TRS A C   1 
HETATM 1070 C C1  . TRS C 3 .   ? 1.955   -15.101 3.194   1.00 65.93 ? 3002 TRS A C1  1 
HETATM 1071 C C2  . TRS C 3 .   ? 2.047   -13.030 4.441   1.00 65.21 ? 3002 TRS A C2  1 
HETATM 1072 C C3  . TRS C 3 .   ? 2.881   -15.011 5.655   1.00 70.48 ? 3002 TRS A C3  1 
HETATM 1073 N N   . TRS C 3 .   ? 0.454   -14.371 5.222   1.00 75.08 ? 3002 TRS A N   1 
HETATM 1074 O O1  . TRS C 3 .   ? 1.271   -14.464 2.072   1.00 40.27 ? 3002 TRS A O1  1 
HETATM 1075 O O2  . TRS C 3 .   ? 0.755   -12.458 4.168   1.00 70.85 ? 3002 TRS A O2  1 
HETATM 1076 O O3  . TRS C 3 .   ? 2.847   -14.572 7.043   1.00 70.07 ? 3002 TRS A O3  1 
HETATM 1077 N N1  . K3D D 4 .   ? -16.590 3.834   3.957   0.82 24.07 ? 3003 K3D A N1  1 
HETATM 1078 C C4  . K3D D 4 .   ? -14.545 5.221   3.696   0.82 22.08 ? 3003 K3D A C4  1 
HETATM 1079 C C5  . K3D D 4 .   ? -14.571 2.898   2.917   0.82 23.51 ? 3003 K3D A C5  1 
HETATM 1080 C C6  . K3D D 4 .   ? -16.025 3.281   2.730   0.82 23.41 ? 3003 K3D A C6  1 
HETATM 1081 C C7  . K3D D 4 .   ? -12.404 3.982   3.433   0.82 19.16 ? 3003 K3D A C7  1 
HETATM 1082 C C8  . K3D D 4 .   ? -11.664 2.772   2.929   0.82 17.22 ? 3003 K3D A C8  1 
HETATM 1083 N N   . K3D D 4 .   ? -18.222 2.267   4.561   0.82 30.52 ? 3003 K3D A N   1 
HETATM 1084 C C   . K3D D 4 .   ? -17.761 0.157   3.336   0.82 29.91 ? 3003 K3D A C   1 
HETATM 1085 O O   . K3D D 4 .   ? -18.365 4.321   5.276   0.82 27.64 ? 3003 K3D A O   1 
HETATM 1086 C C1  . K3D D 4 .   ? -18.514 1.456   3.377   0.82 31.09 ? 3003 K3D A C1  1 
HETATM 1087 C C2  . K3D D 4 .   ? -17.769 3.503   4.576   0.82 26.43 ? 3003 K3D A C2  1 
HETATM 1088 C C3  . K3D D 4 .   ? -15.740 4.865   4.564   0.82 23.40 ? 3003 K3D A C3  1 
HETATM 1089 N N2  . K3D D 4 .   ? -13.751 4.032   3.355   0.82 21.00 ? 3003 K3D A N2  1 
HETATM 1090 O O1  . K3D D 4 .   ? -11.771 4.913   3.921   0.82 16.24 ? 3003 K3D A O1  1 
HETATM 1091 O O   . HOH E 5 .   ? -1.589  -9.160  -7.083  1.00 23.34 ? 3101 HOH A O   1 
HETATM 1092 O O   . HOH E 5 .   ? -1.312  -12.490 4.332   1.00 16.69 ? 3102 HOH A O   1 
HETATM 1093 O O   . HOH E 5 .   ? -10.571 -2.177  -9.298  1.00 28.02 ? 3103 HOH A O   1 
HETATM 1094 O O   . HOH E 5 .   ? 15.188  5.557   6.836   1.00 37.26 ? 3104 HOH A O   1 
HETATM 1095 O O   . HOH E 5 .   ? -6.361  -6.379  -7.915  1.00 36.75 ? 3105 HOH A O   1 
HETATM 1096 O O   . HOH E 5 .   ? 16.014  1.740   4.136   1.00 24.04 ? 3106 HOH A O   1 
HETATM 1097 O O   . HOH E 5 .   ? 14.008  8.089   -5.509  1.00 61.34 ? 3107 HOH A O   1 
HETATM 1098 O O   . HOH E 5 .   ? -9.469  10.998  11.216  1.00 12.98 ? 3108 HOH A O   1 
HETATM 1099 O O   . HOH E 5 .   ? 12.880  -10.078 -5.569  1.00 31.73 ? 3109 HOH A O   1 
HETATM 1100 O O   . HOH E 5 .   ? 9.809   -9.344  -12.867 1.00 24.53 ? 3110 HOH A O   1 
HETATM 1101 O O   . HOH E 5 .   ? -7.363  15.821  0.277   1.00 25.65 ? 3111 HOH A O   1 
HETATM 1102 O O   . HOH E 5 .   ? -20.614 10.711  2.721   1.00 53.95 ? 3112 HOH A O   1 
HETATM 1103 O O   . HOH E 5 .   ? 14.868  1.477   -5.203  1.00 11.10 ? 3113 HOH A O   1 
HETATM 1104 O O   . HOH E 5 .   ? 19.226  -1.194  -9.350  1.00 30.04 ? 3114 HOH A O   1 
HETATM 1105 O O   . HOH E 5 .   ? -9.530  5.911   2.778   1.00 9.72  ? 3115 HOH A O   1 
HETATM 1106 O O   . HOH E 5 .   ? 15.879  8.444   6.235   1.00 40.19 ? 3116 HOH A O   1 
HETATM 1107 O O   . HOH E 5 .   ? 12.181  7.701   -10.667 1.00 41.98 ? 3117 HOH A O   1 
HETATM 1108 O O   . HOH E 5 .   ? 13.713  -3.973  12.726  1.00 25.79 ? 3118 HOH A O   1 
HETATM 1109 O O   . HOH E 5 .   ? -9.889  2.356   15.300  1.00 34.67 ? 3119 HOH A O   1 
HETATM 1110 O O   . HOH E 5 .   ? 20.377  6.395   -8.011  1.00 30.16 ? 3120 HOH A O   1 
HETATM 1111 O O   . HOH E 5 .   ? 15.337  4.009   -13.159 1.00 42.13 ? 3121 HOH A O   1 
HETATM 1112 O O   . HOH E 5 .   ? -15.163 5.899   21.023  1.00 44.77 ? 3122 HOH A O   1 
HETATM 1113 O O   . HOH E 5 .   ? -10.844 12.829  -5.307  1.00 14.89 ? 3123 HOH A O   1 
HETATM 1114 O O   . HOH E 5 .   ? -8.974  13.720  9.939   1.00 16.62 ? 3124 HOH A O   1 
HETATM 1115 O O   . HOH E 5 .   ? 5.573   -15.887 -6.599  1.00 27.83 ? 3125 HOH A O   1 
HETATM 1116 O O   . HOH E 5 .   ? -12.388 -12.427 5.545   1.00 52.08 ? 3126 HOH A O   1 
HETATM 1117 O O   . HOH E 5 .   ? 4.785   -13.973 -9.407  1.00 63.23 ? 3127 HOH A O   1 
HETATM 1118 O O   . HOH E 5 .   ? -16.227 6.313   8.408   1.00 26.27 ? 3128 HOH A O   1 
HETATM 1119 O O   . HOH E 5 .   ? 11.816  7.815   -7.281  1.00 85.22 ? 3129 HOH A O   1 
HETATM 1120 O O   . HOH E 5 .   ? -9.419  18.998  6.806   1.00 12.11 ? 3130 HOH A O   1 
HETATM 1121 O O   . HOH E 5 .   ? 3.757   2.755   5.011   1.00 16.13 ? 3131 HOH A O   1 
HETATM 1122 O O   . HOH E 5 .   ? 1.699   8.383   -4.032  1.00 19.00 ? 3132 HOH A O   1 
HETATM 1123 O O   . HOH E 5 .   ? -0.969  -9.963  -10.677 1.00 31.51 ? 3133 HOH A O   1 
HETATM 1124 O O   . HOH E 5 .   ? -14.903 0.330   -6.304  1.00 29.80 ? 3134 HOH A O   1 
HETATM 1125 O O   . HOH E 5 .   ? -13.759 12.950  6.847   1.00 33.36 ? 3135 HOH A O   1 
HETATM 1126 O O   . HOH E 5 .   ? -5.982  13.697  -7.904  1.00 17.67 ? 3136 HOH A O   1 
HETATM 1127 O O   . HOH E 5 .   ? 2.526   7.480   -7.689  1.00 12.10 ? 3137 HOH A O   1 
HETATM 1128 O O   . HOH E 5 .   ? 12.254  -0.370  5.906   1.00 20.66 ? 3138 HOH A O   1 
HETATM 1129 O O   . HOH E 5 .   ? -3.557  0.185   -17.760 1.00 28.98 ? 3139 HOH A O   1 
HETATM 1130 O O   . HOH E 5 .   ? 4.884   -15.469 8.616   1.00 27.31 ? 3140 HOH A O   1 
HETATM 1131 O O   . HOH E 5 .   ? 3.783   9.541   -11.258 1.00 24.54 ? 3141 HOH A O   1 
HETATM 1132 O O   . HOH E 5 .   ? -8.027  2.482   -0.187  1.00 15.09 ? 3142 HOH A O   1 
HETATM 1133 O O   . HOH E 5 .   ? 5.203   -13.147 1.591   1.00 16.14 ? 3143 HOH A O   1 
HETATM 1134 O O   . HOH E 5 .   ? -3.365  10.921  7.465   1.00 12.13 ? 3144 HOH A O   1 
HETATM 1135 O O   . HOH E 5 .   ? -7.896  6.075   -0.935  1.00 10.16 ? 3145 HOH A O   1 
HETATM 1136 O O   . HOH E 5 .   ? -7.591  -10.536 -2.070  1.00 18.43 ? 3146 HOH A O   1 
HETATM 1137 O O   . HOH E 5 .   ? -0.436  10.173  8.239   1.00 36.41 ? 3147 HOH A O   1 
HETATM 1138 O O   . HOH E 5 .   ? -4.496  9.321   -6.794  1.00 11.82 ? 3148 HOH A O   1 
HETATM 1139 O O   . HOH E 5 .   ? -8.411  4.637   -5.723  1.00 11.85 ? 3149 HOH A O   1 
HETATM 1140 O O   . HOH E 5 .   ? -10.511 1.465   -0.782  1.00 10.60 ? 3150 HOH A O   1 
HETATM 1141 O O   . HOH E 5 .   ? 9.027   -9.807  2.645   1.00 15.75 ? 3151 HOH A O   1 
HETATM 1142 O O   . HOH E 5 .   ? -1.137  -15.403 3.123   1.00 24.07 ? 3152 HOH A O   1 
HETATM 1143 O O   . HOH E 5 .   ? 18.286  -4.011  -6.961  1.00 29.78 ? 3153 HOH A O   1 
HETATM 1144 O O   . HOH E 5 .   ? -9.168  10.999  17.778  1.00 24.69 ? 3154 HOH A O   1 
HETATM 1145 O O   . HOH E 5 .   ? 19.299  -8.656  -10.846 1.00 48.65 ? 3155 HOH A O   1 
HETATM 1146 O O   . HOH E 5 .   ? -7.657  4.275   1.791   1.00 12.92 ? 3156 HOH A O   1 
HETATM 1147 O O   . HOH E 5 .   ? -6.636  -5.774  -4.813  1.00 11.71 ? 3157 HOH A O   1 
HETATM 1148 O O   . HOH E 5 .   ? 10.214  9.837   -8.033  1.00 44.84 ? 3158 HOH A O   1 
HETATM 1149 O O   . HOH E 5 .   ? 14.495  -11.275 3.749   1.00 16.95 ? 3159 HOH A O   1 
HETATM 1150 O O   . HOH E 5 .   ? 4.363   -10.818 9.597   1.00 13.70 ? 3160 HOH A O   1 
HETATM 1151 O O   . HOH E 5 .   ? 0.777   0.700   12.484  1.00 21.55 ? 3161 HOH A O   1 
HETATM 1152 O O   . HOH E 5 .   ? 8.422   6.679   0.020   1.00 14.30 ? 3162 HOH A O   1 
HETATM 1153 O O   . HOH E 5 .   ? -4.222  -14.417 5.492   1.00 47.67 ? 3163 HOH A O   1 
HETATM 1154 O O   . HOH E 5 .   ? -13.831 0.324   0.802   1.00 23.94 ? 3164 HOH A O   1 
HETATM 1155 O O   . HOH E 5 .   ? 9.665   0.599   -16.138 1.00 49.23 ? 3165 HOH A O   1 
HETATM 1156 O O   . HOH E 5 .   ? 12.664  0.285   -12.652 1.00 34.46 ? 3166 HOH A O   1 
HETATM 1157 O O   . HOH E 5 .   ? 15.675  -4.678  6.067   1.00 17.57 ? 3167 HOH A O   1 
HETATM 1158 O O   . HOH E 5 .   ? 4.882   -4.590  -18.151 1.00 14.99 ? 3168 HOH A O   1 
HETATM 1159 O O   . HOH E 5 .   ? 3.500   6.143   7.842   1.00 26.65 ? 3169 HOH A O   1 
HETATM 1160 O O   . HOH E 5 .   ? -6.728  -14.748 2.269   1.00 18.76 ? 3170 HOH A O   1 
HETATM 1161 O O   . HOH E 5 .   ? -3.207  -12.707 -2.662  1.00 12.71 ? 3171 HOH A O   1 
HETATM 1162 O O   . HOH E 5 .   ? 2.325   8.451   7.759   1.00 23.60 ? 3172 HOH A O   1 
HETATM 1163 O O   . HOH E 5 .   ? 2.405   8.952   0.259   1.00 11.97 ? 3173 HOH A O   1 
HETATM 1164 O O   . HOH E 5 .   ? 6.408   -13.022 -7.538  1.00 28.90 ? 3174 HOH A O   1 
HETATM 1165 O O   . HOH E 5 .   ? -2.311  2.950   -15.185 1.00 18.33 ? 3175 HOH A O   1 
HETATM 1166 O O   . HOH E 5 .   ? 7.291   6.268   -11.883 1.00 28.09 ? 3176 HOH A O   1 
HETATM 1167 O O   . HOH E 5 .   ? 0.564   9.724   2.112   1.00 14.54 ? 3177 HOH A O   1 
HETATM 1168 O O   . HOH E 5 .   ? 18.467  -7.337  -8.630  1.00 26.77 ? 3178 HOH A O   1 
HETATM 1169 O O   . HOH E 5 .   ? -1.825  9.032   9.210   1.00 16.96 ? 3179 HOH A O   1 
HETATM 1170 O O   . HOH E 5 .   ? -0.851  -9.542  10.982  1.00 15.69 ? 3180 HOH A O   1 
HETATM 1171 O O   . HOH E 5 .   ? 5.834   -3.242  11.855  1.00 13.95 ? 3181 HOH A O   1 
HETATM 1172 O O   . HOH E 5 .   ? -16.168 1.657   -0.447  1.00 21.67 ? 3182 HOH A O   1 
HETATM 1173 O O   . HOH E 5 .   ? -0.234  2.576   14.988  1.00 62.17 ? 3183 HOH A O   1 
HETATM 1174 O O   . HOH E 5 .   ? 17.946  -2.874  0.476   1.00 19.63 ? 3184 HOH A O   1 
HETATM 1175 O O   . HOH E 5 .   ? -17.433 10.444  -3.065  1.00 23.37 ? 3185 HOH A O   1 
HETATM 1176 O O   . HOH E 5 .   ? -5.470  3.034   -12.524 1.00 15.78 ? 3186 HOH A O   1 
HETATM 1177 O O   . HOH E 5 .   ? -10.139 10.750  15.313  1.00 21.46 ? 3187 HOH A O   1 
HETATM 1178 O O   . HOH E 5 .   ? -14.001 -0.677  -1.924  1.00 20.81 ? 3188 HOH A O   1 
HETATM 1179 O O   . HOH E 5 .   ? 4.793   7.096   -6.398  1.00 24.67 ? 3189 HOH A O   1 
HETATM 1180 O O   . HOH E 5 .   ? 11.142  2.837   2.606   1.00 20.18 ? 3190 HOH A O   1 
HETATM 1181 O O   . HOH E 5 .   ? -2.157  10.585  1.505   1.00 18.79 ? 3191 HOH A O   1 
HETATM 1182 O O   . HOH E 5 .   ? 7.006   -11.592 -14.669 1.00 37.62 ? 3192 HOH A O   1 
HETATM 1183 O O   . HOH E 5 .   ? 23.810  -11.483 -4.207  1.00 27.64 ? 3193 HOH A O   1 
HETATM 1184 O O   . HOH E 5 .   ? 16.479  -0.810  -0.783  1.00 21.89 ? 3194 HOH A O   1 
HETATM 1185 O O   . HOH E 5 .   ? 8.866   9.288   -1.039  1.00 31.48 ? 3195 HOH A O   1 
HETATM 1186 O O   . HOH E 5 .   ? -2.721  4.035   -12.634 1.00 16.18 ? 3196 HOH A O   1 
HETATM 1187 O O   . HOH E 5 .   ? -4.429  -12.191 8.046   1.00 24.05 ? 3197 HOH A O   1 
HETATM 1188 O O   . HOH E 5 .   ? 5.005   1.964   -17.149 1.00 21.76 ? 3198 HOH A O   1 
HETATM 1189 O O   . HOH E 5 .   ? 22.551  4.721   3.498   1.00 80.46 ? 3199 HOH A O   1 
HETATM 1190 O O   . HOH E 5 .   ? 0.117   8.464   -7.682  1.00 56.31 ? 3200 HOH A O   1 
HETATM 1191 O O   . HOH E 5 .   ? -12.200 -2.873  -1.179  1.00 17.94 ? 3201 HOH A O   1 
HETATM 1192 O O   . HOH E 5 .   ? 11.915  -4.005  -14.461 1.00 54.36 ? 3202 HOH A O   1 
HETATM 1193 O O   . HOH E 5 .   ? 10.363  0.241   -14.164 1.00 24.78 ? 3203 HOH A O   1 
HETATM 1194 O O   . HOH E 5 .   ? 2.232   -12.757 9.380   1.00 24.74 ? 3204 HOH A O   1 
HETATM 1195 O O   . HOH E 5 .   ? 11.743  -10.598 -1.822  1.00 22.69 ? 3205 HOH A O   1 
HETATM 1196 O O   . HOH E 5 .   ? -9.899  4.544   -3.275  1.00 12.34 ? 3206 HOH A O   1 
HETATM 1197 O O   . HOH E 5 .   ? 17.064  -8.698  -12.262 1.00 24.25 ? 3207 HOH A O   1 
HETATM 1198 O O   . HOH E 5 .   ? -17.801 4.471   18.508  1.00 67.02 ? 3208 HOH A O   1 
HETATM 1199 O O   . HOH E 5 .   ? 10.030  -12.826 -4.052  1.00 34.31 ? 3209 HOH A O   1 
HETATM 1200 O O   . HOH E 5 .   ? 9.618   5.758   4.155   1.00 33.70 ? 3210 HOH A O   1 
HETATM 1201 O O   . HOH E 5 .   ? -14.872 4.509   -7.514  1.00 22.84 ? 3211 HOH A O   1 
HETATM 1202 O O   . HOH E 5 .   ? 1.287   -8.828  -7.385  1.00 23.37 ? 3212 HOH A O   1 
HETATM 1203 O O   . HOH E 5 .   ? -8.618  -0.188  -9.107  1.00 21.85 ? 3213 HOH A O   1 
HETATM 1204 O O   . HOH E 5 .   ? 9.393   -6.065  -18.224 1.00 52.67 ? 3214 HOH A O   1 
HETATM 1205 O O   . HOH E 5 .   ? -16.727 5.620   14.287  1.00 43.98 ? 3215 HOH A O   1 
HETATM 1206 O O   . HOH E 5 .   ? -11.083 14.839  6.849   1.00 28.24 ? 3216 HOH A O   1 
HETATM 1207 O O   . HOH E 5 .   ? 16.362  10.064  2.028   1.00 38.21 ? 3217 HOH A O   1 
HETATM 1208 O O   . HOH E 5 .   ? -11.404 12.890  10.633  1.00 25.33 ? 3218 HOH A O   1 
HETATM 1209 O O   . HOH E 5 .   ? 14.997  -8.522  -5.046  1.00 29.40 ? 3219 HOH A O   1 
HETATM 1210 O O   . HOH E 5 .   ? 12.379  -12.211 0.878   1.00 26.87 ? 3220 HOH A O   1 
HETATM 1211 O O   . HOH E 5 .   ? 6.690   5.703   4.418   1.00 24.23 ? 3221 HOH A O   1 
HETATM 1212 O O   . HOH E 5 .   ? 22.469  1.362   -2.467  1.00 54.19 ? 3222 HOH A O   1 
HETATM 1213 O O   . HOH E 5 .   ? -1.715  8.572   -7.902  1.00 2.56  ? 3223 HOH A O   1 
HETATM 1214 O O   . HOH E 5 .   ? -1.856  -12.558 6.970   1.00 15.81 ? 3224 HOH A O   1 
HETATM 1215 O O   . HOH E 5 .   ? 16.223  -1.305  -14.444 1.00 43.18 ? 3225 HOH A O   1 
HETATM 1216 O O   . HOH E 5 .   ? 8.806   8.648   -4.329  1.00 36.37 ? 3226 HOH A O   1 
HETATM 1217 O O   . HOH E 5 .   ? 9.591   -10.141 -0.891  1.00 38.41 ? 3227 HOH A O   1 
HETATM 1218 O O   . HOH E 5 .   ? 6.260   7.106   1.871   1.00 15.84 ? 3228 HOH A O   1 
HETATM 1219 O O   . HOH E 5 .   ? -13.012 9.608   17.474  1.00 36.24 ? 3229 HOH A O   1 
HETATM 1220 O O   . HOH E 5 .   ? 18.139  -4.349  4.840   1.00 24.74 ? 3230 HOH A O   1 
HETATM 1221 O O   . HOH E 5 .   ? -15.461 -4.631  1.047   1.00 30.13 ? 3231 HOH A O   1 
HETATM 1222 O O   . HOH E 5 .   ? 3.487   0.858   10.982  1.00 21.27 ? 3232 HOH A O   1 
HETATM 1223 O O   . HOH E 5 .   ? 12.250  -18.016 -4.031  1.00 23.35 ? 3233 HOH A O   1 
HETATM 1224 O O   . HOH E 5 .   ? -5.971  -12.778 -2.252  1.00 17.32 ? 3234 HOH A O   1 
HETATM 1225 O O   . HOH E 5 .   ? -0.653  -11.997 9.641   1.00 20.19 ? 3235 HOH A O   1 
HETATM 1226 O O   . HOH E 5 .   ? 6.937   -10.752 0.737   1.00 30.90 ? 3236 HOH A O   1 
HETATM 1227 O O   . HOH E 5 .   ? 19.340  -1.240  -11.824 1.00 72.35 ? 3237 HOH A O   1 
HETATM 1228 O O   . HOH E 5 .   ? 11.678  11.303  1.573   1.00 51.58 ? 3238 HOH A O   1 
HETATM 1229 O O   . HOH E 5 .   ? 2.388   10.350  -1.950  1.00 28.06 ? 3239 HOH A O   1 
HETATM 1230 O O   . HOH E 5 .   ? -12.308 -13.486 7.605   1.00 39.97 ? 3240 HOH A O   1 
HETATM 1231 O O   . HOH E 5 .   ? -14.527 -6.039  -8.282  1.00 43.23 ? 3241 HOH A O   1 
HETATM 1232 O O   . HOH E 5 .   ? -13.871 -13.583 4.033   1.00 51.01 ? 3242 HOH A O   1 
HETATM 1233 O O   . HOH E 5 .   ? 6.595   2.887   5.555   1.00 29.96 ? 3243 HOH A O   1 
HETATM 1234 O O   . HOH E 5 .   ? -13.280 -5.253  -2.449  1.00 28.37 ? 3244 HOH A O   1 
HETATM 1235 O O   . HOH E 5 .   ? -12.460 -7.414  -3.844  1.00 31.49 ? 3245 HOH A O   1 
HETATM 1236 O O   . HOH E 5 .   ? 14.276  2.266   -14.177 1.00 35.65 ? 3246 HOH A O   1 
HETATM 1237 O O   . HOH E 5 .   ? 10.708  -1.834  -15.808 1.00 43.34 ? 3247 HOH A O   1 
HETATM 1238 O O   . HOH E 5 .   ? -1.905  12.622  -0.532  1.00 25.59 ? 3248 HOH A O   1 
HETATM 1239 O O   . HOH E 5 .   ? 14.843  -1.852  6.621   1.00 36.33 ? 3249 HOH A O   1 
HETATM 1240 O O   . HOH E 5 .   ? 0.311   2.020   -14.851 1.00 12.71 ? 3250 HOH A O   1 
HETATM 1241 O O   . HOH E 5 .   ? -15.421 -1.350  2.629   1.00 23.01 ? 3251 HOH A O   1 
HETATM 1242 O O   . HOH E 5 .   ? 4.909   9.347   1.401   1.00 20.17 ? 3252 HOH A O   1 
HETATM 1243 O O   . HOH E 5 .   ? 20.139  -15.582 -7.449  1.00 45.01 ? 3253 HOH A O   1 
HETATM 1244 O O   . HOH E 5 .   ? 8.868   1.367   6.883   1.00 32.67 ? 3254 HOH A O   1 
# 
